data_3W81
#
_entry.id   3W81
#
_cell.length_a   259.225
_cell.length_b   259.225
_cell.length_c   71.835
_cell.angle_alpha   90.00
_cell.angle_beta   90.00
_cell.angle_gamma   120.00
#
_symmetry.space_group_name_H-M   'H 3'
#
loop_
_entity.id
_entity.type
_entity.pdbx_description
1 polymer Alpha-L-iduronidase
2 branched alpha-D-mannopyranose-(1-2)-alpha-D-mannopyranose-(1-3)-[alpha-D-mannopyranose-(1-2)-alpha-D-mannopyranose-(1-6)]alpha-D-mannopyranose-(1-6)-[alpha-D-mannopyranose-(1-2)-alpha-D-mannopyranose-(1-3)]beta-D-mannopyranose-(1-4)-2-acetamido-2-deoxy-beta-D-glucopyranose-(1-4)-2-acetamido-2-deoxy-beta-D-glucopyranose
3 branched 2-acetamido-2-deoxy-beta-D-glucopyranose-(1-4)-2-acetamido-2-deoxy-beta-D-glucopyranose
4 branched alpha-D-mannopyranose-(1-2)-alpha-D-mannopyranose-(1-6)-[alpha-D-mannopyranose-(1-3)]alpha-D-mannopyranose-(1-6)-[alpha-D-mannopyranose-(1-2)-alpha-D-mannopyranose-(1-3)]beta-D-mannopyranose-(1-4)-2-acetamido-2-deoxy-beta-D-glucopyranose-(1-4)-2-acetamido-2-deoxy-beta-D-glucopyranose
5 branched beta-D-galactopyranose-(1-4)-2-acetamido-2-deoxy-beta-D-glucopyranose-(1-2)-alpha-D-mannopyranose-(1-6)-beta-D-mannopyranose-(1-4)-2-acetamido-2-deoxy-beta-D-glucopyranose-(1-4)-[alpha-L-fucopyranose-(1-6)]2-acetamido-2-deoxy-beta-D-glucopyranose
6 non-polymer 2-acetamido-2-deoxy-beta-D-glucopyranose
7 non-polymer 'L(+)-TARTARIC ACID'
8 non-polymer GLYCEROL
9 non-polymer 'PHOSPHATE ION'
10 non-polymer 'CHLORIDE ION'
11 non-polymer 'PHOSPHITE ION'
12 water water
#
_entity_poly.entity_id   1
_entity_poly.type   'polypeptide(L)'
_entity_poly.pdbx_seq_one_letter_code
;EAPHLVHVDAARALWPLRRFWRSTGFCPPLPHSQADQYVLSWDQQLNLAYVGAVPHRGIKQVRTHWLLELVTTRGSTGRG
LSYNFTHLDGYLDLLRENQLLPGFELMGSASGHFTDFEDKQQVFEWKDLVSSLARRYIGRYGLAHVSKWNFETWNEPDHH
DFDNVSMTMQGFLNYYDACSEGLRAASPALRLGGPGDSFHTPPRSPLSWGLLRHCHDGTNFFTGEAGVRLDYISLHRKGA
RSSISILEQEKVVAQQIRQLFPKFADTPIYNDEADPLVGWSLPQPWRADVTYAAMVVKVIAQHQNLLLANTTSAFPYALL
SNDNAFLSYHPHPFAQRTLTARFQVNNTRPPHVQLLRKPVLTAMGLLALLDEEQLWAEVSQAGTVLDSNHTVGVLASAHR
PQGPADAWRAAVLIYASDDTRAHPNRSVAVTLRLRGVPPGPGLVYVTRYLDNGLCSPDGEWRRLGRPVFPTAEQFRRMRA
AEDPVAAAPRPLPAGGRLTLRPALRLPSLLLVHVCARPEKPPGQVTRLRALPLTQGQLVLVWSDEHVGSKCLWTYEIQFS
QDGKAYTPVSRKPSTFNLFVFSPDTGAVSGSYRVRALDYWARPGPFSDPVPYLEVPVPRGPPSPGNP
;
_entity_poly.pdbx_strand_id   A,B
#
loop_
_chem_comp.id
_chem_comp.type
_chem_comp.name
_chem_comp.formula
BMA D-saccharide, beta linking beta-D-mannopyranose 'C6 H12 O6'
CL non-polymer 'CHLORIDE ION' 'Cl -1'
FUC L-saccharide, alpha linking alpha-L-fucopyranose 'C6 H12 O5'
GAL D-saccharide, beta linking beta-D-galactopyranose 'C6 H12 O6'
GOL non-polymer GLYCEROL 'C3 H8 O3'
MAN D-saccharide, alpha linking alpha-D-mannopyranose 'C6 H12 O6'
NAG D-saccharide, beta linking 2-acetamido-2-deoxy-beta-D-glucopyranose 'C8 H15 N O6'
PO3 non-polymer 'PHOSPHITE ION' 'O3 P -3'
PO4 non-polymer 'PHOSPHATE ION' 'O4 P -3'
TLA non-polymer 'L(+)-TARTARIC ACID' 'C4 H6 O6'
#
# COMPACT_ATOMS: atom_id res chain seq x y z
N GLU A 1 36.39 -18.29 31.06
CA GLU A 1 37.12 -17.56 29.98
C GLU A 1 37.86 -16.36 30.54
N ALA A 2 39.15 -16.26 30.19
CA ALA A 2 39.96 -15.10 30.59
C ALA A 2 39.32 -13.76 30.20
N PRO A 3 39.53 -12.72 31.02
CA PRO A 3 39.03 -11.41 30.65
C PRO A 3 39.74 -10.84 29.41
N HIS A 4 39.07 -9.94 28.68
CA HIS A 4 39.70 -9.22 27.58
C HIS A 4 40.37 -8.02 28.21
N LEU A 5 41.65 -7.81 27.97
CA LEU A 5 42.34 -6.66 28.51
C LEU A 5 42.43 -5.64 27.42
N VAL A 6 42.14 -4.39 27.78
CA VAL A 6 42.26 -3.29 26.83
C VAL A 6 43.17 -2.25 27.42
N HIS A 7 44.30 -2.05 26.78
CA HIS A 7 45.33 -1.12 27.26
C HIS A 7 45.32 0.08 26.36
N VAL A 8 45.27 1.27 26.94
CA VAL A 8 45.29 2.47 26.13
C VAL A 8 46.39 3.34 26.68
N ASP A 9 47.18 3.92 25.78
CA ASP A 9 48.30 4.77 26.18
C ASP A 9 48.09 6.20 25.73
N ALA A 10 47.64 7.05 26.65
CA ALA A 10 47.36 8.47 26.35
C ALA A 10 48.60 9.32 26.14
N ALA A 11 49.78 8.75 26.32
CA ALA A 11 51.02 9.47 26.06
C ALA A 11 51.50 9.26 24.60
N ARG A 12 50.89 8.32 23.89
CA ARG A 12 51.24 8.04 22.50
C ARG A 12 50.14 8.43 21.51
N ALA A 13 50.07 9.71 21.15
CA ALA A 13 49.22 10.12 20.04
C ALA A 13 49.97 9.75 18.78
N LEU A 14 49.40 8.91 17.93
CA LEU A 14 50.16 8.25 16.87
C LEU A 14 50.13 8.94 15.51
N TRP A 15 48.94 9.33 15.10
CA TRP A 15 48.68 9.95 13.81
C TRP A 15 47.25 10.48 13.90
N PRO A 16 46.86 11.34 12.95
CA PRO A 16 45.51 11.85 12.98
C PRO A 16 44.44 10.75 12.90
N LEU A 17 43.27 11.07 13.41
CA LEU A 17 42.11 10.20 13.29
C LEU A 17 41.05 11.00 12.54
N ARG A 18 40.83 10.65 11.29
CA ARG A 18 39.83 11.33 10.50
C ARG A 18 38.43 10.79 10.75
N ARG A 19 37.46 11.67 10.80
CA ARG A 19 36.10 11.21 10.97
C ARG A 19 35.50 10.93 9.59
N PHE A 20 35.92 9.79 9.05
CA PHE A 20 35.64 9.48 7.65
C PHE A 20 34.29 8.80 7.46
N TRP A 21 33.58 8.51 8.54
CA TRP A 21 32.31 7.80 8.47
C TRP A 21 31.06 8.69 8.61
N ARG A 22 31.18 10.00 8.43
CA ARG A 22 30.05 10.92 8.78
C ARG A 22 29.06 11.13 7.64
N SER A 23 28.54 10.01 7.15
CA SER A 23 27.68 9.98 5.97
C SER A 23 26.50 9.04 6.18
N THR A 24 25.37 9.35 5.55
CA THR A 24 24.25 8.44 5.41
C THR A 24 23.62 8.63 4.00
N GLY A 25 22.50 7.98 3.73
CA GLY A 25 21.94 8.05 2.40
C GLY A 25 20.63 7.29 2.29
N PHE A 26 19.86 7.58 1.23
CA PHE A 26 18.58 6.91 1.05
C PHE A 26 18.17 7.08 -0.38
N CYS A 27 17.12 6.36 -0.77
CA CYS A 27 16.58 6.41 -2.10
C CYS A 27 15.09 6.65 -2.00
N PRO A 28 14.57 7.63 -2.72
CA PRO A 28 13.11 7.78 -2.65
C PRO A 28 12.44 6.60 -3.36
N PRO A 29 11.18 6.32 -3.02
CA PRO A 29 10.56 5.13 -3.60
C PRO A 29 9.91 5.45 -4.94
N LEU A 30 9.20 4.50 -5.54
CA LEU A 30 8.43 4.76 -6.78
C LEU A 30 7.11 5.52 -6.52
N PRO A 31 6.66 6.29 -7.52
CA PRO A 31 7.39 6.61 -8.74
C PRO A 31 8.43 7.70 -8.48
N HIS A 32 9.59 7.57 -9.11
CA HIS A 32 10.66 8.52 -8.89
C HIS A 32 10.31 9.96 -9.25
N SER A 33 9.35 10.17 -10.14
CA SER A 33 9.05 11.53 -10.53
C SER A 33 8.33 12.24 -9.39
N GLN A 34 7.91 11.47 -8.37
CA GLN A 34 7.20 12.03 -7.21
C GLN A 34 8.09 12.09 -5.98
N ALA A 35 9.40 12.13 -6.20
CA ALA A 35 10.39 12.13 -5.11
C ALA A 35 10.17 13.32 -4.19
N ASP A 36 9.72 14.43 -4.79
CA ASP A 36 9.40 15.65 -4.04
C ASP A 36 8.47 15.37 -2.86
N GLN A 37 7.47 14.51 -3.06
CA GLN A 37 6.54 14.18 -1.97
C GLN A 37 7.16 13.36 -0.86
N TYR A 38 8.15 12.54 -1.18
CA TYR A 38 8.81 11.77 -0.15
C TYR A 38 9.87 12.62 0.55
N VAL A 39 10.54 13.44 -0.22
CA VAL A 39 11.68 14.17 0.23
C VAL A 39 11.31 15.47 0.97
N LEU A 40 10.13 16.04 0.69
CA LEU A 40 9.70 17.25 1.43
C LEU A 40 8.56 17.00 2.42
N SER A 41 8.18 15.74 2.63
CA SER A 41 7.13 15.46 3.58
C SER A 41 7.61 15.79 4.98
N TRP A 42 6.62 15.93 5.86
CA TRP A 42 6.86 16.08 7.29
C TRP A 42 7.71 14.95 7.84
N ASP A 43 7.47 13.73 7.38
CA ASP A 43 8.29 12.57 7.78
C ASP A 43 9.77 12.84 7.57
N GLN A 44 10.10 13.33 6.37
CA GLN A 44 11.48 13.55 6.02
C GLN A 44 12.01 14.76 6.79
N GLN A 45 11.19 15.80 6.96
CA GLN A 45 11.63 16.93 7.78
C GLN A 45 12.01 16.47 9.19
N LEU A 46 11.19 15.60 9.78
CA LEU A 46 11.48 15.07 11.08
C LEU A 46 12.71 14.20 11.01
N ASN A 47 12.79 13.39 9.95
CA ASN A 47 13.86 12.38 9.85
C ASN A 47 15.21 13.06 9.74
N LEU A 48 15.29 14.11 8.97
CA LEU A 48 16.54 14.87 8.81
C LEU A 48 16.87 15.70 10.07
N ALA A 49 15.85 16.13 10.80
CA ALA A 49 16.11 16.78 12.09
C ALA A 49 16.88 15.84 13.02
N TYR A 50 16.42 14.59 13.13
CA TYR A 50 17.15 13.53 13.83
C TYR A 50 18.55 13.24 13.29
N VAL A 51 18.74 13.21 11.96
CA VAL A 51 20.09 12.95 11.42
C VAL A 51 21.03 14.13 11.82
N GLY A 52 20.51 15.35 11.71
CA GLY A 52 21.31 16.54 11.99
C GLY A 52 21.61 16.75 13.47
N ALA A 53 20.86 16.06 14.35
CA ALA A 53 20.92 16.33 15.77
C ALA A 53 22.02 15.52 16.41
N VAL A 54 22.62 14.60 15.67
CA VAL A 54 23.73 13.85 16.24
C VAL A 54 24.80 14.87 16.57
N PRO A 55 25.33 14.84 17.80
CA PRO A 55 26.19 15.97 18.21
C PRO A 55 27.52 16.06 17.45
N HIS A 56 28.11 17.26 17.50
CA HIS A 56 29.41 17.54 16.94
C HIS A 56 29.54 17.18 15.46
N ARG A 57 28.50 17.48 14.68
CA ARG A 57 28.52 17.19 13.23
C ARG A 57 28.83 15.73 12.96
N GLY A 58 28.29 14.86 13.82
CA GLY A 58 28.56 13.43 13.75
C GLY A 58 28.06 12.81 12.45
N ILE A 59 27.03 13.40 11.86
CA ILE A 59 26.65 13.07 10.50
C ILE A 59 26.61 14.32 9.60
N LYS A 60 27.37 14.31 8.51
CA LYS A 60 27.56 15.47 7.66
C LYS A 60 26.79 15.38 6.32
N GLN A 61 26.92 14.24 5.65
CA GLN A 61 26.43 14.06 4.29
C GLN A 61 25.19 13.13 4.21
N VAL A 62 24.26 13.46 3.32
CA VAL A 62 23.11 12.64 3.06
C VAL A 62 23.03 12.37 1.55
N ARG A 63 23.55 11.20 1.14
CA ARG A 63 23.66 10.81 -0.25
C ARG A 63 22.26 10.43 -0.75
N THR A 64 21.71 11.24 -1.62
CA THR A 64 20.29 11.14 -1.98
C THR A 64 20.09 10.85 -3.47
N HIS A 65 19.46 9.72 -3.80
CA HIS A 65 19.15 9.35 -5.19
C HIS A 65 18.07 10.20 -5.79
N TRP A 66 18.07 10.29 -7.12
CA TRP A 66 16.99 10.91 -7.89
C TRP A 66 16.81 12.40 -7.63
N LEU A 67 17.88 13.10 -7.23
CA LEU A 67 17.80 14.56 -7.01
C LEU A 67 17.27 15.31 -8.24
N LEU A 68 17.59 14.81 -9.44
CA LEU A 68 17.20 15.53 -10.64
C LEU A 68 15.80 15.18 -11.14
N GLU A 69 15.08 14.38 -10.38
CA GLU A 69 13.66 14.22 -10.58
C GLU A 69 12.96 15.34 -9.83
N LEU A 70 13.69 16.05 -8.98
CA LEU A 70 13.14 17.23 -8.27
C LEU A 70 13.12 18.49 -9.13
N VAL A 71 13.72 18.40 -10.30
CA VAL A 71 13.74 19.50 -11.24
C VAL A 71 12.72 19.16 -12.34
N THR A 72 11.87 20.15 -12.69
CA THR A 72 10.94 20.02 -13.81
C THR A 72 11.33 20.96 -14.97
N THR A 73 10.66 20.80 -16.10
CA THR A 73 10.97 21.57 -17.31
C THR A 73 9.73 22.20 -17.89
N ARG A 74 9.96 23.24 -18.67
CA ARG A 74 8.93 23.92 -19.44
C ARG A 74 9.55 24.06 -20.84
N GLY A 75 8.72 24.11 -21.87
CA GLY A 75 9.20 24.20 -23.24
C GLY A 75 9.73 22.86 -23.67
N SER A 76 10.74 22.87 -24.54
CA SER A 76 11.29 21.66 -25.14
C SER A 76 12.63 21.99 -25.81
N THR A 77 13.41 20.96 -26.15
CA THR A 77 14.68 21.13 -26.91
C THR A 77 14.54 22.17 -28.06
N GLY A 78 13.44 22.07 -28.81
CA GLY A 78 13.21 22.94 -29.96
C GLY A 78 12.77 24.38 -29.73
N ARG A 79 11.73 24.57 -28.91
CA ARG A 79 11.10 25.89 -28.73
C ARG A 79 11.69 26.71 -27.57
N GLY A 80 12.71 26.16 -26.90
CA GLY A 80 13.29 26.78 -25.71
C GLY A 80 12.96 25.99 -24.44
N LEU A 81 13.99 25.67 -23.67
CA LEU A 81 13.90 24.76 -22.53
C LEU A 81 14.20 25.47 -21.22
N SER A 82 13.30 25.34 -20.26
CA SER A 82 13.45 25.99 -18.99
C SER A 82 13.38 25.01 -17.83
N TYR A 83 14.15 25.26 -16.79
CA TYR A 83 14.08 24.44 -15.59
C TYR A 83 13.39 25.14 -14.43
N ASN A 84 12.59 24.37 -13.71
CA ASN A 84 11.97 24.82 -12.51
C ASN A 84 12.65 24.11 -11.34
N PHE A 85 13.39 24.85 -10.54
CA PHE A 85 14.21 24.23 -9.47
C PHE A 85 13.53 24.17 -8.09
N THR A 86 12.30 24.67 -8.00
CA THR A 86 11.56 24.78 -6.71
C THR A 86 11.69 23.58 -5.74
N HIS A 87 11.34 22.37 -6.16
CA HIS A 87 11.45 21.21 -5.27
C HIS A 87 12.89 20.86 -4.86
N LEU A 88 13.84 21.01 -5.78
CA LEU A 88 15.25 20.85 -5.43
C LEU A 88 15.69 21.90 -4.40
N ASP A 89 15.32 23.17 -4.61
CA ASP A 89 15.56 24.21 -3.59
C ASP A 89 15.00 23.77 -2.22
N GLY A 90 13.74 23.33 -2.20
CA GLY A 90 13.11 22.86 -0.95
C GLY A 90 13.99 21.86 -0.22
N TYR A 91 14.39 20.82 -0.93
CA TYR A 91 15.14 19.74 -0.29
C TYR A 91 16.52 20.20 0.18
N LEU A 92 17.21 20.95 -0.68
CA LEU A 92 18.54 21.44 -0.33
C LEU A 92 18.48 22.42 0.82
N ASP A 93 17.47 23.29 0.85
CA ASP A 93 17.28 24.16 2.03
C ASP A 93 17.05 23.32 3.29
N LEU A 94 16.34 22.21 3.14
CA LEU A 94 16.05 21.36 4.31
C LEU A 94 17.34 20.74 4.85
N LEU A 95 18.20 20.28 3.96
CA LEU A 95 19.50 19.80 4.42
C LEU A 95 20.26 20.92 5.14
N ARG A 96 20.30 22.09 4.50
CA ARG A 96 21.08 23.18 5.03
C ARG A 96 20.52 23.54 6.40
N GLU A 97 19.19 23.51 6.55
CA GLU A 97 18.59 23.89 7.82
C GLU A 97 19.07 22.95 8.93
N ASN A 98 19.46 21.74 8.56
CA ASN A 98 19.88 20.80 9.57
C ASN A 98 21.40 20.61 9.54
N GLN A 99 22.10 21.56 8.91
CA GLN A 99 23.56 21.54 8.80
C GLN A 99 24.07 20.23 8.14
N LEU A 100 23.35 19.75 7.13
CA LEU A 100 23.74 18.57 6.38
C LEU A 100 24.08 19.00 4.97
N LEU A 101 24.91 18.20 4.28
CA LEU A 101 25.32 18.46 2.91
C LEU A 101 24.73 17.37 2.01
N PRO A 102 24.40 17.69 0.76
CA PRO A 102 23.92 16.55 -0.03
C PRO A 102 25.10 15.72 -0.53
N GLY A 103 24.91 14.42 -0.64
CA GLY A 103 25.81 13.63 -1.49
C GLY A 103 25.11 13.80 -2.83
N PHE A 104 25.64 14.69 -3.68
CA PHE A 104 24.83 15.17 -4.81
C PHE A 104 25.00 14.31 -6.06
N GLU A 105 24.25 13.22 -6.10
CA GLU A 105 24.30 12.37 -7.27
C GLU A 105 23.56 13.10 -8.38
N LEU A 106 24.22 13.23 -9.54
CA LEU A 106 23.63 13.89 -10.70
C LEU A 106 22.77 12.90 -11.46
N MET A 107 21.61 12.62 -10.86
CA MET A 107 20.77 11.46 -11.13
C MET A 107 19.27 11.82 -11.33
N GLY A 108 18.77 11.59 -12.54
CA GLY A 108 17.34 11.76 -12.82
C GLY A 108 17.20 12.39 -14.17
N SER A 109 15.97 12.65 -14.59
CA SER A 109 15.67 12.99 -15.98
C SER A 109 15.05 14.36 -16.17
N ALA A 110 15.05 15.19 -15.11
CA ALA A 110 14.28 16.45 -15.13
C ALA A 110 12.88 16.22 -15.74
N SER A 111 12.03 15.56 -14.97
CA SER A 111 10.67 15.19 -15.35
C SER A 111 10.56 14.57 -16.75
N GLY A 112 11.50 13.68 -17.09
CA GLY A 112 11.40 12.94 -18.31
C GLY A 112 11.89 13.65 -19.58
N HIS A 113 12.55 14.80 -19.45
CA HIS A 113 13.21 15.43 -20.60
C HIS A 113 14.42 14.65 -21.14
N PHE A 114 15.25 14.09 -20.27
CA PHE A 114 16.45 13.39 -20.75
C PHE A 114 16.16 11.90 -20.90
N THR A 115 16.42 11.39 -22.11
CA THR A 115 15.99 10.05 -22.52
C THR A 115 17.17 9.28 -23.11
N ASP A 116 18.21 9.98 -23.56
CA ASP A 116 19.24 9.34 -24.36
C ASP A 116 20.61 10.01 -24.30
N PHE A 117 21.55 9.40 -23.59
CA PHE A 117 22.87 9.98 -23.46
C PHE A 117 23.84 9.80 -24.63
N GLU A 118 23.31 9.32 -25.76
CA GLU A 118 24.10 9.31 -26.99
C GLU A 118 23.54 10.33 -27.96
N ASP A 119 22.38 10.93 -27.64
CA ASP A 119 21.85 12.03 -28.41
C ASP A 119 22.70 13.26 -28.09
N LYS A 120 23.32 13.82 -29.11
CA LYS A 120 24.30 14.88 -28.94
C LYS A 120 23.69 16.15 -28.34
N GLN A 121 22.48 16.50 -28.76
CA GLN A 121 21.78 17.65 -28.23
C GLN A 121 21.54 17.45 -26.74
N GLN A 122 21.10 16.26 -26.35
CA GLN A 122 20.82 15.95 -24.95
C GLN A 122 22.08 16.07 -24.09
N VAL A 123 23.24 15.61 -24.61
CA VAL A 123 24.47 15.71 -23.86
C VAL A 123 24.87 17.17 -23.61
N PHE A 124 24.66 18.03 -24.61
CA PHE A 124 24.98 19.45 -24.50
C PHE A 124 24.06 20.16 -23.51
N GLU A 125 22.78 19.80 -23.53
CA GLU A 125 21.78 20.30 -22.58
C GLU A 125 22.14 19.89 -21.13
N TRP A 126 22.48 18.62 -20.94
CA TRP A 126 22.92 18.11 -19.63
C TRP A 126 24.03 18.95 -19.06
N LYS A 127 25.07 19.21 -19.85
CA LYS A 127 26.16 20.05 -19.40
C LYS A 127 25.60 21.39 -18.89
N ASP A 128 24.70 22.01 -19.64
CA ASP A 128 24.22 23.33 -19.22
C ASP A 128 23.31 23.26 -17.96
N LEU A 129 22.46 22.25 -17.89
CA LEU A 129 21.69 21.99 -16.69
C LEU A 129 22.63 21.88 -15.47
N VAL A 130 23.69 21.08 -15.59
CA VAL A 130 24.61 20.93 -14.48
C VAL A 130 25.26 22.25 -14.06
N SER A 131 25.68 23.07 -15.03
CA SER A 131 26.24 24.39 -14.72
C SER A 131 25.20 25.29 -14.07
N SER A 132 23.97 25.28 -14.58
CA SER A 132 22.89 26.06 -13.97
C SER A 132 22.70 25.70 -12.52
N LEU A 133 22.68 24.40 -12.23
CA LEU A 133 22.49 23.87 -10.87
C LEU A 133 23.59 24.37 -9.97
N ALA A 134 24.83 24.14 -10.38
CA ALA A 134 25.95 24.55 -9.56
C ALA A 134 25.93 26.06 -9.31
N ARG A 135 25.72 26.84 -10.36
CA ARG A 135 25.81 28.29 -10.22
C ARG A 135 24.71 28.75 -9.30
N ARG A 136 23.54 28.12 -9.42
CA ARG A 136 22.41 28.47 -8.59
C ARG A 136 22.75 28.23 -7.10
N TYR A 137 23.31 27.06 -6.78
CA TYR A 137 23.53 26.75 -5.39
C TYR A 137 24.78 27.39 -4.87
N ILE A 138 25.70 27.75 -5.77
CA ILE A 138 26.81 28.62 -5.36
C ILE A 138 26.29 29.99 -4.95
N GLY A 139 25.36 30.55 -5.71
CA GLY A 139 24.75 31.82 -5.31
C GLY A 139 23.85 31.69 -4.09
N ARG A 140 23.12 30.60 -3.98
CA ARG A 140 22.23 30.44 -2.84
C ARG A 140 22.98 30.18 -1.54
N TYR A 141 24.09 29.42 -1.55
CA TYR A 141 24.76 29.01 -0.30
C TYR A 141 26.18 29.50 -0.16
N GLY A 142 26.75 30.03 -1.24
CA GLY A 142 28.15 30.43 -1.24
C GLY A 142 29.05 29.34 -1.80
N LEU A 143 30.10 29.78 -2.49
CA LEU A 143 31.09 28.85 -3.06
C LEU A 143 31.79 27.97 -2.02
N ALA A 144 32.11 28.52 -0.85
CA ALA A 144 32.79 27.72 0.17
C ALA A 144 31.90 26.51 0.50
N HIS A 145 30.64 26.76 0.77
CA HIS A 145 29.73 25.67 1.10
C HIS A 145 29.65 24.61 -0.01
N VAL A 146 29.28 25.03 -1.22
CA VAL A 146 28.97 24.10 -2.27
C VAL A 146 30.25 23.31 -2.65
N SER A 147 31.40 23.89 -2.42
CA SER A 147 32.61 23.21 -2.82
C SER A 147 32.97 22.11 -1.80
N LYS A 148 32.22 22.03 -0.72
CA LYS A 148 32.31 20.85 0.15
C LYS A 148 31.52 19.60 -0.33
N TRP A 149 30.67 19.75 -1.34
CA TRP A 149 29.70 18.72 -1.72
C TRP A 149 30.34 17.65 -2.60
N ASN A 150 30.08 16.38 -2.29
CA ASN A 150 30.51 15.31 -3.19
C ASN A 150 29.51 15.17 -4.32
N PHE A 151 29.70 15.90 -5.42
CA PHE A 151 28.91 15.60 -6.62
C PHE A 151 29.32 14.20 -7.10
N GLU A 152 28.40 13.46 -7.73
CA GLU A 152 28.69 12.07 -8.00
C GLU A 152 27.85 11.65 -9.18
N THR A 153 28.29 10.59 -9.86
CA THR A 153 27.55 10.07 -10.99
C THR A 153 26.27 9.42 -10.52
N TRP A 154 25.41 9.17 -11.50
CA TRP A 154 24.24 8.32 -11.37
C TRP A 154 24.59 7.11 -10.55
N ASN A 155 23.69 6.70 -9.66
CA ASN A 155 23.94 5.54 -8.80
C ASN A 155 24.03 4.21 -9.54
N GLU A 156 25.03 3.39 -9.22
CA GLU A 156 25.08 2.01 -9.72
C GLU A 156 24.79 1.88 -11.22
N PRO A 157 25.65 2.49 -12.03
CA PRO A 157 25.45 2.43 -13.47
C PRO A 157 25.43 0.99 -13.99
N ASP A 158 26.16 0.07 -13.34
CA ASP A 158 26.14 -1.33 -13.78
C ASP A 158 24.95 -2.11 -13.27
N HIS A 159 24.02 -1.44 -12.60
CA HIS A 159 22.78 -2.10 -12.15
C HIS A 159 21.54 -1.69 -12.94
N HIS A 160 21.74 -0.85 -13.96
CA HIS A 160 20.67 -0.54 -14.90
C HIS A 160 19.38 0.04 -14.25
N ASP A 161 19.52 0.86 -13.20
CA ASP A 161 18.32 1.61 -12.80
C ASP A 161 18.35 3.02 -13.33
N PHE A 162 17.87 3.13 -14.55
CA PHE A 162 17.94 4.35 -15.29
C PHE A 162 16.54 4.75 -15.69
N ASP A 163 15.53 4.16 -15.08
CA ASP A 163 14.13 4.45 -15.44
C ASP A 163 13.95 4.37 -16.98
N ASN A 164 13.37 5.40 -17.59
CA ASN A 164 13.26 5.39 -19.06
C ASN A 164 14.42 6.05 -19.82
N VAL A 165 15.55 6.27 -19.14
CA VAL A 165 16.72 6.89 -19.75
C VAL A 165 17.57 5.81 -20.37
N SER A 166 17.98 6.03 -21.61
CA SER A 166 18.89 5.13 -22.28
C SER A 166 20.30 5.60 -21.99
N MET A 167 21.00 4.81 -21.19
CA MET A 167 22.36 5.11 -20.74
C MET A 167 23.29 3.95 -21.09
N THR A 168 23.76 3.91 -22.34
CA THR A 168 24.71 2.89 -22.76
C THR A 168 26.07 3.12 -22.12
N MET A 169 27.00 2.18 -22.33
CA MET A 169 28.39 2.36 -21.94
C MET A 169 28.94 3.69 -22.46
N GLN A 170 28.64 4.01 -23.72
CA GLN A 170 29.12 5.25 -24.35
C GLN A 170 28.34 6.44 -23.79
N GLY A 171 27.02 6.31 -23.74
CA GLY A 171 26.16 7.29 -23.09
C GLY A 171 26.65 7.73 -21.71
N PHE A 172 27.00 6.75 -20.87
CA PHE A 172 27.48 7.01 -19.53
C PHE A 172 28.73 7.88 -19.57
N LEU A 173 29.61 7.61 -20.54
CA LEU A 173 30.83 8.39 -20.68
C LEU A 173 30.55 9.84 -21.13
N ASN A 174 29.58 10.00 -22.03
CA ASN A 174 29.17 11.34 -22.48
C ASN A 174 28.52 12.10 -21.33
N TYR A 175 27.68 11.39 -20.57
CA TYR A 175 26.99 11.93 -19.39
C TYR A 175 28.02 12.38 -18.41
N TYR A 176 29.05 11.55 -18.22
CA TYR A 176 30.10 11.91 -17.29
C TYR A 176 30.84 13.18 -17.70
N ASP A 177 31.16 13.31 -19.00
CA ASP A 177 31.90 14.47 -19.47
C ASP A 177 31.03 15.69 -19.30
N ALA A 178 29.73 15.55 -19.52
CA ALA A 178 28.83 16.67 -19.33
C ALA A 178 28.78 17.10 -17.87
N CYS A 179 28.82 16.12 -16.95
CA CYS A 179 28.84 16.44 -15.52
C CYS A 179 30.08 17.23 -15.20
N SER A 180 31.20 16.72 -15.71
CA SER A 180 32.50 17.23 -15.35
C SER A 180 32.67 18.61 -15.93
N GLU A 181 32.22 18.80 -17.18
CA GLU A 181 32.31 20.12 -17.83
C GLU A 181 31.25 21.07 -17.26
N GLY A 182 30.04 20.56 -17.03
CA GLY A 182 29.02 21.35 -16.35
C GLY A 182 29.52 21.97 -15.05
N LEU A 183 30.12 21.15 -14.18
CA LEU A 183 30.61 21.67 -12.90
C LEU A 183 31.82 22.58 -13.12
N ARG A 184 32.71 22.19 -14.01
CA ARG A 184 33.92 22.97 -14.27
C ARG A 184 33.57 24.39 -14.76
N ALA A 185 32.57 24.49 -15.64
CA ALA A 185 32.12 25.78 -16.12
C ALA A 185 31.63 26.69 -14.99
N ALA A 186 31.00 26.13 -13.97
CA ALA A 186 30.57 26.92 -12.80
C ALA A 186 31.77 27.32 -11.95
N SER A 187 32.63 26.35 -11.67
CA SER A 187 33.80 26.60 -10.86
C SER A 187 34.75 25.42 -10.86
N PRO A 188 36.06 25.71 -11.00
CA PRO A 188 37.08 24.67 -10.98
C PRO A 188 37.25 24.11 -9.58
N ALA A 189 36.60 24.72 -8.59
CA ALA A 189 36.78 24.35 -7.18
C ALA A 189 35.87 23.19 -6.73
N LEU A 190 34.97 22.75 -7.61
CA LEU A 190 33.96 21.72 -7.25
C LEU A 190 34.46 20.30 -7.44
N ARG A 191 33.96 19.40 -6.59
CA ARG A 191 34.38 18.01 -6.53
C ARG A 191 33.44 17.07 -7.29
N LEU A 192 33.97 16.23 -8.18
CA LEU A 192 33.17 15.20 -8.85
C LEU A 192 33.87 13.84 -8.78
N GLY A 193 33.10 12.80 -8.45
CA GLY A 193 33.61 11.42 -8.47
C GLY A 193 32.53 10.44 -8.92
N GLY A 194 32.89 9.17 -8.95
CA GLY A 194 32.00 8.10 -9.41
C GLY A 194 32.83 6.82 -9.40
N PRO A 195 32.28 5.68 -9.90
CA PRO A 195 30.93 5.57 -10.48
C PRO A 195 29.87 5.14 -9.46
N GLY A 196 30.26 4.83 -8.23
CA GLY A 196 29.27 4.34 -7.23
C GLY A 196 28.72 2.95 -7.58
N ASP A 197 29.62 1.97 -7.75
CA ASP A 197 29.23 0.58 -8.05
C ASP A 197 30.21 -0.47 -7.52
N SER A 198 29.96 -1.74 -7.80
CA SER A 198 30.68 -2.82 -7.13
C SER A 198 32.10 -3.02 -7.58
N PHE A 199 32.42 -2.62 -8.79
CA PHE A 199 33.71 -2.99 -9.39
C PHE A 199 33.95 -4.51 -9.26
N HIS A 200 33.01 -5.29 -9.75
CA HIS A 200 33.25 -6.72 -9.83
C HIS A 200 34.35 -7.03 -10.84
N THR A 201 34.89 -8.24 -10.74
CA THR A 201 36.01 -8.69 -11.58
C THR A 201 35.67 -8.55 -13.06
N PRO A 202 36.56 -7.90 -13.84
CA PRO A 202 36.26 -7.78 -15.28
C PRO A 202 36.11 -9.19 -15.89
N PRO A 203 35.17 -9.38 -16.83
CA PRO A 203 34.42 -8.40 -17.61
C PRO A 203 33.12 -7.89 -16.97
N ARG A 204 32.92 -8.11 -15.69
CA ARG A 204 31.72 -7.58 -15.03
C ARG A 204 31.90 -6.07 -14.65
N SER A 205 30.81 -5.43 -14.21
CA SER A 205 30.86 -3.99 -13.89
C SER A 205 31.58 -3.19 -14.98
N PRO A 206 31.17 -3.35 -16.25
CA PRO A 206 31.94 -2.70 -17.33
C PRO A 206 31.82 -1.14 -17.36
N LEU A 207 30.63 -0.60 -17.06
CA LEU A 207 30.51 0.85 -16.97
C LEU A 207 31.41 1.42 -15.89
N SER A 208 31.53 0.73 -14.76
CA SER A 208 32.45 1.18 -13.72
C SER A 208 33.89 1.23 -14.18
N TRP A 209 34.41 0.08 -14.64
CA TRP A 209 35.80 0.03 -15.15
C TRP A 209 35.91 0.96 -16.37
N GLY A 210 34.85 1.01 -17.16
CA GLY A 210 34.82 1.88 -18.34
C GLY A 210 35.13 3.32 -17.93
N LEU A 211 34.43 3.80 -16.91
CA LEU A 211 34.57 5.18 -16.46
C LEU A 211 36.00 5.49 -16.06
N LEU A 212 36.63 4.54 -15.36
CA LEU A 212 38.01 4.75 -14.94
C LEU A 212 38.96 4.78 -16.14
N ARG A 213 38.74 3.87 -17.09
CA ARG A 213 39.52 3.83 -18.32
C ARG A 213 39.32 5.13 -19.10
N HIS A 214 38.07 5.59 -19.18
CA HIS A 214 37.77 6.86 -19.85
C HIS A 214 38.45 8.08 -19.21
N CYS A 215 38.34 8.26 -17.91
CA CYS A 215 39.01 9.38 -17.24
C CYS A 215 40.53 9.28 -17.27
N HIS A 216 41.04 8.06 -17.17
CA HIS A 216 42.48 7.86 -17.16
C HIS A 216 43.04 8.05 -18.59
N ASP A 217 42.41 7.47 -19.60
CA ASP A 217 42.98 7.43 -20.95
C ASP A 217 42.14 8.03 -22.07
N GLY A 218 40.83 8.04 -21.91
CA GLY A 218 39.91 8.47 -22.98
C GLY A 218 39.98 9.95 -23.31
N THR A 219 39.08 10.40 -24.18
CA THR A 219 39.09 11.81 -24.58
C THR A 219 37.75 12.47 -24.22
N ASN A 220 37.87 13.68 -23.68
CA ASN A 220 36.73 14.51 -23.30
C ASN A 220 35.80 14.86 -24.45
N PHE A 221 34.54 14.48 -24.33
CA PHE A 221 33.51 14.70 -25.37
C PHE A 221 33.40 16.16 -25.84
N PHE A 222 33.70 17.12 -24.97
CA PHE A 222 33.52 18.54 -25.25
C PHE A 222 34.83 19.18 -25.74
N THR A 223 35.91 19.00 -24.97
CA THR A 223 37.19 19.62 -25.26
C THR A 223 38.10 18.77 -26.13
N GLY A 224 37.87 17.46 -26.21
CA GLY A 224 38.77 16.58 -26.97
C GLY A 224 40.11 16.32 -26.27
N GLU A 225 40.32 16.96 -25.13
CA GLU A 225 41.49 16.74 -24.29
C GLU A 225 41.57 15.27 -23.81
N ALA A 226 42.79 14.77 -23.63
CA ALA A 226 43.00 13.37 -23.20
C ALA A 226 42.98 13.29 -21.66
N GLY A 227 42.20 12.34 -21.13
CA GLY A 227 42.00 12.28 -19.68
C GLY A 227 40.96 13.29 -19.20
N VAL A 228 40.14 12.88 -18.23
CA VAL A 228 39.08 13.73 -17.68
C VAL A 228 39.17 13.65 -16.18
N ARG A 229 38.98 14.77 -15.49
CA ARG A 229 39.21 14.71 -14.05
C ARG A 229 38.24 13.77 -13.38
N LEU A 230 38.70 13.21 -12.28
CA LEU A 230 37.95 12.27 -11.48
C LEU A 230 38.53 12.49 -10.08
N ASP A 231 37.76 13.10 -9.21
CA ASP A 231 38.29 13.61 -7.93
C ASP A 231 38.29 12.55 -6.85
N TYR A 232 37.38 11.60 -6.96
CA TYR A 232 37.36 10.47 -6.06
C TYR A 232 36.73 9.31 -6.81
N ILE A 233 36.96 8.09 -6.30
CA ILE A 233 36.35 6.91 -6.85
C ILE A 233 35.47 6.27 -5.78
N SER A 234 34.19 6.12 -6.10
CA SER A 234 33.27 5.54 -5.15
C SER A 234 32.84 4.14 -5.55
N LEU A 235 32.95 3.23 -4.59
CA LEU A 235 32.41 1.89 -4.79
C LEU A 235 31.38 1.56 -3.74
N HIS A 236 30.60 0.54 -4.03
CA HIS A 236 29.74 -0.08 -3.05
C HIS A 236 30.22 -1.49 -2.81
N ARG A 237 30.41 -1.83 -1.54
CA ARG A 237 30.59 -3.20 -1.12
C ARG A 237 29.92 -3.41 0.23
N LYS A 238 28.98 -4.35 0.25
CA LYS A 238 28.29 -4.73 1.44
C LYS A 238 28.86 -6.04 1.99
N GLY A 239 28.53 -6.37 3.24
CA GLY A 239 29.24 -7.43 3.92
C GLY A 239 28.54 -8.80 3.90
N ALA A 240 27.34 -8.88 3.35
CA ALA A 240 26.60 -10.14 3.44
C ALA A 240 26.67 -10.70 4.88
N ARG A 241 26.47 -9.83 5.87
CA ARG A 241 26.44 -10.15 7.31
C ARG A 241 27.80 -10.24 7.97
N SER A 242 28.85 -10.09 7.19
CA SER A 242 30.18 -10.07 7.77
C SER A 242 30.74 -8.66 7.77
N SER A 243 31.22 -8.22 8.92
CA SER A 243 31.86 -6.91 9.00
C SER A 243 33.22 -6.88 8.29
N ILE A 244 34.11 -7.82 8.62
CA ILE A 244 35.46 -7.78 8.05
C ILE A 244 35.50 -7.94 6.54
N SER A 245 34.46 -8.56 6.00
CA SER A 245 34.36 -8.82 4.58
C SER A 245 34.22 -7.55 3.71
N ILE A 246 33.58 -6.53 4.28
CA ILE A 246 33.52 -5.26 3.62
C ILE A 246 34.94 -4.81 3.34
N LEU A 247 35.78 -4.82 4.36
CA LEU A 247 37.16 -4.37 4.20
C LEU A 247 37.93 -5.24 3.20
N GLU A 248 37.83 -6.57 3.34
CA GLU A 248 38.50 -7.48 2.41
C GLU A 248 38.13 -7.19 0.97
N GLN A 249 36.85 -6.96 0.71
CA GLN A 249 36.42 -6.65 -0.66
C GLN A 249 36.98 -5.33 -1.14
N GLU A 250 36.96 -4.33 -0.26
CA GLU A 250 37.57 -3.05 -0.58
C GLU A 250 39.03 -3.18 -0.97
N LYS A 251 39.80 -3.92 -0.19
CA LYS A 251 41.23 -4.04 -0.49
C LYS A 251 41.46 -4.66 -1.85
N VAL A 252 40.60 -5.58 -2.23
CA VAL A 252 40.73 -6.19 -3.54
C VAL A 252 40.50 -5.19 -4.70
N VAL A 253 39.42 -4.43 -4.63
CA VAL A 253 39.16 -3.38 -5.63
C VAL A 253 40.24 -2.29 -5.63
N ALA A 254 40.65 -1.83 -4.44
CA ALA A 254 41.71 -0.81 -4.35
C ALA A 254 42.99 -1.28 -5.01
N GLN A 255 43.40 -2.52 -4.75
CA GLN A 255 44.59 -3.10 -5.38
C GLN A 255 44.47 -3.10 -6.93
N GLN A 256 43.36 -3.62 -7.45
CA GLN A 256 43.11 -3.59 -8.89
C GLN A 256 43.20 -2.19 -9.50
N ILE A 257 42.72 -1.18 -8.80
CA ILE A 257 42.78 0.21 -9.28
C ILE A 257 44.20 0.78 -9.24
N ARG A 258 44.88 0.54 -8.13
CA ARG A 258 46.28 0.91 -7.97
C ARG A 258 47.12 0.35 -9.14
N GLN A 259 46.93 -0.91 -9.50
CA GLN A 259 47.77 -1.51 -10.55
C GLN A 259 47.37 -1.08 -11.96
N LEU A 260 46.07 -0.91 -12.21
CA LEU A 260 45.62 -0.66 -13.57
C LEU A 260 45.71 0.81 -13.93
N PHE A 261 45.44 1.68 -12.95
CA PHE A 261 45.37 3.09 -13.24
C PHE A 261 46.31 3.90 -12.35
N PRO A 262 47.61 3.91 -12.68
CA PRO A 262 48.65 4.53 -11.86
C PRO A 262 48.43 6.01 -11.58
N LYS A 263 47.83 6.72 -12.53
CA LYS A 263 47.49 8.12 -12.33
C LYS A 263 46.54 8.32 -11.14
N PHE A 264 45.79 7.27 -10.82
CA PHE A 264 44.84 7.30 -9.73
C PHE A 264 45.40 6.79 -8.39
N ALA A 265 46.71 6.66 -8.29
CA ALA A 265 47.36 6.12 -7.09
C ALA A 265 46.91 6.84 -5.81
N ASP A 266 46.74 8.15 -5.89
CA ASP A 266 46.38 8.95 -4.72
C ASP A 266 44.94 9.42 -4.71
N THR A 267 44.16 8.99 -5.69
CA THR A 267 42.76 9.37 -5.76
C THR A 267 41.96 8.76 -4.61
N PRO A 268 41.35 9.62 -3.78
CA PRO A 268 40.59 9.11 -2.64
C PRO A 268 39.53 8.11 -3.07
N ILE A 269 39.32 7.09 -2.25
CA ILE A 269 38.31 6.06 -2.52
C ILE A 269 37.22 6.15 -1.46
N TYR A 270 35.97 6.09 -1.90
CA TYR A 270 34.86 6.08 -0.99
C TYR A 270 34.19 4.72 -1.11
N ASN A 271 33.73 4.19 0.02
CA ASN A 271 32.67 3.20 -0.01
C ASN A 271 31.36 3.83 0.46
N ASP A 272 30.57 4.31 -0.46
CA ASP A 272 29.43 5.09 0.00
C ASP A 272 28.13 4.31 0.05
N GLU A 273 28.27 2.98 0.12
CA GLU A 273 27.21 2.10 0.64
C GLU A 273 27.86 0.88 1.30
N ALA A 274 28.33 1.06 2.52
CA ALA A 274 29.19 0.10 3.16
C ALA A 274 28.44 -0.70 4.22
N ASP A 275 27.26 -1.17 3.85
CA ASP A 275 26.36 -1.77 4.81
C ASP A 275 26.63 -3.25 5.15
N PRO A 276 26.26 -3.69 6.37
CA PRO A 276 26.38 -5.08 6.74
C PRO A 276 25.68 -6.01 5.74
N LEU A 277 24.51 -5.60 5.26
CA LEU A 277 23.73 -6.49 4.39
C LEU A 277 22.92 -5.69 3.35
N VAL A 278 23.05 -6.05 2.07
CA VAL A 278 22.26 -5.45 0.97
C VAL A 278 20.75 -5.61 1.19
N GLY A 279 19.97 -4.63 0.77
CA GLY A 279 18.52 -4.71 0.89
C GLY A 279 17.97 -4.05 2.13
N TRP A 280 17.89 -2.72 2.09
CA TRP A 280 17.54 -1.96 3.29
C TRP A 280 16.22 -2.40 3.90
N SER A 281 15.30 -2.86 3.07
CA SER A 281 13.92 -3.02 3.53
C SER A 281 13.62 -4.37 4.13
N LEU A 282 14.55 -5.30 4.03
CA LEU A 282 14.34 -6.64 4.56
C LEU A 282 14.32 -6.59 6.09
N PRO A 283 13.23 -7.06 6.71
CA PRO A 283 13.28 -6.95 8.19
C PRO A 283 14.29 -7.93 8.74
N GLN A 284 15.14 -7.44 9.64
CA GLN A 284 16.11 -8.26 10.39
C GLN A 284 16.04 -7.77 11.82
N PRO A 285 15.90 -8.70 12.79
CA PRO A 285 15.84 -8.29 14.19
C PRO A 285 17.07 -7.51 14.63
N TRP A 286 18.22 -7.86 14.10
CA TRP A 286 19.44 -7.18 14.50
C TRP A 286 19.52 -5.70 14.06
N ARG A 287 18.74 -5.32 13.06
CA ARG A 287 18.75 -3.96 12.56
C ARG A 287 17.99 -3.07 13.52
N ALA A 288 17.22 -3.67 14.42
CA ALA A 288 16.35 -2.90 15.29
C ALA A 288 17.02 -2.24 16.48
N ASP A 289 18.22 -2.70 16.84
CA ASP A 289 18.74 -2.41 18.17
C ASP A 289 20.26 -2.30 18.22
N VAL A 290 20.86 -2.58 19.36
CA VAL A 290 22.29 -2.38 19.53
C VAL A 290 23.13 -3.37 18.69
N THR A 291 22.52 -4.46 18.22
CA THR A 291 23.31 -5.42 17.42
C THR A 291 23.95 -4.75 16.19
N TYR A 292 23.11 -4.08 15.42
CA TYR A 292 23.51 -3.30 14.27
C TYR A 292 24.39 -2.10 14.67
N ALA A 293 24.00 -1.35 15.70
CA ALA A 293 24.82 -0.24 16.17
C ALA A 293 26.24 -0.69 16.52
N ALA A 294 26.38 -1.74 17.30
CA ALA A 294 27.73 -2.20 17.63
C ALA A 294 28.50 -2.68 16.38
N MET A 295 27.82 -3.30 15.44
CA MET A 295 28.46 -3.73 14.20
C MET A 295 28.97 -2.54 13.38
N VAL A 296 28.17 -1.46 13.38
CA VAL A 296 28.56 -0.24 12.66
C VAL A 296 29.87 0.28 13.24
N VAL A 297 29.98 0.30 14.57
CA VAL A 297 31.21 0.74 15.22
C VAL A 297 32.38 -0.19 14.88
N LYS A 298 32.09 -1.50 14.92
CA LYS A 298 33.09 -2.53 14.63
C LYS A 298 33.65 -2.35 13.23
N VAL A 299 32.79 -2.09 12.25
CA VAL A 299 33.27 -1.91 10.89
C VAL A 299 34.19 -0.70 10.74
N ILE A 300 33.83 0.39 11.42
CA ILE A 300 34.64 1.63 11.42
C ILE A 300 35.99 1.38 12.12
N ALA A 301 35.98 0.69 13.28
CA ALA A 301 37.22 0.35 13.96
C ALA A 301 38.15 -0.49 13.06
N GLN A 302 37.58 -1.41 12.29
CA GLN A 302 38.38 -2.22 11.37
C GLN A 302 39.02 -1.37 10.28
N HIS A 303 38.27 -0.40 9.78
CA HIS A 303 38.82 0.49 8.78
C HIS A 303 39.94 1.35 9.36
N GLN A 304 39.71 1.90 10.53
CA GLN A 304 40.73 2.74 11.12
C GLN A 304 41.98 1.93 11.45
N ASN A 305 41.80 0.79 12.11
CA ASN A 305 42.94 0.07 12.66
C ASN A 305 43.66 -0.84 11.68
N LEU A 306 42.94 -1.35 10.67
CA LEU A 306 43.54 -2.34 9.78
C LEU A 306 43.74 -1.79 8.39
N LEU A 307 43.29 -0.57 8.15
CA LEU A 307 43.42 0.05 6.84
C LEU A 307 44.10 1.41 6.92
N LEU A 308 43.56 2.33 7.71
CA LEU A 308 44.07 3.68 7.69
C LEU A 308 45.27 3.89 8.59
N ALA A 309 45.38 3.10 9.64
CA ALA A 309 46.38 3.32 10.73
C ALA A 309 47.83 3.31 10.25
N ASN A 310 48.15 2.36 9.39
CA ASN A 310 49.38 2.36 8.59
C ASN A 310 49.18 1.08 7.82
N THR A 311 49.99 0.83 6.81
CA THR A 311 50.05 -0.53 6.25
C THR A 311 51.11 -0.59 5.18
N THR A 312 51.33 -1.79 4.66
CA THR A 312 51.94 -1.95 3.34
C THR A 312 51.10 -1.11 2.37
N SER A 313 49.88 -1.57 2.08
CA SER A 313 48.98 -0.86 1.16
C SER A 313 48.89 0.67 1.41
N ALA A 314 48.56 1.07 2.64
CA ALA A 314 48.30 2.48 2.98
C ALA A 314 47.53 3.08 1.82
N PHE A 315 46.40 2.46 1.48
CA PHE A 315 45.65 2.88 0.28
C PHE A 315 44.59 3.93 0.62
N PRO A 316 44.30 4.84 -0.33
CA PRO A 316 43.78 6.19 -0.01
C PRO A 316 42.28 6.23 0.26
N TYR A 317 41.86 5.53 1.30
CA TYR A 317 40.46 5.40 1.65
C TYR A 317 40.01 6.67 2.40
N ALA A 318 38.90 7.27 1.99
CA ALA A 318 38.57 8.61 2.51
C ALA A 318 37.15 8.74 3.13
N LEU A 319 36.23 7.88 2.71
CA LEU A 319 34.85 7.98 3.21
C LEU A 319 34.16 6.62 3.28
N LEU A 320 33.43 6.39 4.37
CA LEU A 320 32.60 5.19 4.53
C LEU A 320 31.19 5.65 4.86
N SER A 321 30.20 5.24 4.10
CA SER A 321 28.83 5.66 4.39
C SER A 321 27.91 4.48 4.59
N ASN A 322 27.19 4.46 5.72
CA ASN A 322 26.13 3.51 6.01
C ASN A 322 24.87 4.09 5.43
N ASP A 323 24.27 3.36 4.50
CA ASP A 323 23.20 3.94 3.70
C ASP A 323 21.88 3.69 4.40
N ASN A 324 21.63 4.50 5.43
CA ASN A 324 20.61 4.13 6.37
C ASN A 324 19.64 5.25 6.78
N ALA A 325 19.43 6.22 5.90
CA ALA A 325 18.49 7.31 6.21
C ALA A 325 17.09 7.10 5.67
N PHE A 326 16.80 5.88 5.20
CA PHE A 326 15.47 5.54 4.68
C PHE A 326 14.47 5.64 5.82
N LEU A 327 13.21 5.85 5.46
CA LEU A 327 12.12 5.83 6.41
C LEU A 327 11.48 4.43 6.44
N SER A 328 11.21 3.89 7.62
CA SER A 328 10.67 2.52 7.71
C SER A 328 9.14 2.44 7.50
N TYR A 329 8.67 1.23 7.24
CA TYR A 329 7.27 0.94 6.89
C TYR A 329 6.63 -0.07 7.84
N HIS A 330 5.34 0.11 8.08
CA HIS A 330 4.55 -0.92 8.72
C HIS A 330 4.63 -2.16 7.82
N PRO A 331 4.72 -3.35 8.40
CA PRO A 331 4.67 -3.54 9.84
C PRO A 331 6.06 -3.71 10.47
N HIS A 332 7.08 -3.04 9.94
CA HIS A 332 8.44 -3.21 10.46
C HIS A 332 9.07 -1.88 10.86
N PRO A 333 8.51 -1.22 11.88
CA PRO A 333 9.02 0.12 12.17
C PRO A 333 10.50 0.14 12.56
N PHE A 334 10.96 -0.91 13.25
CA PHE A 334 12.30 -0.95 13.83
C PHE A 334 13.29 -1.84 13.08
N ALA A 335 12.80 -2.81 12.32
CA ALA A 335 13.68 -3.87 11.83
C ALA A 335 14.26 -3.64 10.41
N GLN A 336 14.04 -2.45 9.86
CA GLN A 336 14.67 -2.10 8.59
C GLN A 336 16.00 -1.36 8.83
N ARG A 337 16.80 -1.20 7.77
CA ARG A 337 18.12 -0.55 7.91
C ARG A 337 17.91 0.97 7.87
N THR A 338 17.61 1.53 9.02
CA THR A 338 17.20 2.92 9.13
C THR A 338 17.75 3.46 10.43
N LEU A 339 18.03 4.76 10.43
CA LEU A 339 18.49 5.46 11.62
C LEU A 339 17.33 5.70 12.60
N THR A 340 16.15 5.95 12.07
CA THR A 340 15.00 6.19 12.90
C THR A 340 13.95 5.10 12.67
N ALA A 341 13.05 4.94 13.62
CA ALA A 341 11.94 4.03 13.52
C ALA A 341 10.69 4.88 13.34
N ARG A 342 10.01 4.73 12.20
CA ARG A 342 8.86 5.58 11.91
C ARG A 342 7.56 4.93 12.37
N PHE A 343 6.70 5.70 13.04
CA PHE A 343 5.38 5.29 13.43
C PHE A 343 4.39 6.25 12.83
N GLN A 344 3.61 5.76 11.88
CA GLN A 344 2.58 6.55 11.26
C GLN A 344 1.37 6.27 12.12
N VAL A 345 1.07 7.24 12.97
CA VAL A 345 0.04 7.11 13.98
C VAL A 345 -1.19 7.66 13.33
N ASN A 346 -1.97 6.79 12.70
CA ASN A 346 -3.11 7.28 11.92
C ASN A 346 -4.41 7.56 12.69
N ASN A 347 -4.49 7.17 13.96
CA ASN A 347 -5.77 7.30 14.69
C ASN A 347 -6.02 8.64 15.39
N THR A 348 -5.15 9.62 15.22
CA THR A 348 -5.38 10.95 15.77
C THR A 348 -6.09 11.80 14.70
N ARG A 349 -6.78 12.86 15.11
CA ARG A 349 -7.35 13.81 14.16
C ARG A 349 -6.55 15.10 14.22
N PRO A 350 -5.66 15.33 13.23
CA PRO A 350 -5.37 14.47 12.09
C PRO A 350 -4.27 13.43 12.40
N PRO A 351 -4.08 12.45 11.49
CA PRO A 351 -2.97 11.51 11.62
C PRO A 351 -1.68 12.27 11.83
N HIS A 352 -0.72 11.67 12.52
CA HIS A 352 0.57 12.33 12.63
C HIS A 352 1.67 11.27 12.59
N VAL A 353 2.91 11.73 12.69
CA VAL A 353 4.07 10.87 12.59
C VAL A 353 4.94 11.06 13.83
N GLN A 354 5.58 9.99 14.26
CA GLN A 354 6.50 10.02 15.39
C GLN A 354 7.70 9.21 14.95
N LEU A 355 8.90 9.66 15.29
CA LEU A 355 10.09 8.87 15.03
C LEU A 355 10.76 8.53 16.33
N LEU A 356 11.37 7.35 16.40
CA LEU A 356 12.21 7.04 17.52
C LEU A 356 13.65 6.91 17.02
N ARG A 357 14.58 7.37 17.84
CA ARG A 357 15.98 7.28 17.57
C ARG A 357 16.42 5.85 17.88
N LYS A 358 16.95 5.17 16.87
CA LYS A 358 17.38 3.79 17.07
C LYS A 358 18.81 3.74 17.56
N PRO A 359 19.22 2.59 18.13
CA PRO A 359 20.56 2.56 18.72
C PRO A 359 21.66 2.87 17.72
N VAL A 360 21.45 2.53 16.45
CA VAL A 360 22.48 2.82 15.47
C VAL A 360 22.68 4.35 15.38
N LEU A 361 21.59 5.13 15.43
CA LEU A 361 21.72 6.58 15.40
C LEU A 361 22.44 7.07 16.64
N THR A 362 22.08 6.51 17.79
CA THR A 362 22.67 6.89 19.05
C THR A 362 24.16 6.61 19.05
N ALA A 363 24.56 5.47 18.49
CA ALA A 363 25.98 5.12 18.38
C ALA A 363 26.77 6.13 17.54
N MET A 364 26.11 6.78 16.58
CA MET A 364 26.79 7.79 15.80
C MET A 364 27.17 8.99 16.71
N GLY A 365 26.38 9.21 17.76
CA GLY A 365 26.71 10.16 18.81
C GLY A 365 27.96 9.80 19.60
N LEU A 366 28.21 8.52 19.80
CA LEU A 366 29.42 8.06 20.48
C LEU A 366 30.63 8.21 19.60
N LEU A 367 30.53 7.82 18.33
CA LEU A 367 31.63 8.02 17.43
C LEU A 367 31.99 9.50 17.29
N ALA A 368 30.99 10.37 17.43
CA ALA A 368 31.17 11.80 17.27
C ALA A 368 32.07 12.39 18.36
N LEU A 369 32.09 11.75 19.54
CA LEU A 369 33.00 12.13 20.61
C LEU A 369 34.48 11.82 20.34
N LEU A 370 34.79 11.00 19.33
CA LEU A 370 36.20 10.72 19.02
C LEU A 370 36.85 12.02 18.54
N ASP A 371 38.08 12.26 18.99
CA ASP A 371 38.81 13.46 18.60
C ASP A 371 39.88 13.23 17.54
N GLU A 372 40.75 14.22 17.35
CA GLU A 372 41.49 14.27 16.10
C GLU A 372 42.80 13.47 16.08
N GLU A 373 43.19 12.86 17.19
CA GLU A 373 44.41 12.03 17.22
C GLU A 373 44.12 10.60 17.67
N GLN A 374 44.73 9.60 17.06
CA GLN A 374 44.51 8.25 17.56
C GLN A 374 45.55 7.89 18.60
N LEU A 375 45.08 7.31 19.70
CA LEU A 375 45.99 6.81 20.75
C LEU A 375 46.29 5.33 20.48
N TRP A 376 47.51 4.91 20.87
CA TRP A 376 47.90 3.51 20.91
C TRP A 376 47.01 2.76 21.88
N ALA A 377 46.45 1.67 21.39
CA ALA A 377 45.67 0.81 22.23
C ALA A 377 45.96 -0.64 21.82
N GLU A 378 45.71 -1.59 22.71
CA GLU A 378 45.90 -2.98 22.36
C GLU A 378 44.90 -3.85 23.12
N VAL A 379 44.21 -4.71 22.39
CA VAL A 379 43.30 -5.67 22.98
C VAL A 379 43.97 -7.06 23.03
N SER A 380 43.77 -7.77 24.13
CA SER A 380 44.30 -9.13 24.28
C SER A 380 43.41 -9.97 25.19
N GLN A 381 43.54 -11.30 25.11
CA GLN A 381 42.73 -12.16 25.96
C GLN A 381 43.57 -12.97 26.94
N ALA A 382 44.21 -14.01 26.46
CA ALA A 382 44.98 -14.85 27.34
C ALA A 382 46.42 -14.65 26.95
N GLY A 383 46.85 -13.40 26.97
CA GLY A 383 48.16 -13.04 26.44
C GLY A 383 48.21 -12.93 24.91
N THR A 384 47.17 -13.36 24.22
CA THR A 384 47.12 -13.22 22.75
C THR A 384 46.52 -11.87 22.33
N VAL A 385 47.23 -11.14 21.49
CA VAL A 385 46.79 -9.86 20.97
C VAL A 385 45.72 -10.05 19.91
N LEU A 386 44.56 -9.43 20.10
CA LEU A 386 43.46 -9.50 19.12
C LEU A 386 43.34 -8.18 18.36
N ASP A 387 43.49 -8.22 17.03
CA ASP A 387 43.19 -7.02 16.24
C ASP A 387 41.67 -6.79 16.12
N SER A 388 41.26 -5.71 15.47
CA SER A 388 39.83 -5.40 15.44
C SER A 388 38.97 -6.43 14.69
N ASN A 389 39.64 -7.40 14.07
CA ASN A 389 38.94 -8.47 13.36
C ASN A 389 38.47 -9.53 14.38
N HIS A 390 37.82 -9.07 15.45
CA HIS A 390 37.42 -9.93 16.55
C HIS A 390 36.24 -9.28 17.22
N THR A 391 35.57 -10.03 18.09
CA THR A 391 34.31 -9.60 18.71
C THR A 391 34.42 -8.45 19.69
N VAL A 392 35.63 -8.19 20.19
CA VAL A 392 35.86 -7.09 21.08
C VAL A 392 36.99 -6.28 20.47
N GLY A 393 36.79 -4.96 20.42
CA GLY A 393 37.79 -4.03 19.92
C GLY A 393 37.60 -2.63 20.51
N VAL A 394 38.43 -1.69 20.06
CA VAL A 394 38.50 -0.40 20.69
C VAL A 394 39.03 0.63 19.72
N LEU A 395 38.58 1.85 19.95
CA LEU A 395 39.05 2.98 19.22
C LEU A 395 39.25 4.04 20.31
N ALA A 396 40.42 4.67 20.32
CA ALA A 396 40.80 5.57 21.40
C ALA A 396 41.44 6.80 20.81
N SER A 397 41.01 7.97 21.24
CA SER A 397 41.50 9.20 20.65
C SER A 397 41.91 10.17 21.73
N ALA A 398 42.66 11.19 21.33
CA ALA A 398 43.03 12.28 22.21
C ALA A 398 42.83 13.61 21.48
N HIS A 399 42.67 14.67 22.26
CA HIS A 399 42.48 15.99 21.74
C HIS A 399 43.56 16.95 22.28
N ARG A 400 44.23 17.66 21.37
CA ARG A 400 45.17 18.72 21.71
C ARG A 400 44.39 20.03 21.91
N PRO A 401 44.44 20.58 23.12
CA PRO A 401 43.56 21.72 23.45
C PRO A 401 44.00 23.00 22.76
N GLN A 402 43.05 23.89 22.54
CA GLN A 402 43.32 25.24 22.04
C GLN A 402 43.09 26.36 23.08
N GLY A 403 41.87 26.88 23.10
CA GLY A 403 41.58 28.05 23.92
C GLY A 403 41.28 27.79 25.38
N PRO A 404 40.82 28.83 26.08
CA PRO A 404 40.42 28.72 27.47
C PRO A 404 39.04 28.06 27.57
N ALA A 405 38.37 27.92 26.43
CA ALA A 405 37.09 27.20 26.35
C ALA A 405 37.33 25.72 26.00
N ASP A 406 38.59 25.30 26.11
CA ASP A 406 39.01 23.97 25.67
C ASP A 406 40.05 23.37 26.63
N ALA A 407 40.30 22.08 26.52
CA ALA A 407 41.31 21.39 27.34
C ALA A 407 41.47 19.97 26.81
N TRP A 408 42.43 19.23 27.34
CA TRP A 408 42.75 17.88 26.90
C TRP A 408 41.58 16.91 27.12
N ARG A 409 41.29 16.07 26.13
CA ARG A 409 40.31 14.99 26.31
C ARG A 409 40.86 13.69 25.76
N ALA A 410 40.39 12.56 26.30
CA ALA A 410 40.57 11.27 25.67
C ALA A 410 39.21 10.59 25.53
N ALA A 411 38.94 9.99 24.38
CA ALA A 411 37.71 9.23 24.22
C ALA A 411 38.07 7.80 23.90
N VAL A 412 37.55 6.89 24.70
CA VAL A 412 37.79 5.48 24.50
C VAL A 412 36.48 4.75 24.23
N LEU A 413 36.31 4.29 22.99
CA LEU A 413 35.13 3.55 22.59
C LEU A 413 35.46 2.06 22.42
N ILE A 414 34.75 1.22 23.17
CA ILE A 414 34.95 -0.21 23.16
C ILE A 414 33.65 -0.83 22.65
N TYR A 415 33.78 -1.81 21.76
CA TYR A 415 32.62 -2.48 21.25
C TYR A 415 32.74 -3.96 21.59
N ALA A 416 31.59 -4.57 21.86
CA ALA A 416 31.52 -6.01 21.92
C ALA A 416 30.51 -6.38 20.85
N SER A 417 30.96 -6.94 19.75
CA SER A 417 30.03 -7.23 18.63
C SER A 417 30.37 -8.52 17.87
N ASP A 418 29.37 -9.40 17.74
CA ASP A 418 29.53 -10.59 16.92
C ASP A 418 28.81 -10.38 15.58
N ASP A 419 29.04 -9.22 14.98
CA ASP A 419 28.40 -8.84 13.71
C ASP A 419 26.89 -8.82 13.83
N THR A 420 26.19 -9.66 13.08
CA THR A 420 24.72 -9.63 13.11
C THR A 420 24.11 -10.56 14.17
N ARG A 421 24.96 -11.28 14.90
CA ARG A 421 24.51 -12.19 15.97
C ARG A 421 24.54 -11.58 17.37
N ALA A 422 23.41 -11.64 18.07
CA ALA A 422 23.30 -11.27 19.48
C ALA A 422 23.49 -12.52 20.34
N HIS A 423 24.10 -12.34 21.52
CA HIS A 423 24.25 -13.41 22.49
C HIS A 423 23.73 -12.99 23.88
N PRO A 424 22.40 -13.01 24.07
CA PRO A 424 21.70 -12.50 25.25
C PRO A 424 22.16 -13.04 26.63
N ASN A 425 22.73 -14.24 26.70
CA ASN A 425 23.17 -14.79 27.99
C ASN A 425 24.69 -14.71 28.19
N ARG A 426 25.43 -14.21 27.20
CA ARG A 426 26.86 -14.07 27.38
C ARG A 426 27.21 -12.74 28.08
N SER A 427 28.25 -12.78 28.90
CA SER A 427 28.78 -11.60 29.55
C SER A 427 30.25 -11.62 29.24
N VAL A 428 30.80 -10.48 28.85
CA VAL A 428 32.21 -10.41 28.51
C VAL A 428 32.89 -9.51 29.51
N ALA A 429 33.86 -10.08 30.23
CA ALA A 429 34.59 -9.34 31.22
C ALA A 429 35.68 -8.56 30.53
N VAL A 430 35.75 -7.28 30.84
CA VAL A 430 36.76 -6.39 30.27
C VAL A 430 37.55 -5.67 31.37
N THR A 431 38.86 -5.65 31.22
CA THR A 431 39.71 -4.82 32.07
C THR A 431 40.38 -3.72 31.24
N LEU A 432 39.95 -2.49 31.46
CA LEU A 432 40.48 -1.32 30.78
C LEU A 432 41.53 -0.66 31.66
N ARG A 433 42.75 -0.57 31.14
CA ARG A 433 43.82 0.07 31.85
C ARG A 433 44.25 1.22 30.99
N LEU A 434 43.88 2.42 31.41
CA LEU A 434 44.31 3.62 30.72
C LEU A 434 45.48 4.18 31.50
N ARG A 435 46.57 4.48 30.80
CA ARG A 435 47.73 5.08 31.46
C ARG A 435 48.24 6.24 30.65
N GLY A 436 49.23 6.96 31.19
CA GLY A 436 49.81 8.12 30.53
C GLY A 436 48.87 9.32 30.34
N VAL A 437 47.90 9.51 31.24
CA VAL A 437 47.04 10.71 31.18
C VAL A 437 47.87 11.94 31.58
N PRO A 438 48.04 12.89 30.66
CA PRO A 438 48.85 14.03 31.10
C PRO A 438 48.17 14.76 32.26
N PRO A 439 48.94 15.45 33.10
CA PRO A 439 48.35 16.20 34.20
C PRO A 439 47.53 17.37 33.66
N GLY A 440 46.49 17.76 34.38
CA GLY A 440 45.60 18.81 33.95
C GLY A 440 44.63 19.10 35.07
N PRO A 441 43.99 20.28 35.03
CA PRO A 441 43.05 20.62 36.09
C PRO A 441 41.76 19.78 36.00
N GLY A 442 41.19 19.47 37.16
CA GLY A 442 39.85 18.89 37.27
C GLY A 442 39.53 17.68 36.40
N LEU A 443 40.47 16.74 36.29
CA LEU A 443 40.32 15.60 35.42
C LEU A 443 39.21 14.69 35.87
N VAL A 444 38.24 14.46 34.99
CA VAL A 444 37.11 13.60 35.37
C VAL A 444 36.85 12.64 34.24
N TYR A 445 36.07 11.61 34.54
CA TYR A 445 35.66 10.70 33.50
C TYR A 445 34.18 10.38 33.67
N VAL A 446 33.53 10.23 32.52
CA VAL A 446 32.13 9.90 32.36
C VAL A 446 32.08 8.68 31.43
N THR A 447 31.18 7.75 31.73
CA THR A 447 30.95 6.58 30.89
C THR A 447 29.55 6.62 30.29
N ARG A 448 29.44 6.15 29.04
CA ARG A 448 28.17 5.93 28.38
C ARG A 448 28.08 4.49 27.86
N TYR A 449 26.95 3.85 28.12
CA TYR A 449 26.85 2.43 27.82
C TYR A 449 25.55 2.09 27.10
N LEU A 450 25.68 1.25 26.07
CA LEU A 450 24.54 0.79 25.27
C LEU A 450 24.49 -0.74 25.22
N ASP A 451 23.33 -1.31 25.53
CA ASP A 451 23.08 -2.72 25.20
C ASP A 451 21.61 -2.96 25.05
N ASN A 452 21.25 -4.19 24.71
CA ASN A 452 19.89 -4.49 24.32
C ASN A 452 18.92 -4.53 25.44
N GLY A 453 19.40 -4.75 26.66
CA GLY A 453 18.51 -4.76 27.81
C GLY A 453 18.18 -3.34 28.29
N LEU A 454 19.14 -2.44 28.25
CA LEU A 454 18.94 -1.14 28.88
C LEU A 454 18.53 -0.05 27.91
N CYS A 455 18.94 -0.16 26.66
CA CYS A 455 18.79 0.93 25.70
C CYS A 455 18.25 0.44 24.36
N SER A 456 17.15 -0.31 24.40
CA SER A 456 16.54 -0.71 23.16
C SER A 456 15.08 -0.29 23.07
N PRO A 457 14.77 0.77 22.30
CA PRO A 457 13.35 1.14 22.20
C PRO A 457 12.52 0.06 21.51
N ASP A 458 13.13 -0.71 20.62
CA ASP A 458 12.49 -1.88 20.03
C ASP A 458 12.07 -2.86 21.13
N GLY A 459 13.00 -3.14 22.05
CA GLY A 459 12.74 -4.00 23.20
C GLY A 459 11.59 -3.45 24.01
N GLU A 460 11.58 -2.14 24.26
CA GLU A 460 10.45 -1.56 24.98
C GLU A 460 9.14 -1.68 24.18
N TRP A 461 9.24 -1.51 22.86
CA TRP A 461 8.08 -1.64 22.02
C TRP A 461 7.55 -3.07 22.09
N ARG A 462 8.43 -4.07 22.07
CA ARG A 462 7.94 -5.46 22.14
C ARG A 462 7.36 -5.78 23.52
N ARG A 463 7.99 -5.27 24.59
CA ARG A 463 7.44 -5.47 25.92
C ARG A 463 6.05 -4.90 26.06
N LEU A 464 5.73 -3.87 25.29
CA LEU A 464 4.39 -3.29 25.34
C LEU A 464 3.41 -4.02 24.43
N GLY A 465 3.84 -5.10 23.80
CA GLY A 465 2.97 -5.85 22.89
C GLY A 465 2.93 -5.31 21.46
N ARG A 466 4.00 -4.60 21.03
CA ARG A 466 4.14 -4.15 19.67
C ARG A 466 2.95 -3.32 19.20
N PRO A 467 2.47 -2.37 20.01
CA PRO A 467 1.28 -1.63 19.58
C PRO A 467 1.53 -0.95 18.22
N VAL A 468 0.62 -1.16 17.28
CA VAL A 468 0.73 -0.62 15.93
C VAL A 468 0.64 0.90 15.94
N PHE A 469 -0.30 1.42 16.73
CA PHE A 469 -0.47 2.86 16.97
C PHE A 469 -0.24 3.12 18.46
N PRO A 470 1.04 3.18 18.89
CA PRO A 470 1.29 3.33 20.33
C PRO A 470 0.61 4.58 20.87
N THR A 471 0.22 4.55 22.15
CA THR A 471 -0.30 5.73 22.85
C THR A 471 0.86 6.68 23.19
N ALA A 472 0.51 7.92 23.52
CA ALA A 472 1.47 8.91 23.99
C ALA A 472 2.32 8.35 25.14
N GLU A 473 1.64 7.72 26.10
CA GLU A 473 2.29 7.14 27.26
C GLU A 473 3.28 6.08 26.79
N GLN A 474 2.85 5.23 25.87
CA GLN A 474 3.71 4.17 25.37
C GLN A 474 4.92 4.72 24.61
N PHE A 475 4.74 5.84 23.90
CA PHE A 475 5.91 6.47 23.26
C PHE A 475 6.90 6.98 24.30
N ARG A 476 6.41 7.54 25.41
CA ARG A 476 7.33 8.04 26.45
C ARG A 476 8.19 6.91 26.96
N ARG A 477 7.55 5.77 27.17
CA ARG A 477 8.20 4.60 27.66
C ARG A 477 9.23 4.11 26.65
N MET A 478 8.94 4.18 25.37
CA MET A 478 9.91 3.73 24.37
C MET A 478 11.13 4.64 24.29
N ARG A 479 10.90 5.94 24.44
CA ARG A 479 11.94 6.95 24.31
C ARG A 479 12.87 6.97 25.53
N ALA A 480 12.38 6.49 26.67
CA ALA A 480 13.20 6.43 27.84
C ALA A 480 14.34 5.46 27.62
N ALA A 481 14.30 4.71 26.54
CA ALA A 481 15.42 3.81 26.28
C ALA A 481 16.32 4.25 25.15
N GLU A 482 16.16 5.49 24.65
CA GLU A 482 17.01 5.96 23.51
C GLU A 482 18.48 6.23 23.88
N ASP A 483 18.72 6.79 25.05
CA ASP A 483 20.05 7.26 25.43
C ASP A 483 20.87 6.19 26.12
N PRO A 484 22.20 6.31 26.04
CA PRO A 484 23.04 5.32 26.75
C PRO A 484 22.82 5.51 28.22
N VAL A 485 23.11 4.50 29.02
CA VAL A 485 23.20 4.68 30.45
C VAL A 485 24.42 5.54 30.74
N ALA A 486 24.19 6.69 31.34
CA ALA A 486 25.26 7.61 31.67
C ALA A 486 25.64 7.51 33.15
N ALA A 487 26.93 7.52 33.45
CA ALA A 487 27.36 7.65 34.85
C ALA A 487 27.97 9.03 35.08
N ALA A 488 27.55 9.65 36.17
CA ALA A 488 27.97 11.00 36.53
C ALA A 488 29.49 11.12 36.57
N PRO A 489 30.01 12.32 36.28
CA PRO A 489 31.45 12.58 36.29
C PRO A 489 32.07 12.16 37.61
N ARG A 490 33.19 11.45 37.52
CA ARG A 490 33.97 11.05 38.70
C ARG A 490 35.39 11.59 38.51
N PRO A 491 36.00 12.13 39.57
CA PRO A 491 37.40 12.50 39.52
C PRO A 491 38.28 11.30 39.20
N LEU A 492 39.31 11.54 38.41
CA LEU A 492 40.30 10.52 38.11
C LEU A 492 41.07 10.27 39.39
N PRO A 493 41.58 9.03 39.57
CA PRO A 493 42.49 8.74 40.68
C PRO A 493 43.72 9.61 40.60
N ALA A 494 44.43 9.72 41.70
CA ALA A 494 45.71 10.41 41.69
C ALA A 494 46.68 9.62 40.83
N GLY A 495 47.54 10.30 40.09
CA GLY A 495 48.70 9.65 39.51
C GLY A 495 48.81 9.47 38.02
N GLY A 496 47.70 9.56 37.30
CA GLY A 496 47.78 9.45 35.83
C GLY A 496 47.20 8.21 35.18
N ARG A 497 46.48 7.39 35.96
CA ARG A 497 46.06 6.05 35.54
C ARG A 497 44.62 5.81 35.90
N LEU A 498 43.89 5.17 35.00
CA LEU A 498 42.52 4.81 35.29
C LEU A 498 42.29 3.36 34.91
N THR A 499 41.73 2.57 35.79
CA THR A 499 41.49 1.20 35.47
C THR A 499 40.06 0.85 35.78
N LEU A 500 39.35 0.28 34.81
CA LEU A 500 37.96 -0.09 35.02
C LEU A 500 37.72 -1.56 34.64
N ARG A 501 36.72 -2.17 35.26
CA ARG A 501 36.39 -3.56 34.98
C ARG A 501 34.91 -3.67 34.65
N PRO A 502 34.49 -3.18 33.48
CA PRO A 502 33.07 -3.28 33.17
C PRO A 502 32.73 -4.66 32.63
N ALA A 503 31.47 -5.07 32.80
CA ALA A 503 30.98 -6.30 32.21
C ALA A 503 30.14 -5.91 31.01
N LEU A 504 30.62 -6.27 29.81
CA LEU A 504 29.92 -5.94 28.56
C LEU A 504 29.00 -7.05 28.09
N ARG A 505 27.91 -6.68 27.45
CA ARG A 505 27.03 -7.68 26.89
C ARG A 505 27.38 -7.81 25.44
N LEU A 506 26.77 -8.76 24.76
CA LEU A 506 27.08 -9.02 23.37
C LEU A 506 25.78 -8.97 22.56
N PRO A 507 25.47 -7.82 21.94
CA PRO A 507 26.33 -6.63 21.72
C PRO A 507 26.28 -5.57 22.82
N SER A 508 27.28 -4.69 22.86
CA SER A 508 27.19 -3.48 23.67
C SER A 508 28.24 -2.51 23.18
N LEU A 509 28.10 -1.25 23.59
CA LEU A 509 29.11 -0.25 23.32
C LEU A 509 29.39 0.49 24.62
N LEU A 510 30.66 0.76 24.88
CA LEU A 510 30.99 1.54 26.05
C LEU A 510 31.95 2.66 25.68
N LEU A 511 31.52 3.88 25.96
CA LEU A 511 32.40 5.01 25.75
C LEU A 511 32.87 5.54 27.08
N VAL A 512 34.17 5.64 27.25
CA VAL A 512 34.74 6.21 28.47
C VAL A 512 35.34 7.56 28.08
N HIS A 513 34.79 8.65 28.62
CA HIS A 513 35.22 10.01 28.27
C HIS A 513 36.03 10.61 29.44
N VAL A 514 37.26 11.02 29.20
CA VAL A 514 38.15 11.59 30.23
C VAL A 514 38.47 13.04 29.85
N CYS A 515 38.10 13.99 30.71
CA CYS A 515 38.29 15.37 30.34
C CYS A 515 38.97 16.16 31.43
N ALA A 516 39.85 17.04 31.01
CA ALA A 516 40.38 18.07 31.88
C ALA A 516 39.45 19.31 31.79
N ARG A 517 39.40 20.10 32.86
CA ARG A 517 38.45 21.22 32.97
C ARG A 517 38.89 22.44 32.15
N PRO A 518 38.14 22.82 31.11
CA PRO A 518 38.49 24.10 30.46
C PRO A 518 38.29 25.28 31.43
N GLU A 519 39.07 26.33 31.23
CA GLU A 519 39.00 27.49 32.08
C GLU A 519 37.62 28.13 32.01
N LYS A 520 37.09 28.24 30.80
CA LYS A 520 35.80 28.87 30.54
C LYS A 520 34.68 27.81 30.46
N PRO A 521 33.46 28.18 30.88
CA PRO A 521 32.28 27.36 30.70
C PRO A 521 31.85 27.24 29.22
N PRO A 522 30.90 26.36 28.92
CA PRO A 522 30.44 26.17 27.54
C PRO A 522 29.86 27.42 26.82
N GLY A 523 29.81 27.36 25.50
CA GLY A 523 29.17 28.40 24.72
C GLY A 523 27.66 28.25 24.68
N GLN A 524 27.03 29.13 23.90
CA GLN A 524 25.59 29.22 23.77
C GLN A 524 24.98 28.20 22.78
N VAL A 525 23.82 27.67 23.12
CA VAL A 525 23.07 26.86 22.19
C VAL A 525 22.45 27.79 21.15
N THR A 526 22.52 27.42 19.87
CA THR A 526 21.92 28.27 18.86
C THR A 526 20.91 27.49 18.04
N ARG A 527 20.09 28.24 17.30
CA ARG A 527 19.21 27.67 16.27
C ARG A 527 18.13 26.77 16.84
N LEU A 528 17.59 27.18 17.97
CA LEU A 528 16.57 26.37 18.61
C LEU A 528 15.29 26.45 17.76
N ARG A 529 14.69 25.30 17.46
CA ARG A 529 13.39 25.25 16.76
C ARG A 529 12.42 24.35 17.55
N ALA A 530 11.15 24.75 17.54
CA ALA A 530 10.07 23.94 18.08
C ALA A 530 9.16 23.58 16.91
N LEU A 531 9.03 22.27 16.63
CA LEU A 531 8.21 21.72 15.53
C LEU A 531 7.04 20.90 16.06
N PRO A 532 5.81 21.20 15.60
CA PRO A 532 4.62 20.46 16.08
C PRO A 532 4.72 18.96 15.85
N LEU A 533 4.26 18.15 16.80
CA LEU A 533 4.08 16.74 16.46
C LEU A 533 2.61 16.39 16.31
N THR A 534 1.81 16.87 17.26
CA THR A 534 0.40 16.51 17.42
C THR A 534 -0.04 17.25 18.67
N GLN A 535 -1.34 17.35 18.91
CA GLN A 535 -1.84 18.03 20.10
C GLN A 535 -1.10 17.46 21.32
N GLY A 536 -0.43 18.35 22.09
CA GLY A 536 0.27 17.96 23.32
C GLY A 536 1.76 17.63 23.18
N GLN A 537 2.29 17.72 21.96
CA GLN A 537 3.66 17.31 21.70
C GLN A 537 4.37 18.16 20.65
N LEU A 538 5.67 18.33 20.87
CA LEU A 538 6.54 18.98 19.92
C LEU A 538 7.96 18.45 20.05
N VAL A 539 8.75 18.71 19.03
CA VAL A 539 10.15 18.37 19.03
C VAL A 539 10.90 19.68 19.11
N LEU A 540 11.91 19.72 19.98
CA LEU A 540 12.86 20.80 20.08
C LEU A 540 14.12 20.30 19.43
N VAL A 541 14.72 21.14 18.60
CA VAL A 541 15.97 20.76 17.97
C VAL A 541 16.88 21.99 17.96
N TRP A 542 18.18 21.77 18.04
CA TRP A 542 19.09 22.91 18.14
C TRP A 542 20.45 22.59 17.62
N SER A 543 21.32 23.61 17.55
CA SER A 543 22.67 23.44 17.11
C SER A 543 23.68 23.56 18.26
N ASP A 544 24.75 22.78 18.16
CA ASP A 544 25.80 22.86 19.13
C ASP A 544 27.05 23.53 18.55
N GLU A 545 26.92 24.11 17.37
CA GLU A 545 28.04 24.85 16.71
C GLU A 545 28.88 25.79 17.60
N HIS A 546 28.26 26.53 18.50
CA HIS A 546 29.00 27.48 19.32
C HIS A 546 29.16 27.03 20.76
N VAL A 547 28.86 25.76 21.04
CA VAL A 547 28.97 25.26 22.41
C VAL A 547 30.42 25.05 22.84
N GLY A 548 31.28 24.74 21.87
CA GLY A 548 32.69 24.54 22.17
C GLY A 548 32.96 23.10 22.59
N SER A 549 33.35 22.92 23.85
CA SER A 549 33.85 21.65 24.37
C SER A 549 32.86 20.47 24.21
N LYS A 550 33.41 19.27 24.04
CA LYS A 550 32.63 18.04 23.90
C LYS A 550 32.34 17.43 25.27
N CYS A 551 32.86 18.05 26.32
CA CYS A 551 32.68 17.50 27.66
C CYS A 551 31.35 17.95 28.23
N LEU A 552 30.26 17.45 27.64
CA LEU A 552 28.92 17.85 27.99
C LEU A 552 28.18 16.76 28.68
N TRP A 553 27.53 17.09 29.78
CA TRP A 553 26.70 16.13 30.49
C TRP A 553 25.28 16.02 29.87
N THR A 554 24.62 17.15 29.64
CA THR A 554 23.29 17.14 29.03
C THR A 554 22.99 18.56 28.57
N TYR A 555 21.83 18.76 27.95
CA TYR A 555 21.28 20.08 27.66
C TYR A 555 20.10 20.30 28.58
N GLU A 556 20.09 21.42 29.30
CA GLU A 556 18.97 21.69 30.20
C GLU A 556 17.91 22.43 29.40
N ILE A 557 16.73 21.85 29.28
CA ILE A 557 15.63 22.51 28.60
C ILE A 557 14.71 23.15 29.62
N GLN A 558 14.35 24.40 29.39
CA GLN A 558 13.42 25.08 30.33
C GLN A 558 12.20 25.57 29.58
N PHE A 559 11.08 25.58 30.27
CA PHE A 559 9.79 25.89 29.67
C PHE A 559 9.09 26.94 30.50
N SER A 560 8.52 27.93 29.83
CA SER A 560 7.78 28.97 30.52
C SER A 560 6.42 29.11 29.89
N GLN A 561 5.37 28.80 30.62
CA GLN A 561 4.02 29.11 30.14
C GLN A 561 3.46 30.34 30.82
N ASP A 562 2.89 31.26 30.03
CA ASP A 562 2.22 32.47 30.58
C ASP A 562 3.19 33.54 31.07
N GLY A 563 4.36 33.66 30.44
CA GLY A 563 5.37 34.58 30.95
C GLY A 563 5.88 34.22 32.34
N LYS A 564 5.21 33.28 33.00
CA LYS A 564 5.65 32.71 34.28
C LYS A 564 7.09 32.12 34.23
N ALA A 565 7.75 32.09 35.38
CA ALA A 565 9.13 31.63 35.51
C ALA A 565 9.47 30.39 34.68
N TYR A 566 10.65 30.37 34.06
CA TYR A 566 11.10 29.20 33.34
C TYR A 566 11.29 28.02 34.28
N THR A 567 10.91 26.81 33.85
CA THR A 567 11.02 25.62 34.70
C THR A 567 11.72 24.48 33.94
N PRO A 568 12.74 23.85 34.57
CA PRO A 568 13.51 22.79 33.90
C PRO A 568 12.61 21.65 33.51
N VAL A 569 12.83 21.10 32.33
CA VAL A 569 12.14 19.88 31.92
C VAL A 569 12.94 18.68 32.40
N SER A 570 12.36 17.91 33.31
CA SER A 570 13.04 16.70 33.82
C SER A 570 13.14 15.60 32.76
N ARG A 571 14.32 15.01 32.62
CA ARG A 571 14.54 13.99 31.60
C ARG A 571 15.93 13.33 31.76
N LYS A 572 16.10 12.18 31.12
CA LYS A 572 17.41 11.53 31.03
C LYS A 572 18.51 12.48 30.55
N PRO A 573 19.74 12.30 31.06
CA PRO A 573 20.88 13.01 30.48
C PRO A 573 21.02 12.61 29.00
N SER A 574 21.33 13.59 28.16
CA SER A 574 21.43 13.31 26.74
C SER A 574 22.24 14.38 26.06
N THR A 575 23.13 13.97 25.17
CA THR A 575 23.87 14.93 24.36
C THR A 575 23.30 14.99 22.95
N PHE A 576 22.22 14.28 22.69
CA PHE A 576 21.55 14.37 21.38
C PHE A 576 20.85 15.74 21.21
N ASN A 577 21.09 16.41 20.07
CA ASN A 577 20.62 17.80 19.88
C ASN A 577 19.16 17.96 19.52
N LEU A 578 18.33 17.08 20.06
CA LEU A 578 16.91 17.08 19.77
C LEU A 578 16.17 16.41 20.93
N PHE A 579 14.95 16.88 21.26
CA PHE A 579 14.16 16.24 22.31
C PHE A 579 12.69 16.33 21.98
N VAL A 580 12.00 15.21 22.08
CA VAL A 580 10.56 15.22 21.97
C VAL A 580 9.96 15.56 23.34
N PHE A 581 9.23 16.66 23.38
CA PHE A 581 8.57 17.12 24.57
C PHE A 581 7.09 16.74 24.53
N SER A 582 6.71 15.81 25.39
CA SER A 582 5.38 15.24 25.44
C SER A 582 4.98 15.14 26.90
N PRO A 583 4.63 16.29 27.53
CA PRO A 583 4.27 16.34 28.96
C PRO A 583 2.94 15.64 29.15
N ASP A 584 2.77 15.04 30.33
CA ASP A 584 1.54 14.34 30.71
C ASP A 584 0.32 15.29 30.74
N THR A 585 0.53 16.57 31.00
CA THR A 585 -0.59 17.50 31.04
C THR A 585 -0.98 17.95 29.62
N GLY A 586 -0.13 17.66 28.64
CA GLY A 586 -0.35 18.15 27.29
C GLY A 586 -0.03 19.63 27.11
N ALA A 587 0.49 20.28 28.15
CA ALA A 587 0.68 21.74 28.10
C ALA A 587 2.03 22.10 27.46
N VAL A 588 1.99 22.55 26.20
CA VAL A 588 3.21 22.83 25.45
C VAL A 588 3.37 24.25 24.92
N SER A 589 2.33 25.08 25.05
CA SER A 589 2.35 26.51 24.60
C SER A 589 3.08 27.43 25.57
N GLY A 590 4.05 28.20 25.09
CA GLY A 590 4.82 29.06 25.98
C GLY A 590 6.14 29.36 25.32
N SER A 591 7.21 29.53 26.09
CA SER A 591 8.55 29.70 25.54
C SER A 591 9.53 28.65 26.04
N TYR A 592 10.52 28.37 25.20
CA TYR A 592 11.55 27.37 25.51
C TYR A 592 12.90 28.00 25.32
N ARG A 593 13.83 27.49 26.09
CA ARG A 593 15.22 27.87 26.00
C ARG A 593 16.06 26.68 26.48
N VAL A 594 17.24 26.55 25.89
CA VAL A 594 18.09 25.39 26.12
C VAL A 594 19.54 25.82 26.36
N ARG A 595 20.20 25.25 27.37
CA ARG A 595 21.61 25.53 27.54
C ARG A 595 22.42 24.26 27.79
N ALA A 596 23.70 24.31 27.47
CA ALA A 596 24.63 23.20 27.71
C ALA A 596 25.05 23.16 29.18
N LEU A 597 25.12 21.96 29.77
CA LEU A 597 25.70 21.76 31.08
C LEU A 597 26.90 20.84 30.95
N ASP A 598 28.06 21.28 31.48
CA ASP A 598 29.29 20.52 31.30
C ASP A 598 29.54 19.51 32.43
N TYR A 599 30.69 18.85 32.42
CA TYR A 599 31.01 17.82 33.42
C TYR A 599 31.28 18.36 34.81
N TRP A 600 31.36 19.70 34.96
CA TRP A 600 31.66 20.34 36.25
C TRP A 600 30.46 21.17 36.70
N ALA A 601 29.31 20.81 36.15
CA ALA A 601 28.06 21.47 36.52
C ALA A 601 28.07 22.97 36.15
N ARG A 602 28.87 23.38 35.17
CA ARG A 602 28.76 24.74 34.69
C ARG A 602 27.84 24.81 33.49
N PRO A 603 26.91 25.77 33.48
CA PRO A 603 26.03 26.03 32.33
C PRO A 603 26.70 26.95 31.32
N GLY A 604 26.37 26.82 30.04
CA GLY A 604 26.73 27.85 29.06
C GLY A 604 25.52 28.79 29.05
N PRO A 605 25.55 29.84 28.23
CA PRO A 605 24.37 30.73 28.26
C PRO A 605 23.17 30.09 27.54
N PHE A 606 21.98 30.44 27.98
CA PHE A 606 20.75 30.04 27.26
C PHE A 606 20.69 30.47 25.79
N SER A 607 20.08 29.62 24.97
CA SER A 607 19.67 30.01 23.63
C SER A 607 18.70 31.21 23.77
N ASP A 608 18.52 31.98 22.68
CA ASP A 608 17.36 32.87 22.63
C ASP A 608 16.11 32.05 22.95
N PRO A 609 15.13 32.67 23.61
CA PRO A 609 13.88 31.94 23.86
C PRO A 609 13.13 31.77 22.56
N VAL A 610 12.29 30.75 22.51
CA VAL A 610 11.58 30.38 21.31
C VAL A 610 10.12 30.21 21.64
N PRO A 611 9.28 31.06 21.06
CA PRO A 611 7.88 31.00 21.42
C PRO A 611 7.24 29.84 20.68
N TYR A 612 6.25 29.21 21.33
CA TYR A 612 5.46 28.19 20.68
C TYR A 612 4.02 28.32 21.10
N LEU A 613 3.15 28.39 20.11
CA LEU A 613 1.74 28.46 20.39
C LEU A 613 1.08 27.36 19.59
N GLU A 614 0.47 26.42 20.30
CA GLU A 614 -0.24 25.30 19.66
C GLU A 614 -1.50 25.76 18.89
N VAL A 615 -1.59 25.42 17.60
CA VAL A 615 -2.80 25.70 16.79
C VAL A 615 -3.90 24.65 17.08
N PRO A 616 -5.03 25.07 17.68
CA PRO A 616 -5.96 24.09 18.28
C PRO A 616 -6.94 23.45 17.30
N GLU B 1 -12.38 12.42 -32.45
CA GLU B 1 -12.36 13.90 -32.26
C GLU B 1 -13.58 14.63 -32.88
N ALA B 2 -14.45 13.88 -33.55
CA ALA B 2 -15.80 14.37 -33.82
C ALA B 2 -16.68 13.71 -32.74
N PRO B 3 -17.59 14.48 -32.13
CA PRO B 3 -18.36 13.91 -31.01
C PRO B 3 -19.10 12.60 -31.34
N HIS B 4 -19.27 11.75 -30.33
CA HIS B 4 -20.19 10.64 -30.44
C HIS B 4 -21.58 11.21 -30.26
N LEU B 5 -22.49 10.87 -31.16
CA LEU B 5 -23.88 11.27 -31.05
C LEU B 5 -24.61 10.06 -30.60
N VAL B 6 -25.54 10.26 -29.68
CA VAL B 6 -26.35 9.21 -29.14
C VAL B 6 -27.81 9.66 -29.25
N HIS B 7 -28.58 9.00 -30.12
CA HIS B 7 -29.99 9.31 -30.33
C HIS B 7 -30.80 8.25 -29.63
N VAL B 8 -31.71 8.69 -28.76
CA VAL B 8 -32.65 7.79 -28.17
C VAL B 8 -34.08 8.23 -28.47
N ASP B 9 -34.90 7.30 -28.98
CA ASP B 9 -36.28 7.63 -29.34
C ASP B 9 -37.26 7.02 -28.36
N ALA B 10 -37.76 7.85 -27.44
CA ALA B 10 -38.64 7.34 -26.37
C ALA B 10 -40.07 6.96 -26.79
N ALA B 11 -40.39 7.18 -28.06
CA ALA B 11 -41.70 6.83 -28.59
C ALA B 11 -41.71 5.42 -29.16
N ARG B 12 -40.51 4.95 -29.54
CA ARG B 12 -40.31 3.62 -30.14
C ARG B 12 -39.88 2.55 -29.13
N ALA B 13 -40.83 2.00 -28.39
CA ALA B 13 -40.58 0.84 -27.55
C ALA B 13 -40.57 -0.42 -28.42
N LEU B 14 -39.38 -0.86 -28.79
CA LEU B 14 -39.20 -1.96 -29.75
C LEU B 14 -39.62 -3.37 -29.33
N TRP B 15 -39.24 -3.79 -28.13
CA TRP B 15 -39.43 -5.19 -27.66
C TRP B 15 -39.07 -5.30 -26.16
N PRO B 16 -39.30 -6.48 -25.57
CA PRO B 16 -38.89 -6.69 -24.19
C PRO B 16 -37.41 -6.46 -23.93
N LEU B 17 -37.11 -5.96 -22.73
CA LEU B 17 -35.76 -5.97 -22.18
C LEU B 17 -35.84 -6.77 -20.89
N ARG B 18 -35.20 -7.92 -20.90
CA ARG B 18 -35.12 -8.70 -19.67
C ARG B 18 -33.86 -8.34 -18.88
N ARG B 19 -33.99 -8.24 -17.57
CA ARG B 19 -32.82 -8.02 -16.74
C ARG B 19 -32.17 -9.38 -16.53
N PHE B 20 -31.46 -9.81 -17.57
CA PHE B 20 -30.94 -11.15 -17.66
C PHE B 20 -29.58 -11.32 -16.98
N TRP B 21 -29.06 -10.24 -16.41
CA TRP B 21 -27.72 -10.22 -15.86
C TRP B 21 -27.69 -10.26 -14.29
N ARG B 22 -28.80 -10.57 -13.64
CA ARG B 22 -28.92 -10.29 -12.19
C ARG B 22 -28.41 -11.46 -11.34
N SER B 23 -27.13 -11.77 -11.51
CA SER B 23 -26.58 -12.99 -10.93
C SER B 23 -25.15 -12.74 -10.54
N THR B 24 -24.75 -13.33 -9.42
CA THR B 24 -23.33 -13.38 -9.10
C THR B 24 -22.99 -14.81 -8.68
N GLY B 25 -21.75 -15.03 -8.22
CA GLY B 25 -21.36 -16.33 -7.73
C GLY B 25 -20.01 -16.39 -7.04
N PHE B 26 -19.74 -17.52 -6.41
CA PHE B 26 -18.41 -17.73 -5.82
C PHE B 26 -18.21 -19.18 -5.46
N CYS B 27 -16.96 -19.46 -5.08
CA CYS B 27 -16.52 -20.80 -4.71
C CYS B 27 -15.80 -20.68 -3.36
N PRO B 28 -16.21 -21.49 -2.37
CA PRO B 28 -15.43 -21.51 -1.14
C PRO B 28 -14.02 -22.09 -1.35
N PRO B 29 -13.04 -21.62 -0.56
CA PRO B 29 -11.67 -22.05 -0.78
C PRO B 29 -11.38 -23.48 -0.19
N LEU B 30 -10.22 -24.05 -0.49
CA LEU B 30 -9.81 -25.33 0.13
C LEU B 30 -9.67 -25.18 1.65
N PRO B 31 -9.99 -26.23 2.44
CA PRO B 31 -10.61 -27.48 2.00
C PRO B 31 -12.12 -27.27 1.87
N HIS B 32 -12.73 -27.88 0.88
CA HIS B 32 -14.16 -27.72 0.66
C HIS B 32 -15.00 -28.18 1.84
N SER B 33 -14.48 -29.12 2.61
CA SER B 33 -15.24 -29.68 3.72
C SER B 33 -15.53 -28.62 4.76
N GLN B 34 -14.75 -27.53 4.77
CA GLN B 34 -14.97 -26.43 5.72
C GLN B 34 -15.67 -25.22 5.11
N ALA B 35 -16.46 -25.47 4.07
CA ALA B 35 -17.16 -24.40 3.37
C ALA B 35 -18.04 -23.61 4.33
N ASP B 36 -18.58 -24.29 5.34
CA ASP B 36 -19.44 -23.65 6.32
C ASP B 36 -18.78 -22.46 7.00
N GLN B 37 -17.47 -22.57 7.19
CA GLN B 37 -16.73 -21.52 7.88
C GLN B 37 -16.61 -20.28 7.02
N TYR B 38 -16.46 -20.51 5.72
CA TYR B 38 -16.39 -19.43 4.76
C TYR B 38 -17.76 -18.82 4.44
N VAL B 39 -18.83 -19.62 4.34
CA VAL B 39 -20.12 -19.08 3.86
C VAL B 39 -21.01 -18.53 4.98
N LEU B 40 -20.67 -18.84 6.24
CA LEU B 40 -21.47 -18.43 7.41
C LEU B 40 -20.77 -17.38 8.27
N SER B 41 -19.52 -17.07 7.91
CA SER B 41 -18.72 -16.11 8.66
C SER B 41 -19.39 -14.74 8.64
N TRP B 42 -19.04 -13.92 9.61
CA TRP B 42 -19.49 -12.55 9.62
C TRP B 42 -19.06 -11.81 8.31
N ASP B 43 -17.90 -12.15 7.77
CA ASP B 43 -17.43 -11.54 6.55
C ASP B 43 -18.48 -11.80 5.48
N GLN B 44 -18.94 -13.04 5.38
CA GLN B 44 -19.88 -13.41 4.33
C GLN B 44 -21.21 -12.75 4.60
N GLN B 45 -21.56 -12.64 5.87
CA GLN B 45 -22.84 -12.04 6.19
C GLN B 45 -22.87 -10.57 5.74
N LEU B 46 -21.75 -9.86 5.90
CA LEU B 46 -21.64 -8.49 5.42
C LEU B 46 -21.68 -8.46 3.88
N ASN B 47 -20.95 -9.38 3.27
CA ASN B 47 -20.84 -9.45 1.83
C ASN B 47 -22.23 -9.58 1.21
N LEU B 48 -22.96 -10.58 1.67
CA LEU B 48 -24.30 -10.86 1.14
C LEU B 48 -25.26 -9.72 1.46
N ALA B 49 -25.03 -8.98 2.55
CA ALA B 49 -25.85 -7.76 2.73
C ALA B 49 -25.52 -6.72 1.65
N TYR B 50 -24.24 -6.57 1.31
CA TYR B 50 -23.92 -5.67 0.22
C TYR B 50 -24.56 -6.14 -1.10
N VAL B 51 -24.42 -7.43 -1.42
CA VAL B 51 -25.02 -7.98 -2.65
C VAL B 51 -26.56 -7.77 -2.69
N GLY B 52 -27.22 -8.07 -1.58
CA GLY B 52 -28.67 -7.93 -1.50
C GLY B 52 -29.15 -6.49 -1.53
N ALA B 53 -28.22 -5.55 -1.35
CA ALA B 53 -28.64 -4.14 -1.21
C ALA B 53 -28.69 -3.39 -2.53
N VAL B 54 -28.24 -4.04 -3.59
CA VAL B 54 -28.41 -3.44 -4.91
C VAL B 54 -29.89 -3.21 -5.11
N PRO B 55 -30.29 -1.98 -5.46
CA PRO B 55 -31.75 -1.73 -5.41
C PRO B 55 -32.55 -2.48 -6.48
N HIS B 56 -33.86 -2.57 -6.29
CA HIS B 56 -34.79 -3.20 -7.24
C HIS B 56 -34.36 -4.61 -7.70
N ARG B 57 -33.91 -5.42 -6.74
CA ARG B 57 -33.57 -6.81 -7.00
C ARG B 57 -32.47 -6.91 -8.06
N GLY B 58 -31.53 -5.96 -8.04
CA GLY B 58 -30.52 -5.81 -9.08
C GLY B 58 -29.56 -7.00 -9.17
N ILE B 59 -29.44 -7.76 -8.08
CA ILE B 59 -28.76 -9.05 -8.12
C ILE B 59 -29.67 -10.00 -7.38
N LYS B 60 -29.96 -11.13 -7.99
CA LYS B 60 -31.02 -11.98 -7.50
C LYS B 60 -30.47 -13.38 -7.10
N GLN B 61 -29.44 -13.82 -7.78
CA GLN B 61 -28.98 -15.20 -7.65
C GLN B 61 -27.54 -15.16 -7.21
N VAL B 62 -27.17 -16.02 -6.27
CA VAL B 62 -25.77 -16.24 -5.90
C VAL B 62 -25.40 -17.71 -6.18
N ARG B 63 -24.66 -17.93 -7.25
CA ARG B 63 -24.35 -19.28 -7.70
C ARG B 63 -23.17 -19.73 -6.89
N THR B 64 -23.44 -20.69 -6.00
CA THR B 64 -22.50 -21.11 -4.98
C THR B 64 -22.01 -22.57 -5.13
N HIS B 65 -20.69 -22.78 -5.23
CA HIS B 65 -20.14 -24.14 -5.33
C HIS B 65 -20.09 -24.85 -3.99
N TRP B 66 -19.98 -26.19 -4.05
CA TRP B 66 -19.78 -27.02 -2.88
C TRP B 66 -20.90 -26.94 -1.83
N LEU B 67 -22.12 -26.62 -2.26
CA LEU B 67 -23.24 -26.54 -1.34
C LEU B 67 -23.49 -27.87 -0.60
N LEU B 68 -23.24 -29.00 -1.25
CA LEU B 68 -23.50 -30.26 -0.57
C LEU B 68 -22.32 -30.73 0.28
N GLU B 69 -21.36 -29.84 0.50
CA GLU B 69 -20.42 -29.99 1.61
C GLU B 69 -20.98 -29.29 2.85
N LEU B 70 -22.12 -28.61 2.73
CA LEU B 70 -22.77 -28.04 3.89
C LEU B 70 -23.72 -29.06 4.56
N VAL B 71 -23.70 -30.29 4.06
CA VAL B 71 -24.54 -31.34 4.59
C VAL B 71 -23.66 -32.48 5.06
N THR B 72 -23.91 -32.97 6.26
CA THR B 72 -23.22 -34.13 6.82
C THR B 72 -24.09 -35.36 6.84
N THR B 73 -23.46 -36.52 6.84
CA THR B 73 -24.22 -37.74 6.98
C THR B 73 -23.75 -38.46 8.21
N ARG B 74 -24.70 -39.10 8.87
CA ARG B 74 -24.43 -40.05 9.95
C ARG B 74 -24.98 -41.43 9.53
N GLY B 75 -24.42 -42.49 10.11
CA GLY B 75 -24.82 -43.85 9.80
C GLY B 75 -24.14 -44.35 8.54
N SER B 76 -24.75 -45.34 7.88
CA SER B 76 -24.24 -45.83 6.59
C SER B 76 -25.30 -46.57 5.79
N THR B 77 -24.96 -46.96 4.57
CA THR B 77 -25.85 -47.71 3.69
C THR B 77 -26.51 -48.91 4.38
N GLY B 78 -25.67 -49.77 4.96
CA GLY B 78 -26.11 -51.01 5.62
C GLY B 78 -26.87 -50.87 6.92
N ARG B 79 -26.77 -49.71 7.57
CA ARG B 79 -27.44 -49.46 8.86
C ARG B 79 -28.64 -48.49 8.80
N GLY B 80 -28.50 -47.44 7.99
CA GLY B 80 -29.50 -46.38 7.93
C GLY B 80 -28.82 -45.04 7.78
N LEU B 81 -29.24 -44.30 6.75
CA LEU B 81 -28.54 -43.09 6.36
C LEU B 81 -29.37 -41.87 6.71
N SER B 82 -28.78 -40.92 7.41
CA SER B 82 -29.48 -39.63 7.53
C SER B 82 -28.54 -38.44 7.45
N TYR B 83 -29.12 -37.27 7.24
CA TYR B 83 -28.31 -36.10 6.90
C TYR B 83 -28.53 -34.99 7.89
N ASN B 84 -27.48 -34.24 8.17
CA ASN B 84 -27.60 -33.10 9.02
C ASN B 84 -27.51 -31.89 8.09
N PHE B 85 -28.61 -31.15 8.03
CA PHE B 85 -28.73 -30.04 7.13
C PHE B 85 -28.43 -28.68 7.73
N THR B 86 -27.95 -28.65 8.97
CA THR B 86 -27.75 -27.37 9.70
C THR B 86 -26.95 -26.28 8.98
N HIS B 87 -25.80 -26.59 8.43
CA HIS B 87 -25.05 -25.55 7.74
C HIS B 87 -25.69 -25.10 6.44
N LEU B 88 -26.26 -26.04 5.69
CA LEU B 88 -26.98 -25.66 4.47
C LEU B 88 -28.15 -24.74 4.81
N ASP B 89 -28.92 -25.09 5.83
CA ASP B 89 -30.02 -24.25 6.33
C ASP B 89 -29.51 -22.84 6.61
N GLY B 90 -28.34 -22.77 7.23
CA GLY B 90 -27.78 -21.51 7.68
C GLY B 90 -27.46 -20.63 6.48
N TYR B 91 -26.79 -21.21 5.48
CA TYR B 91 -26.44 -20.46 4.28
C TYR B 91 -27.68 -20.01 3.49
N LEU B 92 -28.59 -20.93 3.18
CA LEU B 92 -29.83 -20.58 2.48
C LEU B 92 -30.66 -19.55 3.26
N ASP B 93 -30.72 -19.65 4.60
CA ASP B 93 -31.42 -18.60 5.38
C ASP B 93 -30.72 -17.27 5.22
N LEU B 94 -29.39 -17.31 5.22
CA LEU B 94 -28.60 -16.09 5.00
C LEU B 94 -28.97 -15.50 3.64
N LEU B 95 -28.99 -16.35 2.60
CA LEU B 95 -29.47 -15.89 1.28
C LEU B 95 -30.88 -15.28 1.38
N ARG B 96 -31.82 -16.03 1.94
CA ARG B 96 -33.22 -15.59 2.02
C ARG B 96 -33.34 -14.25 2.78
N GLU B 97 -32.58 -14.10 3.87
CA GLU B 97 -32.60 -12.86 4.64
C GLU B 97 -32.26 -11.65 3.75
N ASN B 98 -31.38 -11.86 2.77
CA ASN B 98 -30.96 -10.79 1.90
C ASN B 98 -31.72 -10.71 0.58
N GLN B 99 -32.87 -11.38 0.51
CA GLN B 99 -33.65 -11.47 -0.73
C GLN B 99 -32.82 -12.02 -1.90
N LEU B 100 -32.00 -13.02 -1.62
CA LEU B 100 -31.22 -13.66 -2.68
C LEU B 100 -31.65 -15.12 -2.83
N LEU B 101 -31.42 -15.69 -4.01
CA LEU B 101 -31.72 -17.08 -4.32
C LEU B 101 -30.38 -17.78 -4.61
N PRO B 102 -30.25 -19.06 -4.23
CA PRO B 102 -29.05 -19.82 -4.57
C PRO B 102 -29.04 -20.26 -6.03
N GLY B 103 -27.94 -20.02 -6.73
CA GLY B 103 -27.70 -20.80 -7.93
C GLY B 103 -27.32 -22.13 -7.33
N PHE B 104 -28.26 -23.07 -7.30
CA PHE B 104 -28.06 -24.25 -6.49
C PHE B 104 -27.38 -25.38 -7.23
N GLU B 105 -26.07 -25.36 -7.28
CA GLU B 105 -25.33 -26.46 -7.91
C GLU B 105 -25.35 -27.69 -7.04
N LEU B 106 -25.78 -28.82 -7.60
CA LEU B 106 -25.85 -30.06 -6.84
C LEU B 106 -24.46 -30.66 -6.72
N MET B 107 -23.67 -30.03 -5.85
CA MET B 107 -22.24 -30.21 -5.90
C MET B 107 -21.66 -30.47 -4.51
N GLY B 108 -20.97 -31.60 -4.34
CA GLY B 108 -20.44 -32.00 -3.04
C GLY B 108 -20.65 -33.48 -2.73
N SER B 109 -20.04 -33.93 -1.65
CA SER B 109 -20.00 -35.36 -1.37
C SER B 109 -20.75 -35.76 -0.11
N ALA B 110 -21.42 -34.78 0.50
CA ALA B 110 -22.08 -34.91 1.80
C ALA B 110 -21.09 -35.45 2.84
N SER B 111 -20.02 -34.69 3.01
CA SER B 111 -18.92 -35.01 3.90
C SER B 111 -18.35 -36.39 3.68
N GLY B 112 -18.08 -36.71 2.42
CA GLY B 112 -17.36 -37.91 2.06
C GLY B 112 -18.19 -39.17 1.83
N HIS B 113 -19.50 -39.10 2.00
CA HIS B 113 -20.33 -40.29 1.74
C HIS B 113 -20.36 -40.72 0.27
N PHE B 114 -20.61 -39.80 -0.65
CA PHE B 114 -20.63 -40.17 -2.06
C PHE B 114 -19.25 -40.21 -2.63
N THR B 115 -18.92 -41.33 -3.30
CA THR B 115 -17.62 -41.51 -3.91
C THR B 115 -17.66 -42.09 -5.35
N ASP B 116 -18.80 -42.62 -5.78
CA ASP B 116 -18.81 -43.32 -7.05
C ASP B 116 -20.18 -43.31 -7.69
N PHE B 117 -20.33 -42.59 -8.79
CA PHE B 117 -21.63 -42.53 -9.46
C PHE B 117 -21.90 -43.62 -10.50
N GLU B 118 -21.08 -44.67 -10.50
CA GLU B 118 -21.37 -45.92 -11.22
C GLU B 118 -21.78 -47.04 -10.23
N ASP B 119 -21.78 -46.72 -8.94
CA ASP B 119 -22.30 -47.60 -7.91
C ASP B 119 -23.81 -47.38 -7.80
N LYS B 120 -24.58 -48.36 -8.25
CA LYS B 120 -26.05 -48.23 -8.31
C LYS B 120 -26.63 -47.70 -7.00
N GLN B 121 -26.20 -48.27 -5.89
CA GLN B 121 -26.70 -47.88 -4.59
C GLN B 121 -26.48 -46.38 -4.36
N GLN B 122 -25.26 -45.91 -4.64
CA GLN B 122 -24.93 -44.51 -4.47
C GLN B 122 -25.81 -43.61 -5.34
N VAL B 123 -26.13 -44.08 -6.54
CA VAL B 123 -27.02 -43.36 -7.43
C VAL B 123 -28.43 -43.20 -6.85
N PHE B 124 -28.99 -44.25 -6.25
CA PHE B 124 -30.31 -44.14 -5.59
C PHE B 124 -30.26 -43.21 -4.37
N GLU B 125 -29.13 -43.20 -3.66
CA GLU B 125 -28.98 -42.40 -2.45
C GLU B 125 -28.94 -40.93 -2.80
N TRP B 126 -28.29 -40.65 -3.93
CA TRP B 126 -28.19 -39.26 -4.38
C TRP B 126 -29.59 -38.79 -4.76
N LYS B 127 -30.38 -39.66 -5.40
CA LYS B 127 -31.73 -39.30 -5.75
C LYS B 127 -32.51 -38.95 -4.49
N ASP B 128 -32.38 -39.79 -3.47
CA ASP B 128 -33.09 -39.56 -2.21
C ASP B 128 -32.57 -38.34 -1.46
N LEU B 129 -31.25 -38.15 -1.46
CA LEU B 129 -30.72 -36.91 -0.89
C LEU B 129 -31.30 -35.70 -1.59
N VAL B 130 -31.31 -35.72 -2.93
CA VAL B 130 -31.81 -34.55 -3.64
C VAL B 130 -33.29 -34.26 -3.33
N SER B 131 -34.10 -35.31 -3.35
CA SER B 131 -35.54 -35.19 -3.08
C SER B 131 -35.76 -34.61 -1.71
N SER B 132 -35.01 -35.19 -0.78
CA SER B 132 -35.08 -34.81 0.60
C SER B 132 -34.70 -33.31 0.82
N LEU B 133 -33.58 -32.84 0.27
CA LEU B 133 -33.28 -31.41 0.47
C LEU B 133 -34.29 -30.52 -0.24
N ALA B 134 -34.73 -30.95 -1.42
CA ALA B 134 -35.65 -30.11 -2.14
C ALA B 134 -36.98 -29.98 -1.39
N ARG B 135 -37.46 -31.06 -0.80
CA ARG B 135 -38.73 -30.99 -0.02
C ARG B 135 -38.56 -30.18 1.26
N ARG B 136 -37.42 -30.39 1.92
CA ARG B 136 -37.10 -29.61 3.12
C ARG B 136 -37.22 -28.10 2.82
N TYR B 137 -36.56 -27.65 1.76
CA TYR B 137 -36.61 -26.22 1.45
C TYR B 137 -37.95 -25.78 0.84
N ILE B 138 -38.67 -26.72 0.23
CA ILE B 138 -40.04 -26.40 -0.13
C ILE B 138 -40.87 -26.12 1.16
N GLY B 139 -40.65 -26.95 2.18
CA GLY B 139 -41.29 -26.75 3.48
C GLY B 139 -40.84 -25.45 4.13
N ARG B 140 -39.55 -25.19 4.09
CA ARG B 140 -38.98 -24.05 4.75
C ARG B 140 -39.35 -22.76 4.06
N TYR B 141 -39.31 -22.72 2.74
CA TYR B 141 -39.56 -21.45 2.08
C TYR B 141 -40.81 -21.38 1.22
N GLY B 142 -41.47 -22.52 0.98
CA GLY B 142 -42.61 -22.52 0.08
C GLY B 142 -42.23 -22.89 -1.35
N LEU B 143 -43.12 -23.60 -2.02
CA LEU B 143 -42.87 -24.13 -3.34
C LEU B 143 -42.64 -23.02 -4.34
N ALA B 144 -43.44 -21.95 -4.28
CA ALA B 144 -43.30 -20.82 -5.19
C ALA B 144 -41.92 -20.15 -5.12
N HIS B 145 -41.31 -20.11 -3.94
CA HIS B 145 -39.93 -19.63 -3.81
C HIS B 145 -38.90 -20.62 -4.42
N VAL B 146 -38.94 -21.89 -4.00
CA VAL B 146 -37.96 -22.88 -4.46
C VAL B 146 -38.02 -23.19 -5.99
N SER B 147 -39.16 -22.98 -6.63
CA SER B 147 -39.30 -23.13 -8.08
C SER B 147 -38.61 -22.03 -8.85
N LYS B 148 -38.16 -20.99 -8.17
CA LYS B 148 -37.43 -19.93 -8.85
C LYS B 148 -35.97 -20.28 -8.97
N TRP B 149 -35.53 -21.25 -8.19
CA TRP B 149 -34.11 -21.55 -8.07
C TRP B 149 -33.62 -22.24 -9.33
N ASN B 150 -32.46 -21.84 -9.80
CA ASN B 150 -31.73 -22.63 -10.78
C ASN B 150 -30.91 -23.74 -10.14
N PHE B 151 -31.49 -24.92 -9.99
CA PHE B 151 -30.69 -26.07 -9.65
C PHE B 151 -29.82 -26.40 -10.86
N GLU B 152 -28.62 -26.93 -10.61
CA GLU B 152 -27.65 -27.06 -11.67
C GLU B 152 -26.71 -28.21 -11.36
N THR B 153 -26.08 -28.77 -12.38
CA THR B 153 -25.18 -29.87 -12.16
C THR B 153 -23.92 -29.36 -11.47
N TRP B 154 -23.14 -30.30 -10.93
CA TRP B 154 -21.76 -30.12 -10.50
C TRP B 154 -20.98 -29.15 -11.40
N ASN B 155 -20.28 -28.18 -10.83
CA ASN B 155 -19.59 -27.18 -11.65
C ASN B 155 -18.52 -27.81 -12.53
N GLU B 156 -18.44 -27.39 -13.79
CA GLU B 156 -17.34 -27.75 -14.71
C GLU B 156 -16.89 -29.21 -14.67
N PRO B 157 -17.80 -30.13 -15.02
CA PRO B 157 -17.54 -31.57 -14.98
C PRO B 157 -16.40 -31.99 -15.91
N ASP B 158 -16.06 -31.15 -16.89
CA ASP B 158 -14.90 -31.43 -17.72
C ASP B 158 -13.60 -30.89 -17.17
N HIS B 159 -13.62 -30.27 -15.99
CA HIS B 159 -12.38 -29.79 -15.38
C HIS B 159 -11.89 -30.64 -14.20
N HIS B 160 -12.33 -31.90 -14.15
CA HIS B 160 -11.84 -32.89 -13.18
C HIS B 160 -11.76 -32.36 -11.76
N ASP B 161 -12.83 -31.75 -11.30
CA ASP B 161 -12.78 -31.09 -10.03
C ASP B 161 -13.78 -31.73 -9.08
N PHE B 162 -13.61 -33.03 -8.83
CA PHE B 162 -14.60 -33.82 -8.11
C PHE B 162 -14.15 -34.29 -6.72
N ASP B 163 -13.07 -33.70 -6.24
CA ASP B 163 -12.45 -34.08 -4.98
C ASP B 163 -12.26 -35.60 -4.97
N ASN B 164 -12.89 -36.31 -4.04
CA ASN B 164 -12.69 -37.76 -3.98
C ASN B 164 -13.80 -38.55 -4.68
N VAL B 165 -14.73 -37.83 -5.31
CA VAL B 165 -15.80 -38.46 -6.01
C VAL B 165 -15.29 -38.95 -7.35
N SER B 166 -15.55 -40.21 -7.64
CA SER B 166 -15.28 -40.74 -8.94
C SER B 166 -16.46 -40.36 -9.87
N MET B 167 -16.18 -39.52 -10.87
CA MET B 167 -17.24 -39.09 -11.78
C MET B 167 -16.85 -39.30 -13.24
N THR B 168 -17.11 -40.51 -13.73
CA THR B 168 -16.84 -40.84 -15.11
C THR B 168 -17.97 -40.32 -15.98
N MET B 169 -17.82 -40.55 -17.27
CA MET B 169 -18.77 -40.14 -18.27
C MET B 169 -20.13 -40.75 -17.97
N GLN B 170 -20.18 -42.07 -17.79
CA GLN B 170 -21.41 -42.78 -17.49
C GLN B 170 -21.92 -42.39 -16.11
N GLY B 171 -21.02 -42.26 -15.14
CA GLY B 171 -21.39 -41.80 -13.78
C GLY B 171 -22.05 -40.42 -13.77
N PHE B 172 -21.55 -39.54 -14.64
CA PHE B 172 -22.10 -38.20 -14.72
C PHE B 172 -23.57 -38.24 -15.23
N LEU B 173 -23.84 -39.13 -16.18
CA LEU B 173 -25.19 -39.34 -16.67
C LEU B 173 -26.08 -39.91 -15.56
N ASN B 174 -25.55 -40.84 -14.78
CA ASN B 174 -26.31 -41.39 -13.67
C ASN B 174 -26.61 -40.31 -12.62
N TYR B 175 -25.55 -39.59 -12.26
CA TYR B 175 -25.65 -38.44 -11.38
C TYR B 175 -26.75 -37.51 -11.87
N TYR B 176 -26.73 -37.19 -13.16
CA TYR B 176 -27.72 -36.25 -13.69
C TYR B 176 -29.15 -36.78 -13.50
N ASP B 177 -29.36 -38.06 -13.81
CA ASP B 177 -30.69 -38.65 -13.70
C ASP B 177 -31.15 -38.64 -12.22
N ALA B 178 -30.26 -39.01 -11.30
CA ALA B 178 -30.53 -38.87 -9.86
C ALA B 178 -30.95 -37.46 -9.50
N CYS B 179 -30.18 -36.47 -9.97
CA CYS B 179 -30.55 -35.06 -9.71
C CYS B 179 -31.94 -34.82 -10.23
N SER B 180 -32.16 -35.18 -11.49
CA SER B 180 -33.40 -34.85 -12.16
C SER B 180 -34.63 -35.52 -11.56
N GLU B 181 -34.49 -36.81 -11.25
CA GLU B 181 -35.60 -37.57 -10.61
C GLU B 181 -35.83 -37.12 -9.14
N GLY B 182 -34.74 -36.83 -8.45
CA GLY B 182 -34.83 -36.37 -7.08
C GLY B 182 -35.56 -35.05 -7.02
N LEU B 183 -35.23 -34.11 -7.90
CA LEU B 183 -35.99 -32.85 -7.89
C LEU B 183 -37.45 -33.08 -8.25
N ARG B 184 -37.69 -33.98 -9.21
CA ARG B 184 -39.05 -34.30 -9.66
C ARG B 184 -39.84 -34.95 -8.52
N ALA B 185 -39.19 -35.79 -7.73
CA ALA B 185 -39.84 -36.37 -6.56
C ALA B 185 -40.31 -35.28 -5.55
N ALA B 186 -39.61 -34.15 -5.53
CA ALA B 186 -39.99 -33.07 -4.63
C ALA B 186 -41.12 -32.30 -5.26
N SER B 187 -40.91 -31.86 -6.49
CA SER B 187 -41.99 -31.30 -7.28
C SER B 187 -41.55 -31.20 -8.74
N PRO B 188 -42.49 -31.44 -9.69
CA PRO B 188 -42.19 -31.29 -11.12
C PRO B 188 -41.93 -29.85 -11.53
N ALA B 189 -42.28 -28.89 -10.67
CA ALA B 189 -42.09 -27.49 -11.01
C ALA B 189 -40.63 -27.04 -10.79
N LEU B 190 -39.85 -27.81 -10.03
CA LEU B 190 -38.47 -27.40 -9.81
C LEU B 190 -37.72 -27.46 -11.14
N ARG B 191 -36.80 -26.52 -11.34
CA ARG B 191 -36.07 -26.36 -12.58
C ARG B 191 -34.63 -26.91 -12.48
N LEU B 192 -34.14 -27.56 -13.54
CA LEU B 192 -32.76 -28.11 -13.54
C LEU B 192 -32.00 -27.94 -14.87
N GLY B 193 -30.74 -27.52 -14.82
CA GLY B 193 -29.92 -27.35 -16.03
C GLY B 193 -28.49 -27.75 -15.82
N GLY B 194 -27.65 -27.54 -16.85
CA GLY B 194 -26.26 -27.96 -16.81
C GLY B 194 -25.72 -27.85 -18.21
N PRO B 195 -24.45 -28.20 -18.44
CA PRO B 195 -23.49 -28.78 -17.51
C PRO B 195 -22.63 -27.73 -16.81
N GLY B 196 -22.77 -26.46 -17.16
CA GLY B 196 -21.91 -25.42 -16.57
C GLY B 196 -20.44 -25.60 -16.92
N ASP B 197 -20.14 -25.75 -18.21
CA ASP B 197 -18.76 -25.88 -18.66
C ASP B 197 -18.59 -25.24 -20.04
N SER B 198 -17.43 -25.44 -20.64
CA SER B 198 -16.94 -24.67 -21.80
C SER B 198 -17.45 -25.05 -23.17
N PHE B 199 -17.70 -26.34 -23.38
CA PHE B 199 -18.14 -26.81 -24.71
C PHE B 199 -17.07 -26.55 -25.78
N HIS B 200 -15.87 -27.05 -25.52
CA HIS B 200 -14.81 -26.98 -26.52
C HIS B 200 -15.04 -28.05 -27.57
N THR B 201 -14.39 -27.88 -28.71
CA THR B 201 -14.51 -28.84 -29.81
C THR B 201 -14.21 -30.32 -29.43
N PRO B 202 -15.18 -31.22 -29.67
CA PRO B 202 -14.87 -32.64 -29.51
C PRO B 202 -13.52 -32.98 -30.16
N PRO B 203 -12.72 -33.89 -29.56
CA PRO B 203 -12.91 -34.76 -28.39
C PRO B 203 -12.98 -34.04 -27.05
N ARG B 204 -12.79 -32.72 -27.04
CA ARG B 204 -12.84 -32.01 -25.77
C ARG B 204 -14.27 -31.92 -25.19
N SER B 205 -14.38 -31.48 -23.93
CA SER B 205 -15.64 -31.37 -23.20
C SER B 205 -16.56 -32.59 -23.32
N PRO B 206 -16.02 -33.81 -23.12
CA PRO B 206 -16.83 -35.02 -23.38
C PRO B 206 -18.05 -35.16 -22.44
N LEU B 207 -17.91 -34.81 -21.17
CA LEU B 207 -19.07 -34.86 -20.26
C LEU B 207 -20.13 -33.80 -20.61
N SER B 208 -19.69 -32.63 -21.08
CA SER B 208 -20.63 -31.58 -21.48
C SER B 208 -21.46 -31.99 -22.71
N TRP B 209 -20.80 -32.37 -23.80
CA TRP B 209 -21.51 -32.79 -24.99
C TRP B 209 -22.31 -34.06 -24.65
N GLY B 210 -21.72 -34.90 -23.82
CA GLY B 210 -22.30 -36.19 -23.43
C GLY B 210 -23.61 -36.04 -22.67
N LEU B 211 -23.69 -35.04 -21.78
CA LEU B 211 -24.94 -34.74 -21.07
C LEU B 211 -26.03 -34.37 -22.08
N LEU B 212 -25.67 -33.55 -23.06
CA LEU B 212 -26.64 -33.11 -24.06
C LEU B 212 -27.20 -34.30 -24.85
N ARG B 213 -26.34 -35.26 -25.17
CA ARG B 213 -26.71 -36.37 -26.02
C ARG B 213 -27.58 -37.27 -25.17
N HIS B 214 -27.19 -37.41 -23.92
CA HIS B 214 -27.93 -38.25 -23.00
C HIS B 214 -29.35 -37.72 -22.83
N CYS B 215 -29.48 -36.42 -22.54
CA CYS B 215 -30.81 -35.85 -22.37
C CYS B 215 -31.63 -35.84 -23.68
N HIS B 216 -30.95 -35.72 -24.82
CA HIS B 216 -31.64 -35.59 -26.07
C HIS B 216 -32.12 -36.95 -26.49
N ASP B 217 -31.25 -37.95 -26.35
CA ASP B 217 -31.46 -39.26 -26.96
C ASP B 217 -31.27 -40.48 -26.06
N GLY B 218 -30.63 -40.32 -24.90
CA GLY B 218 -30.35 -41.46 -24.05
C GLY B 218 -31.52 -41.90 -23.18
N THR B 219 -31.30 -42.88 -22.31
CA THR B 219 -32.42 -43.31 -21.46
C THR B 219 -32.16 -42.99 -19.99
N ASN B 220 -33.25 -42.69 -19.29
CA ASN B 220 -33.27 -42.33 -17.90
C ASN B 220 -32.91 -43.52 -17.02
N PHE B 221 -31.85 -43.39 -16.23
CA PHE B 221 -31.43 -44.40 -15.25
C PHE B 221 -32.58 -44.95 -14.41
N PHE B 222 -33.52 -44.14 -13.98
CA PHE B 222 -34.57 -44.66 -13.13
C PHE B 222 -35.81 -45.20 -13.85
N THR B 223 -36.14 -44.65 -15.01
CA THR B 223 -37.40 -45.00 -15.63
C THR B 223 -37.26 -45.77 -16.93
N GLY B 224 -36.05 -45.82 -17.49
CA GLY B 224 -35.80 -46.44 -18.79
C GLY B 224 -36.37 -45.66 -20.00
N GLU B 225 -37.03 -44.53 -19.77
CA GLU B 225 -37.60 -43.75 -20.86
C GLU B 225 -36.56 -43.02 -21.68
N ALA B 226 -36.91 -42.73 -22.93
CA ALA B 226 -36.00 -42.07 -23.84
C ALA B 226 -36.08 -40.57 -23.66
N GLY B 227 -34.92 -39.93 -23.49
CA GLY B 227 -34.88 -38.47 -23.27
C GLY B 227 -35.00 -38.12 -21.80
N VAL B 228 -34.27 -37.08 -21.37
CA VAL B 228 -34.33 -36.61 -19.98
C VAL B 228 -34.47 -35.09 -19.97
N ARG B 229 -35.32 -34.62 -19.08
CA ARG B 229 -35.55 -33.20 -18.84
C ARG B 229 -34.21 -32.43 -18.74
N LEU B 230 -34.16 -31.24 -19.35
CA LEU B 230 -33.01 -30.36 -19.34
C LEU B 230 -33.60 -28.97 -19.54
N ASP B 231 -33.84 -28.23 -18.45
CA ASP B 231 -34.56 -26.96 -18.52
C ASP B 231 -33.74 -25.79 -19.03
N TYR B 232 -32.43 -25.82 -18.88
CA TYR B 232 -31.59 -24.86 -19.54
C TYR B 232 -30.22 -25.49 -19.70
N ILE B 233 -29.41 -24.89 -20.58
CA ILE B 233 -28.08 -25.36 -20.83
C ILE B 233 -27.14 -24.25 -20.39
N SER B 234 -26.22 -24.56 -19.46
CA SER B 234 -25.34 -23.53 -18.96
C SER B 234 -23.95 -23.76 -19.47
N LEU B 235 -23.32 -22.72 -19.94
CA LEU B 235 -21.95 -22.80 -20.40
C LEU B 235 -21.07 -21.77 -19.65
N HIS B 236 -19.75 -21.92 -19.75
CA HIS B 236 -18.84 -20.88 -19.24
C HIS B 236 -17.96 -20.42 -20.38
N ARG B 237 -17.97 -19.11 -20.63
CA ARG B 237 -17.03 -18.51 -21.56
C ARG B 237 -16.56 -17.14 -21.05
N LYS B 238 -15.24 -17.01 -20.91
CA LYS B 238 -14.61 -15.82 -20.38
C LYS B 238 -13.87 -15.06 -21.48
N GLY B 239 -13.67 -13.76 -21.27
CA GLY B 239 -13.19 -12.88 -22.36
C GLY B 239 -11.71 -12.83 -22.70
N ALA B 240 -10.84 -13.33 -21.80
CA ALA B 240 -9.38 -13.05 -21.88
C ALA B 240 -9.16 -11.56 -22.14
N ARG B 241 -9.92 -10.71 -21.45
CA ARG B 241 -9.78 -9.26 -21.47
C ARG B 241 -10.54 -8.56 -22.58
N SER B 242 -11.19 -9.34 -23.42
CA SER B 242 -12.02 -8.80 -24.48
C SER B 242 -13.52 -8.96 -24.18
N SER B 243 -14.27 -7.87 -24.27
CA SER B 243 -15.69 -7.95 -24.05
C SER B 243 -16.42 -8.69 -25.17
N ILE B 244 -16.21 -8.26 -26.42
CA ILE B 244 -16.94 -8.87 -27.53
C ILE B 244 -16.62 -10.36 -27.69
N SER B 245 -15.48 -10.79 -27.14
CA SER B 245 -15.02 -12.17 -27.31
C SER B 245 -15.98 -13.15 -26.60
N ILE B 246 -16.55 -12.73 -25.48
CA ILE B 246 -17.50 -13.54 -24.73
C ILE B 246 -18.69 -13.93 -25.62
N LEU B 247 -19.29 -12.92 -26.23
CA LEU B 247 -20.43 -13.03 -27.14
C LEU B 247 -20.11 -13.85 -28.38
N GLU B 248 -18.92 -13.63 -28.95
CA GLU B 248 -18.52 -14.42 -30.13
C GLU B 248 -18.44 -15.91 -29.83
N GLN B 249 -17.83 -16.24 -28.67
CA GLN B 249 -17.66 -17.62 -28.28
C GLN B 249 -19.00 -18.26 -27.98
N GLU B 250 -19.87 -17.51 -27.30
CA GLU B 250 -21.21 -18.01 -26.98
C GLU B 250 -21.98 -18.38 -28.26
N LYS B 251 -21.84 -17.56 -29.29
CA LYS B 251 -22.53 -17.79 -30.57
C LYS B 251 -22.03 -19.06 -31.22
N VAL B 252 -20.73 -19.32 -31.14
CA VAL B 252 -20.22 -20.55 -31.74
C VAL B 252 -20.88 -21.74 -31.01
N VAL B 253 -20.82 -21.74 -29.68
CA VAL B 253 -21.43 -22.85 -28.95
C VAL B 253 -22.95 -22.98 -29.21
N ALA B 254 -23.68 -21.85 -29.22
CA ALA B 254 -25.13 -21.89 -29.38
C ALA B 254 -25.53 -22.47 -30.75
N GLN B 255 -24.84 -22.04 -31.81
CA GLN B 255 -25.04 -22.55 -33.16
C GLN B 255 -24.75 -24.04 -33.21
N GLN B 256 -23.70 -24.49 -32.56
CA GLN B 256 -23.42 -25.92 -32.58
C GLN B 256 -24.50 -26.72 -31.86
N ILE B 257 -25.00 -26.20 -30.73
CA ILE B 257 -26.09 -26.88 -29.99
C ILE B 257 -27.34 -26.90 -30.90
N ARG B 258 -27.68 -25.75 -31.46
CA ARG B 258 -28.87 -25.68 -32.30
C ARG B 258 -28.80 -26.68 -33.47
N GLN B 259 -27.67 -26.76 -34.16
CA GLN B 259 -27.52 -27.71 -35.26
C GLN B 259 -27.53 -29.16 -34.82
N LEU B 260 -26.90 -29.47 -33.69
CA LEU B 260 -26.63 -30.87 -33.35
C LEU B 260 -27.80 -31.48 -32.55
N PHE B 261 -28.61 -30.62 -31.92
CA PHE B 261 -29.67 -31.07 -31.02
C PHE B 261 -30.96 -30.32 -31.30
N PRO B 262 -31.70 -30.74 -32.32
CA PRO B 262 -32.90 -30.04 -32.72
C PRO B 262 -33.83 -29.81 -31.55
N LYS B 263 -33.86 -30.71 -30.58
CA LYS B 263 -34.84 -30.53 -29.49
C LYS B 263 -34.50 -29.41 -28.55
N PHE B 264 -33.27 -28.91 -28.62
CA PHE B 264 -32.83 -27.85 -27.72
C PHE B 264 -32.79 -26.52 -28.44
N ALA B 265 -33.39 -26.48 -29.62
CA ALA B 265 -33.45 -25.23 -30.40
C ALA B 265 -33.95 -24.04 -29.53
N ASP B 266 -34.90 -24.31 -28.63
CA ASP B 266 -35.47 -23.23 -27.80
C ASP B 266 -35.10 -23.32 -26.32
N THR B 267 -34.15 -24.20 -26.00
CA THR B 267 -33.69 -24.37 -24.63
C THR B 267 -32.85 -23.18 -24.19
N PRO B 268 -33.28 -22.48 -23.11
CA PRO B 268 -32.57 -21.30 -22.61
C PRO B 268 -31.11 -21.61 -22.39
N ILE B 269 -30.26 -20.69 -22.80
CA ILE B 269 -28.83 -20.79 -22.57
C ILE B 269 -28.38 -19.79 -21.51
N TYR B 270 -27.50 -20.25 -20.63
CA TYR B 270 -26.94 -19.41 -19.60
C TYR B 270 -25.44 -19.41 -19.78
N ASN B 271 -24.82 -18.23 -19.68
CA ASN B 271 -23.41 -18.15 -19.41
C ASN B 271 -23.28 -17.73 -17.94
N ASP B 272 -23.16 -18.71 -17.04
CA ASP B 272 -23.11 -18.37 -15.61
C ASP B 272 -21.69 -18.21 -15.04
N GLU B 273 -20.70 -18.15 -15.94
CA GLU B 273 -19.40 -17.53 -15.59
C GLU B 273 -18.84 -16.71 -16.75
N ALA B 274 -19.47 -15.57 -16.99
CA ALA B 274 -19.20 -14.71 -18.15
C ALA B 274 -18.16 -13.60 -17.85
N ASP B 275 -17.05 -13.93 -17.21
CA ASP B 275 -16.15 -12.84 -16.78
C ASP B 275 -15.17 -12.37 -17.83
N PRO B 276 -14.74 -11.10 -17.72
CA PRO B 276 -13.70 -10.55 -18.60
C PRO B 276 -12.41 -11.39 -18.65
N LEU B 277 -12.01 -11.98 -17.54
CA LEU B 277 -10.75 -12.71 -17.46
C LEU B 277 -10.81 -13.85 -16.44
N VAL B 278 -10.47 -15.07 -16.87
CA VAL B 278 -10.37 -16.23 -15.94
C VAL B 278 -9.44 -15.91 -14.75
N GLY B 279 -9.69 -16.54 -13.59
CA GLY B 279 -8.86 -16.36 -12.38
C GLY B 279 -9.24 -15.16 -11.51
N TRP B 280 -10.26 -15.33 -10.67
CA TRP B 280 -10.82 -14.24 -9.87
C TRP B 280 -9.81 -13.58 -8.95
N SER B 281 -8.82 -14.34 -8.46
CA SER B 281 -7.93 -13.86 -7.39
C SER B 281 -6.68 -13.20 -7.90
N LEU B 282 -6.48 -13.24 -9.21
CA LEU B 282 -5.35 -12.59 -9.82
C LEU B 282 -5.58 -11.09 -9.67
N PRO B 283 -4.63 -10.37 -9.05
CA PRO B 283 -4.87 -8.91 -8.94
C PRO B 283 -4.74 -8.21 -10.29
N GLN B 284 -5.68 -7.31 -10.60
CA GLN B 284 -5.64 -6.49 -11.79
C GLN B 284 -6.13 -5.11 -11.37
N PRO B 285 -5.40 -4.07 -11.77
CA PRO B 285 -5.82 -2.74 -11.36
C PRO B 285 -7.18 -2.36 -11.93
N TRP B 286 -7.52 -2.85 -13.12
CA TRP B 286 -8.84 -2.52 -13.71
C TRP B 286 -10.02 -3.16 -12.95
N ARG B 287 -9.74 -4.25 -12.21
CA ARG B 287 -10.76 -4.89 -11.36
C ARG B 287 -11.11 -4.03 -10.17
N ALA B 288 -10.27 -3.06 -9.89
CA ALA B 288 -10.40 -2.26 -8.67
C ALA B 288 -11.46 -1.17 -8.75
N ASP B 289 -11.69 -0.65 -9.95
CA ASP B 289 -12.48 0.59 -10.09
C ASP B 289 -13.53 0.58 -11.22
N VAL B 290 -13.70 1.74 -11.86
CA VAL B 290 -14.74 1.91 -12.85
C VAL B 290 -14.37 1.23 -14.17
N THR B 291 -13.09 0.92 -14.37
CA THR B 291 -12.74 0.18 -15.58
C THR B 291 -13.53 -1.12 -15.67
N TYR B 292 -13.48 -1.91 -14.60
CA TYR B 292 -14.23 -3.16 -14.50
C TYR B 292 -15.73 -2.89 -14.62
N ALA B 293 -16.23 -1.92 -13.84
CA ALA B 293 -17.65 -1.55 -13.81
C ALA B 293 -18.20 -1.20 -15.21
N ALA B 294 -17.47 -0.36 -15.95
CA ALA B 294 -17.90 0.03 -17.29
C ALA B 294 -17.85 -1.15 -18.23
N MET B 295 -16.87 -2.04 -18.07
CA MET B 295 -16.73 -3.19 -18.95
C MET B 295 -17.88 -4.20 -18.76
N VAL B 296 -18.33 -4.35 -17.53
CA VAL B 296 -19.44 -5.23 -17.24
C VAL B 296 -20.72 -4.71 -17.91
N VAL B 297 -20.90 -3.39 -17.92
CA VAL B 297 -22.06 -2.80 -18.57
C VAL B 297 -21.92 -2.95 -20.09
N LYS B 298 -20.70 -2.79 -20.60
CA LYS B 298 -20.46 -2.95 -22.02
C LYS B 298 -20.86 -4.35 -22.49
N VAL B 299 -20.43 -5.37 -21.75
CA VAL B 299 -20.74 -6.76 -22.06
C VAL B 299 -22.25 -6.98 -22.10
N ILE B 300 -22.94 -6.46 -21.09
CA ILE B 300 -24.40 -6.53 -21.05
C ILE B 300 -25.06 -5.86 -22.26
N ALA B 301 -24.64 -4.65 -22.60
CA ALA B 301 -25.17 -3.94 -23.76
C ALA B 301 -24.91 -4.72 -25.07
N GLN B 302 -23.71 -5.27 -25.25
CA GLN B 302 -23.41 -6.10 -26.44
C GLN B 302 -24.38 -7.26 -26.49
N HIS B 303 -24.59 -7.89 -25.34
CA HIS B 303 -25.54 -8.97 -25.29
C HIS B 303 -26.97 -8.59 -25.72
N GLN B 304 -27.51 -7.50 -25.16
CA GLN B 304 -28.89 -7.12 -25.48
C GLN B 304 -28.97 -6.70 -26.93
N ASN B 305 -27.99 -5.91 -27.34
CA ASN B 305 -28.03 -5.30 -28.66
C ASN B 305 -27.66 -6.18 -29.85
N LEU B 306 -26.63 -7.00 -29.70
CA LEU B 306 -26.11 -7.79 -30.79
C LEU B 306 -26.57 -9.23 -30.71
N LEU B 307 -27.31 -9.60 -29.68
CA LEU B 307 -27.71 -11.02 -29.55
C LEU B 307 -29.20 -11.21 -29.37
N LEU B 308 -29.85 -10.32 -28.64
CA LEU B 308 -31.22 -10.54 -28.25
C LEU B 308 -32.21 -9.71 -29.02
N ALA B 309 -31.91 -8.44 -29.26
CA ALA B 309 -32.91 -7.51 -29.78
C ALA B 309 -33.15 -7.66 -31.27
N ASN B 310 -32.16 -7.27 -32.07
CA ASN B 310 -32.32 -7.27 -33.51
C ASN B 310 -32.36 -8.70 -34.06
N THR B 311 -31.37 -9.48 -33.68
CA THR B 311 -30.93 -10.63 -34.48
C THR B 311 -32.00 -11.50 -35.09
N THR B 312 -31.65 -12.03 -36.25
CA THR B 312 -32.47 -13.03 -36.89
C THR B 312 -31.95 -14.44 -36.52
N SER B 313 -30.75 -14.51 -35.96
CA SER B 313 -30.28 -15.74 -35.29
C SER B 313 -31.27 -16.15 -34.16
N ALA B 314 -31.67 -15.15 -33.36
CA ALA B 314 -32.53 -15.32 -32.19
C ALA B 314 -32.14 -16.51 -31.28
N PHE B 315 -30.88 -16.57 -30.86
CA PHE B 315 -30.48 -17.61 -29.89
C PHE B 315 -31.17 -17.36 -28.55
N PRO B 316 -31.59 -18.43 -27.87
CA PRO B 316 -32.36 -18.30 -26.64
C PRO B 316 -31.44 -18.05 -25.43
N TYR B 317 -30.73 -16.93 -25.45
CA TYR B 317 -29.86 -16.53 -24.36
C TYR B 317 -30.68 -15.93 -23.22
N ALA B 318 -30.51 -16.47 -21.99
CA ALA B 318 -31.44 -16.21 -20.87
C ALA B 318 -30.82 -15.63 -19.60
N LEU B 319 -29.53 -15.89 -19.41
CA LEU B 319 -28.85 -15.51 -18.18
C LEU B 319 -27.37 -15.27 -18.42
N LEU B 320 -26.89 -14.20 -17.82
CA LEU B 320 -25.46 -13.92 -17.76
C LEU B 320 -25.03 -13.67 -16.30
N SER B 321 -24.00 -14.38 -15.84
CA SER B 321 -23.49 -14.18 -14.47
C SER B 321 -22.03 -13.76 -14.41
N ASN B 322 -21.79 -12.60 -13.81
CA ASN B 322 -20.43 -12.22 -13.43
C ASN B 322 -20.09 -12.94 -12.11
N ASP B 323 -19.09 -13.79 -12.14
CA ASP B 323 -18.78 -14.62 -10.98
C ASP B 323 -17.89 -13.86 -10.01
N ASN B 324 -18.46 -12.87 -9.33
CA ASN B 324 -17.65 -11.94 -8.55
C ASN B 324 -18.10 -11.69 -7.10
N ALA B 325 -18.66 -12.69 -6.44
CA ALA B 325 -19.03 -12.47 -5.05
C ALA B 325 -17.99 -13.01 -4.05
N PHE B 326 -16.83 -13.41 -4.57
CA PHE B 326 -15.69 -13.81 -3.76
C PHE B 326 -15.35 -12.72 -2.75
N LEU B 327 -14.79 -13.14 -1.60
CA LEU B 327 -14.22 -12.19 -0.66
C LEU B 327 -12.76 -11.90 -1.04
N SER B 328 -12.38 -10.63 -1.19
CA SER B 328 -10.99 -10.34 -1.51
C SER B 328 -10.08 -10.62 -0.29
N TYR B 329 -8.80 -10.83 -0.55
CA TYR B 329 -7.91 -11.01 0.58
C TYR B 329 -6.66 -10.17 0.51
N HIS B 330 -6.04 -9.96 1.68
CA HIS B 330 -4.77 -9.22 1.78
C HIS B 330 -3.69 -9.92 0.96
N PRO B 331 -2.91 -9.16 0.21
CA PRO B 331 -2.87 -7.69 0.14
C PRO B 331 -3.53 -7.13 -1.12
N HIS B 332 -4.67 -7.67 -1.54
CA HIS B 332 -5.34 -7.15 -2.72
C HIS B 332 -6.78 -6.76 -2.43
N PRO B 333 -6.99 -5.81 -1.52
CA PRO B 333 -8.38 -5.56 -1.15
C PRO B 333 -9.29 -5.14 -2.32
N PHE B 334 -8.77 -4.37 -3.28
CA PHE B 334 -9.57 -3.90 -4.41
C PHE B 334 -9.29 -4.63 -5.73
N ALA B 335 -8.10 -5.22 -5.86
CA ALA B 335 -7.62 -5.60 -7.17
C ALA B 335 -8.11 -6.97 -7.62
N GLN B 336 -8.94 -7.61 -6.81
CA GLN B 336 -9.49 -8.93 -7.17
C GLN B 336 -10.91 -8.87 -7.80
N ARG B 337 -11.37 -9.97 -8.37
CA ARG B 337 -12.69 -9.95 -9.05
C ARG B 337 -13.83 -10.14 -8.05
N THR B 338 -14.12 -9.06 -7.34
CA THR B 338 -15.06 -9.10 -6.26
C THR B 338 -15.94 -7.85 -6.34
N LEU B 339 -17.14 -7.94 -5.78
CA LEU B 339 -18.07 -6.80 -5.72
C LEU B 339 -17.75 -5.91 -4.52
N THR B 340 -17.23 -6.51 -3.46
CA THR B 340 -16.83 -5.71 -2.30
C THR B 340 -15.31 -5.74 -2.11
N ALA B 341 -14.80 -4.77 -1.35
CA ALA B 341 -13.38 -4.78 -1.01
C ALA B 341 -13.31 -5.03 0.50
N ARG B 342 -12.66 -6.11 0.91
CA ARG B 342 -12.65 -6.44 2.35
C ARG B 342 -11.44 -5.82 3.05
N PHE B 343 -11.69 -5.20 4.20
CA PHE B 343 -10.60 -4.91 5.14
C PHE B 343 -10.75 -5.67 6.47
N GLN B 344 -9.78 -6.53 6.74
CA GLN B 344 -9.65 -7.14 8.08
C GLN B 344 -8.75 -6.20 8.88
N VAL B 345 -9.32 -5.59 9.90
CA VAL B 345 -8.68 -4.57 10.68
C VAL B 345 -8.22 -5.25 11.97
N ASN B 346 -6.94 -5.62 12.01
CA ASN B 346 -6.43 -6.49 13.06
C ASN B 346 -5.92 -5.82 14.33
N ASN B 347 -5.97 -4.50 14.38
CA ASN B 347 -5.36 -3.78 15.47
C ASN B 347 -6.40 -3.14 16.38
N THR B 348 -7.68 -3.39 16.12
CA THR B 348 -8.72 -3.02 17.07
C THR B 348 -8.95 -4.16 18.07
N ARG B 349 -9.68 -3.89 19.16
CA ARG B 349 -9.99 -4.94 20.14
C ARG B 349 -11.48 -5.07 20.25
N PRO B 350 -12.05 -6.16 19.70
CA PRO B 350 -11.36 -7.17 18.89
C PRO B 350 -11.12 -6.78 17.43
N PRO B 351 -10.29 -7.56 16.73
CA PRO B 351 -10.10 -7.48 15.27
C PRO B 351 -11.48 -7.43 14.58
N HIS B 352 -11.64 -6.64 13.53
CA HIS B 352 -12.95 -6.55 12.88
C HIS B 352 -12.84 -6.47 11.36
N VAL B 353 -13.97 -6.66 10.68
CA VAL B 353 -14.04 -6.63 9.22
C VAL B 353 -14.91 -5.48 8.78
N GLN B 354 -14.48 -4.76 7.75
CA GLN B 354 -15.30 -3.75 7.06
C GLN B 354 -15.25 -4.08 5.59
N LEU B 355 -16.29 -3.71 4.87
CA LEU B 355 -16.31 -3.88 3.42
C LEU B 355 -16.56 -2.54 2.77
N LEU B 356 -15.93 -2.31 1.63
CA LEU B 356 -16.34 -1.21 0.76
C LEU B 356 -17.07 -1.69 -0.51
N ARG B 357 -18.04 -0.90 -0.92
CA ARG B 357 -18.75 -1.15 -2.15
C ARG B 357 -17.87 -0.75 -3.33
N LYS B 358 -17.44 -1.70 -4.16
CA LYS B 358 -16.63 -1.35 -5.33
C LYS B 358 -17.52 -0.82 -6.49
N PRO B 359 -16.93 -0.07 -7.42
CA PRO B 359 -17.74 0.55 -8.48
C PRO B 359 -18.54 -0.47 -9.31
N VAL B 360 -18.00 -1.67 -9.45
CA VAL B 360 -18.70 -2.70 -10.16
C VAL B 360 -19.99 -2.98 -9.45
N LEU B 361 -19.96 -2.99 -8.13
CA LEU B 361 -21.17 -3.29 -7.39
C LEU B 361 -22.16 -2.13 -7.59
N THR B 362 -21.64 -0.91 -7.54
CA THR B 362 -22.47 0.29 -7.69
C THR B 362 -23.11 0.31 -9.09
N ALA B 363 -22.34 -0.02 -10.12
CA ALA B 363 -22.87 -0.14 -11.48
C ALA B 363 -24.04 -1.12 -11.59
N MET B 364 -24.01 -2.23 -10.85
CA MET B 364 -25.17 -3.12 -10.80
C MET B 364 -26.43 -2.36 -10.35
N GLY B 365 -26.24 -1.29 -9.57
CA GLY B 365 -27.38 -0.44 -9.16
C GLY B 365 -27.93 0.42 -10.30
N LEU B 366 -27.04 0.93 -11.13
CA LEU B 366 -27.44 1.63 -12.35
C LEU B 366 -28.20 0.69 -13.31
N LEU B 367 -27.58 -0.44 -13.69
CA LEU B 367 -28.30 -1.45 -14.50
C LEU B 367 -29.67 -1.79 -13.97
N ALA B 368 -29.83 -1.81 -12.65
CA ALA B 368 -31.10 -2.20 -12.06
C ALA B 368 -32.23 -1.17 -12.34
N LEU B 369 -31.84 0.06 -12.72
CA LEU B 369 -32.83 1.06 -13.08
C LEU B 369 -33.49 0.78 -14.46
N LEU B 370 -32.85 0.00 -15.32
CA LEU B 370 -33.45 -0.38 -16.61
C LEU B 370 -34.80 -1.09 -16.44
N ASP B 371 -35.76 -0.71 -17.28
CA ASP B 371 -37.14 -1.23 -17.21
C ASP B 371 -37.47 -2.23 -18.33
N GLU B 372 -38.73 -2.63 -18.42
CA GLU B 372 -39.13 -3.84 -19.15
C GLU B 372 -39.21 -3.78 -20.71
N GLU B 373 -39.06 -2.59 -21.29
CA GLU B 373 -39.09 -2.44 -22.74
C GLU B 373 -37.85 -1.70 -23.21
N GLN B 374 -37.24 -2.18 -24.28
CA GLN B 374 -36.08 -1.48 -24.82
C GLN B 374 -36.51 -0.40 -25.79
N LEU B 375 -35.83 0.76 -25.73
CA LEU B 375 -36.04 1.88 -26.64
C LEU B 375 -35.04 1.85 -27.76
N TRP B 376 -35.50 2.29 -28.93
CA TRP B 376 -34.66 2.46 -30.11
C TRP B 376 -33.60 3.47 -29.76
N ALA B 377 -32.36 3.17 -30.10
CA ALA B 377 -31.27 4.11 -29.84
C ALA B 377 -30.20 3.87 -30.88
N GLU B 378 -29.41 4.90 -31.15
CA GLU B 378 -28.37 4.80 -32.14
C GLU B 378 -27.19 5.65 -31.72
N VAL B 379 -25.99 5.09 -31.84
CA VAL B 379 -24.80 5.85 -31.55
C VAL B 379 -24.13 5.97 -32.89
N SER B 380 -23.52 7.13 -33.16
CA SER B 380 -22.75 7.40 -34.36
C SER B 380 -21.62 8.36 -34.06
N GLN B 381 -20.57 8.31 -34.86
CA GLN B 381 -19.53 9.32 -34.82
C GLN B 381 -19.22 9.67 -36.27
N ALA B 382 -19.32 10.96 -36.60
CA ALA B 382 -18.91 11.46 -37.93
C ALA B 382 -19.78 10.84 -39.03
N GLY B 383 -21.05 10.59 -38.72
CA GLY B 383 -21.97 9.94 -39.64
C GLY B 383 -21.98 8.42 -39.62
N THR B 384 -20.93 7.79 -39.10
CA THR B 384 -20.88 6.32 -39.01
C THR B 384 -21.60 5.77 -37.76
N VAL B 385 -22.63 4.94 -37.98
CA VAL B 385 -23.34 4.28 -36.89
C VAL B 385 -22.43 3.24 -36.24
N LEU B 386 -22.35 3.29 -34.91
CA LEU B 386 -21.47 2.37 -34.17
C LEU B 386 -22.31 1.45 -33.29
N ASP B 387 -22.20 0.13 -33.52
CA ASP B 387 -22.85 -0.84 -32.62
C ASP B 387 -22.08 -0.94 -31.29
N SER B 388 -22.61 -1.70 -30.33
CA SER B 388 -21.99 -1.83 -29.02
C SER B 388 -20.61 -2.51 -29.03
N ASN B 389 -20.20 -3.05 -30.17
CA ASN B 389 -18.81 -3.54 -30.32
C ASN B 389 -17.85 -2.35 -30.48
N HIS B 390 -18.07 -1.30 -29.70
CA HIS B 390 -17.24 -0.08 -29.74
C HIS B 390 -17.07 0.54 -28.32
N THR B 391 -16.17 1.51 -28.18
CA THR B 391 -15.83 2.04 -26.87
C THR B 391 -16.98 2.78 -26.22
N VAL B 392 -17.95 3.21 -27.02
CA VAL B 392 -19.10 3.96 -26.50
C VAL B 392 -20.41 3.33 -26.93
N GLY B 393 -21.34 3.16 -26.01
CA GLY B 393 -22.56 2.45 -26.34
C GLY B 393 -23.68 2.89 -25.43
N VAL B 394 -24.88 2.41 -25.70
CA VAL B 394 -25.99 2.82 -24.89
C VAL B 394 -26.95 1.65 -24.74
N LEU B 395 -27.68 1.67 -23.65
CA LEU B 395 -28.81 0.81 -23.42
C LEU B 395 -29.91 1.71 -22.84
N ALA B 396 -31.07 1.72 -23.48
CA ALA B 396 -32.17 2.58 -23.05
C ALA B 396 -33.43 1.75 -22.90
N SER B 397 -34.20 2.06 -21.87
CA SER B 397 -35.43 1.33 -21.59
C SER B 397 -36.61 2.27 -21.37
N ALA B 398 -37.81 1.70 -21.45
CA ALA B 398 -39.01 2.43 -21.08
C ALA B 398 -39.87 1.58 -20.17
N HIS B 399 -40.66 2.27 -19.36
CA HIS B 399 -41.56 1.61 -18.44
C HIS B 399 -42.99 2.01 -18.72
N ARG B 400 -43.87 1.02 -18.77
CA ARG B 400 -45.31 1.27 -18.86
C ARG B 400 -45.89 1.17 -17.45
N PRO B 401 -46.60 2.23 -16.98
CA PRO B 401 -47.05 2.32 -15.59
C PRO B 401 -48.02 1.21 -15.19
N GLN B 402 -47.93 0.74 -13.95
CA GLN B 402 -48.75 -0.36 -13.43
C GLN B 402 -50.00 0.13 -12.72
N GLY B 403 -49.81 0.69 -11.52
CA GLY B 403 -50.92 1.24 -10.74
C GLY B 403 -50.80 2.74 -10.53
N PRO B 404 -51.54 3.28 -9.55
CA PRO B 404 -51.39 4.67 -9.13
C PRO B 404 -50.06 4.92 -8.42
N ALA B 405 -49.37 3.83 -8.12
CA ALA B 405 -48.06 3.84 -7.46
C ALA B 405 -46.94 4.50 -8.31
N ASP B 406 -46.86 4.07 -9.57
CA ASP B 406 -45.80 4.53 -10.44
C ASP B 406 -46.31 5.31 -11.64
N ALA B 407 -45.38 5.70 -12.51
CA ALA B 407 -45.71 6.35 -13.74
C ALA B 407 -44.63 6.01 -14.78
N TRP B 408 -44.65 6.70 -15.90
CA TRP B 408 -43.81 6.36 -17.01
C TRP B 408 -42.38 6.75 -16.73
N ARG B 409 -41.40 5.92 -17.13
CA ARG B 409 -39.97 6.30 -17.05
C ARG B 409 -39.19 5.90 -18.28
N ALA B 410 -38.09 6.62 -18.51
CA ALA B 410 -37.02 6.16 -19.38
C ALA B 410 -35.72 6.03 -18.57
N ALA B 411 -35.00 4.91 -18.75
CA ALA B 411 -33.63 4.76 -18.26
C ALA B 411 -32.65 4.69 -19.43
N VAL B 412 -31.70 5.63 -19.49
CA VAL B 412 -30.73 5.69 -20.58
C VAL B 412 -29.32 5.54 -20.02
N LEU B 413 -28.70 4.38 -20.26
CA LEU B 413 -27.43 4.10 -19.62
C LEU B 413 -26.39 4.08 -20.70
N ILE B 414 -25.43 4.99 -20.60
CA ILE B 414 -24.37 5.15 -21.58
C ILE B 414 -23.03 4.72 -20.98
N TYR B 415 -22.23 4.00 -21.75
CA TYR B 415 -20.92 3.61 -21.24
C TYR B 415 -19.85 4.11 -22.15
N ALA B 416 -18.72 4.45 -21.54
CA ALA B 416 -17.48 4.69 -22.23
C ALA B 416 -16.51 3.68 -21.64
N SER B 417 -16.05 2.72 -22.43
CA SER B 417 -15.19 1.66 -21.91
C SER B 417 -14.33 1.07 -22.98
N ASP B 418 -13.02 0.98 -22.70
CA ASP B 418 -12.11 0.31 -23.60
C ASP B 418 -11.69 -1.02 -22.99
N ASP B 419 -12.67 -1.80 -22.56
CA ASP B 419 -12.45 -3.13 -21.99
C ASP B 419 -11.61 -3.06 -20.71
N THR B 420 -10.46 -3.72 -20.65
CA THR B 420 -9.67 -3.66 -19.43
C THR B 420 -8.68 -2.46 -19.40
N ARG B 421 -8.65 -1.66 -20.46
CA ARG B 421 -7.75 -0.50 -20.54
C ARG B 421 -8.46 0.79 -20.12
N ALA B 422 -7.85 1.51 -19.17
CA ALA B 422 -8.32 2.86 -18.82
C ALA B 422 -7.47 3.86 -19.62
N HIS B 423 -7.98 5.07 -19.78
CA HIS B 423 -7.24 6.15 -20.47
C HIS B 423 -7.42 7.45 -19.68
N PRO B 424 -6.61 7.61 -18.63
CA PRO B 424 -6.82 8.68 -17.65
C PRO B 424 -6.72 10.06 -18.30
N ASN B 425 -6.00 10.14 -19.41
CA ASN B 425 -5.89 11.41 -20.15
C ASN B 425 -6.99 11.79 -21.15
N ARG B 426 -7.72 10.81 -21.70
CA ARG B 426 -8.71 11.10 -22.75
C ARG B 426 -10.04 11.62 -22.22
N SER B 427 -10.77 12.28 -23.11
CA SER B 427 -12.10 12.76 -22.76
C SER B 427 -13.04 12.45 -23.93
N VAL B 428 -14.22 11.92 -23.67
CA VAL B 428 -15.04 11.56 -24.79
C VAL B 428 -16.26 12.46 -24.86
N ALA B 429 -16.28 13.29 -25.91
CA ALA B 429 -17.32 14.26 -26.13
C ALA B 429 -18.56 13.55 -26.67
N VAL B 430 -19.69 13.71 -25.98
CA VAL B 430 -20.89 13.00 -26.36
C VAL B 430 -22.05 13.97 -26.42
N THR B 431 -22.89 13.83 -27.44
CA THR B 431 -24.13 14.59 -27.47
C THR B 431 -25.33 13.67 -27.45
N LEU B 432 -26.10 13.78 -26.40
CA LEU B 432 -27.26 12.94 -26.23
C LEU B 432 -28.52 13.65 -26.71
N ARG B 433 -29.17 13.11 -27.73
CA ARG B 433 -30.46 13.67 -28.15
C ARG B 433 -31.56 12.71 -27.81
N LEU B 434 -32.25 12.99 -26.70
CA LEU B 434 -33.46 12.27 -26.36
C LEU B 434 -34.67 12.98 -26.99
N ARG B 435 -35.52 12.19 -27.65
CA ARG B 435 -36.70 12.66 -28.35
C ARG B 435 -37.86 11.71 -28.05
N GLY B 436 -39.08 12.22 -28.17
CA GLY B 436 -40.27 11.35 -28.16
C GLY B 436 -40.88 11.01 -26.82
N VAL B 437 -40.56 11.77 -25.78
CA VAL B 437 -41.04 11.43 -24.43
C VAL B 437 -42.54 11.60 -24.34
N PRO B 438 -43.27 10.52 -24.07
CA PRO B 438 -44.71 10.68 -24.02
C PRO B 438 -45.13 11.70 -22.95
N PRO B 439 -45.80 12.77 -23.39
CA PRO B 439 -46.21 13.88 -22.55
C PRO B 439 -46.77 13.41 -21.20
N GLY B 440 -46.45 14.14 -20.14
CA GLY B 440 -47.06 13.83 -18.84
C GLY B 440 -46.72 14.76 -17.68
N PRO B 441 -47.47 14.59 -16.58
CA PRO B 441 -47.39 15.28 -15.29
C PRO B 441 -46.01 15.33 -14.63
N GLY B 442 -45.53 16.56 -14.37
CA GLY B 442 -44.28 16.78 -13.64
C GLY B 442 -43.12 15.94 -14.13
N LEU B 443 -42.74 16.14 -15.38
CA LEU B 443 -41.66 15.37 -15.97
C LEU B 443 -40.32 15.94 -15.58
N VAL B 444 -39.51 15.10 -14.95
CA VAL B 444 -38.19 15.50 -14.50
C VAL B 444 -37.09 14.51 -14.88
N TYR B 445 -35.87 15.02 -14.96
CA TYR B 445 -34.71 14.16 -15.16
C TYR B 445 -33.62 14.27 -14.08
N VAL B 446 -32.96 13.14 -13.80
CA VAL B 446 -31.84 13.06 -12.87
C VAL B 446 -30.72 12.31 -13.55
N THR B 447 -29.50 12.83 -13.44
CA THR B 447 -28.36 12.13 -13.95
C THR B 447 -27.50 11.58 -12.81
N ARG B 448 -26.76 10.52 -13.14
CA ARG B 448 -25.88 9.83 -12.20
C ARG B 448 -24.66 9.42 -13.03
N TYR B 449 -23.48 9.75 -12.55
CA TYR B 449 -22.27 9.59 -13.31
C TYR B 449 -21.19 8.92 -12.43
N LEU B 450 -20.37 8.07 -13.05
CA LEU B 450 -19.29 7.35 -12.40
C LEU B 450 -18.01 7.39 -13.22
N ASP B 451 -16.90 7.84 -12.63
CA ASP B 451 -15.59 7.61 -13.26
C ASP B 451 -14.52 7.40 -12.19
N ASN B 452 -13.27 7.20 -12.61
CA ASN B 452 -12.21 6.94 -11.66
C ASN B 452 -11.81 8.12 -10.79
N GLY B 453 -11.88 9.32 -11.35
CA GLY B 453 -11.57 10.53 -10.58
C GLY B 453 -12.51 10.80 -9.43
N LEU B 454 -13.82 10.70 -9.66
CA LEU B 454 -14.80 11.13 -8.66
C LEU B 454 -15.39 10.03 -7.78
N CYS B 455 -15.27 8.77 -8.21
CA CYS B 455 -16.03 7.65 -7.63
C CYS B 455 -15.24 6.34 -7.50
N SER B 456 -13.93 6.42 -7.27
CA SER B 456 -13.11 5.24 -7.00
C SER B 456 -12.66 5.14 -5.53
N PRO B 457 -13.38 4.34 -4.71
CA PRO B 457 -12.85 4.07 -3.37
C PRO B 457 -11.39 3.58 -3.38
N ASP B 458 -10.99 2.73 -4.32
CA ASP B 458 -9.57 2.39 -4.48
C ASP B 458 -8.71 3.66 -4.64
N GLY B 459 -9.17 4.60 -5.45
CA GLY B 459 -8.35 5.78 -5.79
C GLY B 459 -8.17 6.60 -4.53
N GLU B 460 -9.19 6.60 -3.70
CA GLU B 460 -9.19 7.29 -2.43
C GLU B 460 -8.26 6.54 -1.46
N TRP B 461 -8.43 5.23 -1.39
CA TRP B 461 -7.58 4.45 -0.54
C TRP B 461 -6.11 4.80 -0.86
N ARG B 462 -5.80 4.85 -2.14
CA ARG B 462 -4.45 5.18 -2.58
C ARG B 462 -4.01 6.62 -2.27
N ARG B 463 -4.91 7.58 -2.40
CA ARG B 463 -4.65 8.97 -2.04
C ARG B 463 -4.22 9.06 -0.57
N LEU B 464 -4.87 8.24 0.27
CA LEU B 464 -4.64 8.19 1.71
C LEU B 464 -3.36 7.46 2.07
N GLY B 465 -2.72 6.84 1.10
CA GLY B 465 -1.44 6.16 1.34
C GLY B 465 -1.54 4.65 1.49
N ARG B 466 -2.68 4.06 1.12
CA ARG B 466 -2.85 2.60 1.22
C ARG B 466 -2.73 2.09 2.67
N PRO B 467 -3.53 2.65 3.59
CA PRO B 467 -3.44 2.09 4.93
C PRO B 467 -3.98 0.65 4.98
N VAL B 468 -3.19 -0.26 5.55
CA VAL B 468 -3.58 -1.64 5.73
C VAL B 468 -4.77 -1.77 6.68
N PHE B 469 -4.79 -1.00 7.76
CA PHE B 469 -5.82 -1.11 8.76
C PHE B 469 -6.52 0.24 8.86
N PRO B 470 -7.42 0.54 7.91
CA PRO B 470 -7.87 1.93 7.88
C PRO B 470 -8.55 2.35 9.19
N THR B 471 -8.44 3.63 9.56
CA THR B 471 -9.14 4.15 10.73
C THR B 471 -10.58 4.46 10.37
N ALA B 472 -11.40 4.77 11.37
CA ALA B 472 -12.77 5.13 11.15
C ALA B 472 -12.91 6.26 10.12
N GLU B 473 -12.02 7.24 10.22
CA GLU B 473 -12.07 8.41 9.38
C GLU B 473 -11.59 8.08 7.99
N GLN B 474 -10.53 7.28 7.89
CA GLN B 474 -10.11 6.82 6.58
C GLN B 474 -11.27 6.10 5.84
N PHE B 475 -12.02 5.24 6.54
CA PHE B 475 -13.19 4.55 5.96
C PHE B 475 -14.23 5.55 5.46
N ARG B 476 -14.43 6.65 6.22
CA ARG B 476 -15.42 7.64 5.79
C ARG B 476 -15.01 8.21 4.45
N ARG B 477 -13.74 8.55 4.33
CA ARG B 477 -13.27 9.20 3.13
C ARG B 477 -13.49 8.23 1.96
N MET B 478 -12.98 7.00 2.10
CA MET B 478 -13.13 5.97 1.07
C MET B 478 -14.57 5.72 0.64
N ARG B 479 -15.47 5.61 1.60
CA ARG B 479 -16.88 5.43 1.32
C ARG B 479 -17.53 6.60 0.56
N ALA B 480 -16.99 7.81 0.73
CA ALA B 480 -17.61 8.97 0.06
C ALA B 480 -17.42 8.87 -1.45
N ALA B 481 -16.47 8.03 -1.87
CA ALA B 481 -16.27 7.78 -3.30
C ALA B 481 -17.14 6.63 -3.88
N GLU B 482 -18.01 6.02 -3.09
CA GLU B 482 -18.82 4.87 -3.58
C GLU B 482 -19.92 5.24 -4.60
N ASP B 483 -20.77 6.18 -4.22
CA ASP B 483 -21.95 6.55 -5.00
C ASP B 483 -21.60 7.39 -6.22
N PRO B 484 -22.42 7.29 -7.26
CA PRO B 484 -22.21 8.13 -8.45
C PRO B 484 -22.51 9.58 -8.11
N VAL B 485 -21.82 10.51 -8.77
CA VAL B 485 -22.18 11.93 -8.73
C VAL B 485 -23.59 12.14 -9.30
N ALA B 486 -24.56 12.52 -8.46
CA ALA B 486 -25.93 12.76 -8.93
C ALA B 486 -26.31 14.26 -9.06
N ALA B 487 -27.00 14.61 -10.13
CA ALA B 487 -27.56 15.96 -10.29
C ALA B 487 -29.01 15.96 -9.84
N ALA B 488 -29.36 16.95 -9.03
CA ALA B 488 -30.72 17.09 -8.54
C ALA B 488 -31.69 17.16 -9.70
N PRO B 489 -32.94 16.72 -9.48
CA PRO B 489 -33.96 16.69 -10.50
C PRO B 489 -34.25 18.10 -11.11
N ARG B 490 -33.96 18.26 -12.41
CA ARG B 490 -34.34 19.43 -13.22
C ARG B 490 -35.61 19.09 -13.98
N PRO B 491 -36.44 20.10 -14.32
CA PRO B 491 -37.65 19.82 -15.12
C PRO B 491 -37.30 19.46 -16.57
N LEU B 492 -38.04 18.54 -17.19
CA LEU B 492 -37.74 18.17 -18.59
C LEU B 492 -38.13 19.29 -19.56
N PRO B 493 -37.25 19.64 -20.51
CA PRO B 493 -37.62 20.65 -21.51
C PRO B 493 -38.94 20.36 -22.22
N ALA B 494 -39.55 21.40 -22.78
CA ALA B 494 -40.81 21.32 -23.51
C ALA B 494 -40.80 20.33 -24.71
N GLY B 495 -41.92 19.63 -24.88
CA GLY B 495 -42.13 18.80 -26.06
C GLY B 495 -41.44 17.45 -26.00
N GLY B 496 -41.14 17.01 -24.78
CA GLY B 496 -40.50 15.72 -24.56
C GLY B 496 -39.17 15.54 -25.28
N ARG B 497 -38.36 16.59 -25.29
CA ARG B 497 -37.00 16.48 -25.82
C ARG B 497 -35.94 16.85 -24.77
N LEU B 498 -34.74 16.29 -24.91
CA LEU B 498 -33.61 16.69 -24.08
C LEU B 498 -32.29 16.49 -24.82
N THR B 499 -31.45 17.50 -24.76
CA THR B 499 -30.10 17.41 -25.29
C THR B 499 -29.15 17.66 -24.13
N LEU B 500 -28.11 16.85 -24.02
CA LEU B 500 -27.04 17.01 -23.04
C LEU B 500 -25.73 16.80 -23.75
N ARG B 501 -24.69 17.51 -23.31
CA ARG B 501 -23.36 17.32 -23.90
C ARG B 501 -22.31 17.05 -22.82
N PRO B 502 -22.44 15.90 -22.13
CA PRO B 502 -21.42 15.60 -21.11
C PRO B 502 -20.12 15.27 -21.80
N ALA B 503 -19.00 15.50 -21.11
CA ALA B 503 -17.71 14.94 -21.48
C ALA B 503 -17.48 13.69 -20.61
N LEU B 504 -17.43 12.52 -21.24
CA LEU B 504 -17.24 11.27 -20.50
C LEU B 504 -15.77 10.96 -20.38
N ARG B 505 -15.37 10.37 -19.27
CA ARG B 505 -14.01 9.89 -19.16
C ARG B 505 -13.99 8.45 -19.61
N LEU B 506 -12.79 7.89 -19.76
CA LEU B 506 -12.62 6.54 -20.23
C LEU B 506 -11.85 5.79 -19.14
N PRO B 507 -12.55 5.03 -18.26
CA PRO B 507 -13.96 4.62 -18.26
C PRO B 507 -14.93 5.59 -17.63
N SER B 508 -16.21 5.41 -17.92
CA SER B 508 -17.26 6.08 -17.19
C SER B 508 -18.61 5.49 -17.58
N LEU B 509 -19.59 5.71 -16.74
CA LEU B 509 -20.93 5.32 -17.00
C LEU B 509 -21.78 6.56 -16.70
N LEU B 510 -22.80 6.82 -17.51
CA LEU B 510 -23.74 7.91 -17.25
C LEU B 510 -25.16 7.40 -17.34
N LEU B 511 -25.93 7.55 -16.28
CA LEU B 511 -27.32 7.17 -16.33
C LEU B 511 -28.19 8.41 -16.35
N VAL B 512 -29.00 8.54 -17.41
CA VAL B 512 -29.98 9.62 -17.46
C VAL B 512 -31.30 9.00 -17.18
N HIS B 513 -31.95 9.46 -16.13
CA HIS B 513 -33.21 8.88 -15.70
C HIS B 513 -34.31 9.93 -15.91
N VAL B 514 -35.37 9.56 -16.62
CA VAL B 514 -36.41 10.53 -16.91
C VAL B 514 -37.72 9.97 -16.45
N CYS B 515 -38.33 10.69 -15.53
CA CYS B 515 -39.49 10.20 -14.77
C CYS B 515 -40.68 11.16 -14.80
N ALA B 516 -41.85 10.59 -14.98
CA ALA B 516 -43.09 11.31 -14.81
C ALA B 516 -43.56 11.03 -13.39
N ARG B 517 -44.33 11.98 -12.83
CA ARG B 517 -44.79 11.94 -11.43
C ARG B 517 -45.99 11.05 -11.16
N PRO B 518 -45.79 9.94 -10.44
CA PRO B 518 -46.90 9.08 -10.06
C PRO B 518 -47.91 9.80 -9.15
N GLU B 519 -49.12 9.26 -9.06
CA GLU B 519 -50.16 9.89 -8.27
C GLU B 519 -49.83 9.74 -6.79
N LYS B 520 -49.96 8.53 -6.26
CA LYS B 520 -49.57 8.20 -4.89
C LYS B 520 -48.06 8.38 -4.68
N PRO B 521 -47.63 8.64 -3.43
CA PRO B 521 -46.20 8.77 -3.15
C PRO B 521 -45.55 7.43 -2.84
N PRO B 522 -44.22 7.39 -2.65
CA PRO B 522 -43.46 6.14 -2.47
C PRO B 522 -44.01 5.26 -1.35
N GLY B 523 -43.77 3.94 -1.45
CA GLY B 523 -44.23 3.00 -0.44
C GLY B 523 -43.27 2.90 0.74
N GLN B 524 -43.52 1.94 1.63
CA GLN B 524 -42.80 1.85 2.90
C GLN B 524 -41.54 1.00 2.80
N VAL B 525 -40.39 1.57 3.20
CA VAL B 525 -39.18 0.76 3.43
C VAL B 525 -39.47 -0.36 4.40
N THR B 526 -38.93 -1.55 4.14
CA THR B 526 -39.16 -2.70 5.02
C THR B 526 -37.87 -3.49 5.30
N ARG B 527 -37.91 -4.33 6.33
CA ARG B 527 -36.82 -5.25 6.63
C ARG B 527 -35.52 -4.60 7.08
N LEU B 528 -35.64 -3.46 7.73
CA LEU B 528 -34.48 -2.74 8.22
C LEU B 528 -33.75 -3.61 9.25
N ARG B 529 -32.44 -3.72 9.08
CA ARG B 529 -31.60 -4.52 10.00
C ARG B 529 -30.37 -3.70 10.33
N ALA B 530 -29.92 -3.79 11.58
CA ALA B 530 -28.72 -3.09 12.01
C ALA B 530 -27.69 -4.15 12.37
N LEU B 531 -26.54 -4.11 11.69
CA LEU B 531 -25.48 -5.10 11.86
C LEU B 531 -24.20 -4.46 12.40
N PRO B 532 -23.70 -4.92 13.55
CA PRO B 532 -22.49 -4.38 14.20
C PRO B 532 -21.18 -4.50 13.40
N LEU B 533 -20.43 -3.41 13.28
CA LEU B 533 -19.12 -3.48 12.67
C LEU B 533 -18.01 -3.50 13.72
N THR B 534 -18.04 -2.52 14.61
CA THR B 534 -17.02 -2.30 15.63
C THR B 534 -17.55 -1.16 16.48
N GLN B 535 -16.94 -0.90 17.64
CA GLN B 535 -17.42 0.18 18.48
C GLN B 535 -17.58 1.46 17.65
N GLY B 536 -18.73 2.11 17.77
CA GLY B 536 -18.99 3.40 17.07
C GLY B 536 -19.42 3.34 15.61
N GLN B 537 -19.62 2.13 15.10
CA GLN B 537 -19.91 1.88 13.69
C GLN B 537 -20.94 0.75 13.53
N LEU B 538 -21.87 0.92 12.60
CA LEU B 538 -22.79 -0.16 12.21
C LEU B 538 -23.33 -0.04 10.78
N VAL B 539 -23.84 -1.15 10.27
CA VAL B 539 -24.43 -1.19 8.95
C VAL B 539 -25.93 -1.10 9.10
N LEU B 540 -26.55 -0.23 8.31
CA LEU B 540 -28.01 -0.30 8.16
C LEU B 540 -28.35 -0.79 6.73
N VAL B 541 -29.19 -1.80 6.66
CA VAL B 541 -29.56 -2.37 5.38
C VAL B 541 -31.07 -2.61 5.38
N TRP B 542 -31.72 -2.45 4.23
CA TRP B 542 -33.16 -2.64 4.19
C TRP B 542 -33.60 -3.09 2.81
N SER B 543 -34.89 -3.40 2.71
CA SER B 543 -35.47 -3.80 1.43
C SER B 543 -36.33 -2.71 0.78
N ASP B 544 -36.34 -2.69 -0.55
CA ASP B 544 -37.17 -1.73 -1.28
C ASP B 544 -38.36 -2.40 -1.96
N GLU B 545 -38.70 -3.61 -1.54
CA GLU B 545 -39.71 -4.40 -2.24
C GLU B 545 -41.08 -3.69 -2.30
N HIS B 546 -41.42 -2.88 -1.31
CA HIS B 546 -42.74 -2.25 -1.28
C HIS B 546 -42.68 -0.77 -1.62
N VAL B 547 -41.53 -0.30 -2.07
CA VAL B 547 -41.37 1.12 -2.32
C VAL B 547 -42.06 1.60 -3.60
N GLY B 548 -42.46 0.67 -4.47
CA GLY B 548 -43.10 1.02 -5.76
C GLY B 548 -42.11 1.57 -6.79
N SER B 549 -42.19 2.87 -7.05
CA SER B 549 -41.37 3.55 -8.07
C SER B 549 -39.84 3.43 -7.91
N LYS B 550 -39.14 3.58 -9.04
CA LYS B 550 -37.67 3.59 -9.12
C LYS B 550 -37.18 5.03 -9.18
N CYS B 551 -38.11 5.97 -9.27
CA CYS B 551 -37.76 7.40 -9.31
C CYS B 551 -37.45 7.94 -7.90
N LEU B 552 -36.25 7.62 -7.42
CA LEU B 552 -35.86 7.85 -6.03
C LEU B 552 -34.58 8.62 -5.92
N TRP B 553 -34.60 9.61 -5.06
CA TRP B 553 -33.48 10.51 -4.90
C TRP B 553 -32.54 9.98 -3.81
N THR B 554 -33.14 9.56 -2.69
CA THR B 554 -32.37 9.10 -1.55
C THR B 554 -33.22 8.31 -0.56
N TYR B 555 -32.57 7.70 0.43
CA TYR B 555 -33.31 7.16 1.56
C TYR B 555 -33.02 8.02 2.79
N GLU B 556 -34.07 8.50 3.45
CA GLU B 556 -33.87 9.28 4.68
C GLU B 556 -33.74 8.37 5.87
N ILE B 557 -32.61 8.49 6.55
CA ILE B 557 -32.36 7.72 7.75
C ILE B 557 -32.49 8.60 8.98
N GLN B 558 -33.17 8.10 9.99
CA GLN B 558 -33.29 8.82 11.25
C GLN B 558 -32.90 8.00 12.45
N PHE B 559 -32.21 8.67 13.37
CA PHE B 559 -31.67 8.10 14.59
C PHE B 559 -32.37 8.71 15.82
N SER B 560 -32.90 7.86 16.69
CA SER B 560 -33.50 8.33 17.95
C SER B 560 -32.66 7.85 19.13
N GLN B 561 -32.02 8.80 19.80
CA GLN B 561 -31.18 8.47 20.93
C GLN B 561 -32.00 8.47 22.20
N ASP B 562 -31.90 7.36 22.94
CA ASP B 562 -32.70 7.16 24.14
C ASP B 562 -34.20 7.08 23.76
N GLY B 563 -35.03 7.84 24.47
CA GLY B 563 -36.46 7.87 24.17
C GLY B 563 -36.82 9.12 23.38
N LYS B 564 -35.81 9.95 23.12
CA LYS B 564 -36.01 11.24 22.47
C LYS B 564 -36.62 11.16 21.07
N ALA B 565 -36.88 12.32 20.47
CA ALA B 565 -37.36 12.42 19.10
C ALA B 565 -36.30 11.91 18.11
N TYR B 566 -36.75 11.51 16.92
CA TYR B 566 -35.84 11.10 15.86
C TYR B 566 -35.26 12.34 15.21
N THR B 567 -33.98 12.30 14.87
CA THR B 567 -33.36 13.37 14.10
C THR B 567 -32.76 12.78 12.83
N PRO B 568 -32.71 13.56 11.75
CA PRO B 568 -32.18 13.03 10.50
C PRO B 568 -30.67 12.83 10.51
N VAL B 569 -30.21 11.65 10.16
CA VAL B 569 -28.80 11.49 9.86
C VAL B 569 -28.55 12.13 8.51
N SER B 570 -27.67 13.10 8.47
CA SER B 570 -27.46 13.91 7.30
C SER B 570 -26.37 13.28 6.42
N ARG B 571 -26.72 12.96 5.19
CA ARG B 571 -25.76 12.33 4.27
C ARG B 571 -26.04 12.73 2.83
N LYS B 572 -24.99 12.74 2.02
CA LYS B 572 -25.15 12.85 0.57
C LYS B 572 -26.17 11.80 0.04
N PRO B 573 -26.96 12.19 -0.98
CA PRO B 573 -28.02 11.30 -1.50
C PRO B 573 -27.51 9.96 -2.03
N SER B 574 -28.26 8.90 -1.80
CA SER B 574 -27.87 7.57 -2.23
C SER B 574 -29.09 6.70 -2.34
N THR B 575 -29.13 5.83 -3.35
CA THR B 575 -30.25 4.91 -3.53
C THR B 575 -29.87 3.44 -3.28
N PHE B 576 -28.61 3.20 -2.90
CA PHE B 576 -28.18 1.85 -2.49
C PHE B 576 -28.82 1.50 -1.15
N ASN B 577 -29.34 0.28 -1.01
CA ASN B 577 -30.10 -0.04 0.21
C ASN B 577 -29.26 -0.46 1.42
N LEU B 578 -28.12 0.20 1.61
CA LEU B 578 -27.20 -0.07 2.71
C LEU B 578 -26.44 1.21 3.10
N PHE B 579 -26.39 1.49 4.39
CA PHE B 579 -25.65 2.65 4.89
C PHE B 579 -24.82 2.30 6.13
N VAL B 580 -23.54 2.69 6.12
CA VAL B 580 -22.71 2.53 7.29
C VAL B 580 -22.80 3.80 8.14
N PHE B 581 -23.30 3.63 9.35
CA PHE B 581 -23.37 4.73 10.32
C PHE B 581 -22.07 4.80 11.10
N SER B 582 -21.25 5.80 10.81
CA SER B 582 -20.04 6.01 11.60
C SER B 582 -19.91 7.48 12.08
N PRO B 583 -20.71 7.83 13.11
CA PRO B 583 -20.80 9.21 13.59
C PRO B 583 -19.54 9.59 14.38
N ASP B 584 -19.09 10.84 14.26
CA ASP B 584 -17.90 11.35 15.00
C ASP B 584 -17.91 11.07 16.50
N THR B 585 -19.11 11.15 17.09
CA THR B 585 -19.31 10.96 18.52
C THR B 585 -19.30 9.50 19.03
N GLY B 586 -19.02 8.53 18.16
CA GLY B 586 -19.23 7.12 18.48
C GLY B 586 -20.60 6.71 19.01
N ALA B 587 -21.56 7.64 19.02
CA ALA B 587 -22.91 7.39 19.59
C ALA B 587 -23.86 6.70 18.62
N VAL B 588 -24.20 5.44 18.90
CA VAL B 588 -24.98 4.63 17.95
C VAL B 588 -26.06 3.77 18.58
N SER B 589 -26.00 3.56 19.88
CA SER B 589 -27.09 2.87 20.59
C SER B 589 -28.35 3.73 20.57
N GLY B 590 -29.50 3.10 20.36
CA GLY B 590 -30.73 3.84 20.11
C GLY B 590 -31.59 3.09 19.11
N SER B 591 -32.49 3.80 18.45
CA SER B 591 -33.29 3.15 17.42
C SER B 591 -33.33 3.95 16.12
N TYR B 592 -33.56 3.24 15.00
CA TYR B 592 -33.45 3.79 13.65
C TYR B 592 -34.70 3.60 12.83
N ARG B 593 -34.93 4.51 11.89
CA ARG B 593 -35.97 4.30 10.92
C ARG B 593 -35.56 4.93 9.60
N VAL B 594 -36.06 4.37 8.50
CA VAL B 594 -35.68 4.82 7.17
C VAL B 594 -36.93 4.93 6.31
N ARG B 595 -36.92 5.89 5.37
CA ARG B 595 -38.01 6.02 4.41
C ARG B 595 -37.47 6.53 3.07
N ALA B 596 -38.24 6.35 2.00
CA ALA B 596 -37.81 6.77 0.67
C ALA B 596 -38.14 8.21 0.39
N LEU B 597 -37.32 8.84 -0.43
CA LEU B 597 -37.57 10.22 -0.82
C LEU B 597 -37.52 10.27 -2.36
N ASP B 598 -38.68 10.50 -2.99
CA ASP B 598 -38.75 10.51 -4.46
C ASP B 598 -38.22 11.77 -5.12
N TYR B 599 -38.37 11.88 -6.43
CA TYR B 599 -37.77 13.01 -7.16
C TYR B 599 -38.48 14.35 -6.93
N TRP B 600 -39.69 14.32 -6.43
CA TRP B 600 -40.44 15.56 -6.16
C TRP B 600 -40.54 15.77 -4.64
N ALA B 601 -39.43 15.50 -3.96
CA ALA B 601 -39.30 15.68 -2.51
C ALA B 601 -40.44 15.08 -1.69
N ARG B 602 -41.20 14.15 -2.27
CA ARG B 602 -42.20 13.42 -1.48
C ARG B 602 -41.53 12.31 -0.66
N PRO B 603 -42.01 12.10 0.57
CA PRO B 603 -41.51 11.00 1.37
C PRO B 603 -42.49 9.83 1.37
N GLY B 604 -41.97 8.62 1.53
CA GLY B 604 -42.83 7.48 1.79
C GLY B 604 -42.92 7.29 3.29
N PRO B 605 -43.76 6.35 3.73
CA PRO B 605 -43.88 6.03 5.17
C PRO B 605 -42.61 5.40 5.78
N PHE B 606 -42.31 5.72 7.05
CA PHE B 606 -41.17 5.16 7.73
C PHE B 606 -41.26 3.65 7.90
N SER B 607 -40.13 2.97 7.75
CA SER B 607 -40.04 1.58 8.16
C SER B 607 -40.47 1.47 9.63
N ASP B 608 -40.76 0.26 10.09
CA ASP B 608 -40.83 0.04 11.52
C ASP B 608 -39.50 0.52 12.09
N PRO B 609 -39.51 1.09 13.31
CA PRO B 609 -38.20 1.46 13.87
C PRO B 609 -37.41 0.21 14.25
N VAL B 610 -36.09 0.27 14.13
CA VAL B 610 -35.25 -0.85 14.55
C VAL B 610 -34.34 -0.49 15.75
N PRO B 611 -34.42 -1.28 16.83
CA PRO B 611 -33.61 -1.03 18.02
C PRO B 611 -32.17 -1.45 17.78
N TYR B 612 -31.24 -0.73 18.43
CA TYR B 612 -29.85 -1.16 18.47
C TYR B 612 -29.19 -0.77 19.79
N LEU B 613 -28.59 -1.77 20.44
CA LEU B 613 -27.88 -1.59 21.69
C LEU B 613 -26.46 -2.09 21.50
N GLU B 614 -25.51 -1.17 21.41
CA GLU B 614 -24.10 -1.55 21.25
C GLU B 614 -23.60 -2.30 22.47
N VAL B 615 -22.98 -3.46 22.22
CA VAL B 615 -22.51 -4.33 23.29
C VAL B 615 -20.98 -4.36 23.35
N PRO B 616 -20.41 -4.08 24.53
CA PRO B 616 -18.96 -4.20 24.73
C PRO B 616 -18.57 -5.66 24.98
C1 NAG C . -1.11 4.51 8.35
C2 NAG C . -1.22 3.06 7.93
C3 NAG C . -0.10 2.76 6.92
C4 NAG C . -0.07 3.71 5.74
C5 NAG C . -0.14 5.13 6.27
C6 NAG C . -0.23 6.09 5.09
C7 NAG C . -1.87 1.19 9.28
C8 NAG C . -1.53 0.34 10.47
N2 NAG C . -1.03 2.17 9.04
O3 NAG C . -0.25 1.44 6.45
O4 NAG C . 1.17 3.65 5.09
O5 NAG C . -1.21 5.30 7.18
O6 NAG C . -0.15 7.41 5.54
O7 NAG C . -2.89 0.96 8.61
C1 NAG C . 1.36 2.64 4.07
C2 NAG C . 2.52 3.07 3.17
C3 NAG C . 2.76 2.03 2.10
C4 NAG C . 3.01 0.69 2.69
C5 NAG C . 1.97 0.35 3.74
C6 NAG C . 2.54 -0.79 4.56
C7 NAG C . 2.95 5.43 2.81
C8 NAG C . 2.51 6.70 2.16
N2 NAG C . 2.20 4.34 2.58
O3 NAG C . 3.94 2.31 1.38
O4 NAG C . 2.92 -0.28 1.68
O5 NAG C . 1.69 1.41 4.64
O6 NAG C . 1.41 -1.47 5.07
O7 NAG C . 3.95 5.38 3.56
C1 BMA C . 4.17 -0.95 1.55
C2 BMA C . 3.96 -2.28 0.87
C3 BMA C . 5.28 -2.91 0.43
C4 BMA C . 6.19 -1.87 -0.27
C5 BMA C . 6.32 -0.61 0.56
C6 BMA C . 7.07 0.48 -0.16
O2 BMA C . 3.16 -2.01 -0.30
O3 BMA C . 5.00 -3.97 -0.50
O4 BMA C . 7.50 -2.42 -0.49
O5 BMA C . 5.03 -0.09 0.79
O6 BMA C . 6.30 0.91 -1.31
C1 MAN C . 7.13 1.73 -2.15
C2 MAN C . 6.45 1.96 -3.49
C3 MAN C . 6.47 0.66 -4.29
C4 MAN C . 7.90 0.20 -4.44
C5 MAN C . 8.55 0.02 -3.08
C6 MAN C . 10.01 -0.37 -3.19
O2 MAN C . 7.18 2.97 -4.17
O3 MAN C . 5.96 0.91 -5.58
O4 MAN C . 7.89 -1.02 -5.14
O5 MAN C . 8.45 1.25 -2.39
O6 MAN C . 10.70 0.63 -3.93
C1 MAN C . 4.57 0.59 -5.67
C2 MAN C . 4.36 0.24 -7.15
C3 MAN C . 4.52 1.52 -7.95
C4 MAN C . 3.47 2.50 -7.45
C5 MAN C . 3.72 2.81 -5.98
C6 MAN C . 2.71 3.82 -5.45
O2 MAN C . 3.00 -0.08 -7.35
O3 MAN C . 4.27 1.15 -9.28
O4 MAN C . 3.46 3.70 -8.17
O5 MAN C . 3.66 1.59 -5.23
O6 MAN C . 2.97 4.03 -4.07
C1 MAN C . 2.67 -1.48 -7.27
C2 MAN C . 1.26 -1.54 -7.84
C3 MAN C . 0.21 -1.02 -6.83
C4 MAN C . 0.32 -1.75 -5.48
C5 MAN C . 1.77 -1.63 -4.99
C6 MAN C . 1.96 -2.40 -3.70
O2 MAN C . 0.99 -2.86 -8.18
O3 MAN C . -1.07 -1.13 -7.40
O4 MAN C . -0.58 -1.27 -4.47
O5 MAN C . 2.72 -2.07 -5.97
O6 MAN C . 3.25 -2.06 -3.23
C1 MAN C . 12.10 0.31 -4.11
C2 MAN C . 12.92 1.58 -4.35
C3 MAN C . 12.61 2.18 -5.71
C4 MAN C . 12.82 1.11 -6.80
C5 MAN C . 12.16 -0.25 -6.46
C6 MAN C . 12.70 -1.36 -7.35
O2 MAN C . 14.29 1.30 -4.38
O3 MAN C . 13.45 3.30 -5.94
O4 MAN C . 12.33 1.62 -8.03
O5 MAN C . 12.38 -0.68 -5.11
O6 MAN C . 11.89 -2.48 -7.10
C1 MAN C . 14.90 1.39 -3.08
C2 MAN C . 16.39 1.26 -3.36
C3 MAN C . 16.74 -0.17 -3.79
C4 MAN C . 16.26 -1.16 -2.74
C5 MAN C . 14.77 -0.96 -2.56
C6 MAN C . 14.25 -1.97 -1.56
O2 MAN C . 17.11 1.64 -2.22
O3 MAN C . 18.12 -0.34 -4.02
O4 MAN C . 16.49 -2.49 -3.14
O5 MAN C . 14.47 0.40 -2.17
O6 MAN C . 12.87 -2.03 -1.79
C1 MAN C . 5.43 -5.29 -0.05
C2 MAN C . 5.54 -6.18 -1.28
C3 MAN C . 4.22 -6.07 -2.03
C4 MAN C . 3.02 -6.42 -1.15
C5 MAN C . 3.18 -5.94 0.31
C6 MAN C . 2.38 -6.78 1.29
O2 MAN C . 5.78 -7.55 -1.03
O3 MAN C . 4.23 -6.85 -3.21
O4 MAN C . 1.90 -5.76 -1.74
O5 MAN C . 4.51 -5.92 0.81
O6 MAN C . 2.10 -5.94 2.40
C1 MAN C . 6.60 -7.85 0.13
C2 MAN C . 8.10 -7.76 -0.18
C3 MAN C . 8.76 -9.12 -0.48
C4 MAN C . 7.82 -10.15 -1.14
C5 MAN C . 6.40 -10.09 -0.54
C6 MAN C . 5.96 -11.44 -0.01
O2 MAN C . 8.74 -7.13 0.92
O3 MAN C . 9.26 -9.73 0.69
O4 MAN C . 7.80 -9.96 -2.54
O5 MAN C . 6.34 -9.17 0.55
O6 MAN C . 5.18 -11.14 1.13
C1 NAG D . 39.83 -11.81 9.80
C2 NAG D . 40.83 -12.03 8.68
C3 NAG D . 40.43 -13.23 7.85
C4 NAG D . 40.05 -14.43 8.72
C5 NAG D . 39.08 -14.02 9.81
C6 NAG D . 38.67 -15.17 10.74
C7 NAG D . 41.70 -9.92 7.94
C8 NAG D . 41.63 -8.81 6.94
N2 NAG D . 40.86 -10.91 7.77
O3 NAG D . 41.52 -13.52 7.01
O4 NAG D . 39.38 -15.35 7.91
O5 NAG D . 39.68 -12.98 10.55
O6 NAG D . 39.84 -15.84 11.17
O7 NAG D . 42.48 -9.86 8.88
C1 NAG D . 40.25 -16.42 7.48
C2 NAG D . 39.33 -17.39 6.76
C3 NAG D . 40.12 -18.60 6.28
C4 NAG D . 41.39 -18.15 5.55
C5 NAG D . 42.18 -17.08 6.33
C6 NAG D . 43.35 -16.54 5.50
C7 NAG D . 37.15 -18.40 7.66
C8 NAG D . 36.89 -19.37 6.53
N2 NAG D . 38.23 -17.60 7.69
O3 NAG D . 39.34 -19.30 5.34
O4 NAG D . 42.23 -19.26 5.31
O5 NAG D . 41.30 -16.01 6.64
O6 NAG D . 44.40 -16.14 6.35
O7 NAG D . 36.37 -18.33 8.60
C1 NAG E . -5.49 -9.81 9.63
C2 NAG E . -4.40 -10.10 8.63
C3 NAG E . -4.90 -11.08 7.58
C4 NAG E . -5.48 -12.32 8.24
C5 NAG E . -6.57 -11.81 9.19
C6 NAG E . -7.30 -12.88 9.97
C7 NAG E . -2.72 -8.55 7.85
C8 NAG E . -2.40 -7.29 7.11
N2 NAG E . -4.01 -8.88 7.95
O3 NAG E . -3.83 -11.37 6.70
O4 NAG E . -6.16 -13.10 7.28
O5 NAG E . -5.96 -11.01 10.17
O6 NAG E . -6.28 -13.78 10.29
O7 NAG E . -1.82 -9.22 8.34
C1 NAG E . -5.38 -14.04 6.52
C2 NAG E . -6.32 -15.15 5.99
C3 NAG E . -5.54 -16.15 5.17
C4 NAG E . -4.81 -15.42 4.05
C5 NAG E . -3.97 -14.28 4.63
C6 NAG E . -3.37 -13.44 3.53
C7 NAG E . -8.32 -15.51 7.28
C8 NAG E . -9.01 -16.16 8.46
N2 NAG E . -7.03 -15.78 7.08
O3 NAG E . -6.44 -17.06 4.63
O4 NAG E . -3.99 -16.35 3.45
O5 NAG E . -4.80 -13.43 5.41
O6 NAG E . -4.45 -12.83 2.86
O7 NAG E . -8.95 -14.76 6.55
C1 BMA E . -3.99 -16.24 2.02
C2 BMA E . -2.60 -16.64 1.57
C3 BMA E . -2.47 -16.86 0.06
C4 BMA E . -3.64 -17.70 -0.48
C5 BMA E . -4.96 -17.12 0.01
C6 BMA E . -6.17 -17.91 -0.45
O2 BMA E . -2.28 -17.83 2.28
O3 BMA E . -1.24 -17.54 -0.21
O4 BMA E . -3.62 -17.68 -1.91
O5 BMA E . -4.98 -17.09 1.45
O6 BMA E . -6.12 -19.16 0.25
C1 MAN E . -6.86 -20.17 -0.42
C2 MAN E . -6.67 -21.47 0.35
C3 MAN E . -5.37 -22.19 -0.04
C4 MAN E . -5.20 -22.27 -1.56
C5 MAN E . -5.31 -20.88 -2.16
C6 MAN E . -5.20 -20.98 -3.68
O2 MAN E . -7.79 -22.30 0.15
O3 MAN E . -5.30 -23.49 0.52
O4 MAN E . -3.93 -22.79 -1.87
O5 MAN E . -6.55 -20.28 -1.80
O6 MAN E . -6.31 -21.76 -4.10
C1 MAN E . -6.46 -21.76 -5.54
C2 MAN E . -7.96 -21.81 -5.86
C3 MAN E . -8.54 -23.17 -5.46
C4 MAN E . -7.67 -24.26 -6.10
C5 MAN E . -6.21 -24.07 -5.71
C6 MAN E . -5.32 -25.17 -6.25
O2 MAN E . -8.21 -21.67 -7.25
O3 MAN E . -9.89 -23.26 -5.88
O4 MAN E . -8.11 -25.54 -5.71
O5 MAN E . -5.74 -22.80 -6.18
O6 MAN E . -4.01 -24.74 -6.00
C1 MAN E . -8.15 -20.31 -7.75
C2 MAN E . -8.74 -20.35 -9.17
C3 MAN E . -7.73 -20.76 -10.26
C4 MAN E . -6.31 -20.21 -10.00
C5 MAN E . -5.90 -20.39 -8.54
C6 MAN E . -4.47 -19.90 -8.26
O2 MAN E . -9.38 -19.11 -9.46
O3 MAN E . -8.19 -20.39 -11.56
O4 MAN E . -5.36 -20.83 -10.84
O5 MAN E . -6.85 -19.74 -7.72
O6 MAN E . -4.34 -19.34 -6.96
C1 MAN E . -4.02 -23.71 1.14
C2 MAN E . -3.55 -25.17 0.90
C3 MAN E . -4.39 -26.17 1.70
C4 MAN E . -4.87 -25.65 3.05
C5 MAN E . -5.09 -24.13 3.15
C6 MAN E . -5.14 -23.68 4.60
O2 MAN E . -2.17 -25.36 1.21
O3 MAN E . -3.59 -27.33 1.88
O4 MAN E . -6.12 -26.25 3.36
O5 MAN E . -4.06 -23.42 2.51
O6 MAN E . -6.21 -24.40 5.17
C1 MAN E . -0.14 -16.65 -0.54
C2 MAN E . 0.79 -17.41 -1.49
C3 MAN E . 1.48 -18.59 -0.80
C4 MAN E . 2.12 -18.14 0.51
C5 MAN E . 1.13 -17.31 1.33
C6 MAN E . 1.71 -16.88 2.68
O2 MAN E . 1.79 -16.55 -1.97
O3 MAN E . 2.46 -19.15 -1.64
O4 MAN E . 2.49 -19.30 1.23
O5 MAN E . 0.63 -16.21 0.58
O6 MAN E . 2.15 -15.55 2.62
C1 MAN E . 1.51 -16.19 -3.33
C2 MAN E . 2.84 -15.97 -4.06
C3 MAN E . 3.57 -14.91 -3.25
C4 MAN E . 2.74 -13.65 -2.96
C5 MAN E . 1.28 -13.93 -2.60
C6 MAN E . 0.39 -12.70 -2.79
O2 MAN E . 2.65 -15.64 -5.44
O3 MAN E . 4.77 -14.55 -3.89
O4 MAN E . 3.32 -12.98 -1.86
O5 MAN E . 0.75 -15.00 -3.37
O6 MAN E . -0.95 -13.07 -2.56
C1 NAG F . -9.67 -37.64 -0.11
C2 NAG F . -9.62 -36.37 0.75
C3 NAG F . -8.41 -36.29 1.69
C4 NAG F . -7.95 -37.65 2.24
C5 NAG F . -7.87 -38.61 1.06
C6 NAG F . -7.21 -39.96 1.37
C7 NAG F . -10.56 -34.31 -0.16
C8 NAG F . -10.38 -33.13 -1.10
N2 NAG F . -9.57 -35.21 -0.12
O3 NAG F . -8.72 -35.38 2.71
O4 NAG F . -6.69 -37.52 2.89
O5 NAG F . -9.19 -38.78 0.59
O6 NAG F . -8.16 -40.97 1.65
O7 NAG F . -11.58 -34.42 0.52
C1 NAG F . -6.74 -37.85 4.30
C2 NAG F . -5.36 -38.30 4.79
C3 NAG F . -5.29 -38.45 6.31
C4 NAG F . -5.96 -37.27 7.03
C5 NAG F . -7.37 -37.15 6.46
C6 NAG F . -8.23 -36.12 7.19
C7 NAG F . -4.18 -39.60 3.05
C8 NAG F . -3.87 -40.95 2.48
N2 NAG F . -4.97 -39.55 4.14
O3 NAG F . -3.95 -38.58 6.72
O4 NAG F . -5.97 -37.44 8.44
O5 NAG F . -7.24 -36.79 5.09
O6 NAG F . -7.67 -34.84 7.02
O7 NAG F . -3.72 -38.58 2.53
C1 BMA F . -5.32 -36.34 9.13
C2 BMA F . -5.87 -36.20 10.56
C3 BMA F . -5.12 -35.15 11.38
C4 BMA F . -3.60 -35.29 11.25
C5 BMA F . -3.21 -35.36 9.77
C6 BMA F . -1.70 -35.56 9.56
O2 BMA F . -5.83 -37.48 11.22
O3 BMA F . -5.53 -35.19 12.76
O4 BMA F . -2.97 -34.16 11.87
O5 BMA F . -3.90 -36.43 9.12
O6 BMA F . -1.34 -36.95 9.79
C1 MAN F . -0.87 -37.62 8.60
C2 MAN F . 0.09 -38.76 8.97
C3 MAN F . 1.47 -38.15 9.27
C4 MAN F . 1.94 -37.35 8.05
C5 MAN F . 0.94 -36.22 7.82
C6 MAN F . 1.34 -35.31 6.66
O2 MAN F . 0.28 -39.70 7.92
O3 MAN F . 2.41 -39.14 9.63
O4 MAN F . 3.25 -36.87 8.23
O5 MAN F . -0.37 -36.75 7.59
O6 MAN F . 0.83 -34.03 6.94
C1 NAG F . -0.69 -40.75 7.78
C2 NAG F . -0.62 -41.19 6.32
C3 NAG F . -1.76 -42.19 6.05
C4 NAG F . -1.72 -43.39 7.03
C5 NAG F . -1.43 -42.95 8.48
C6 NAG F . -1.02 -44.16 9.32
C7 NAG F . 0.47 -39.45 4.90
C8 NAG F . 1.84 -39.98 5.22
N2 NAG F . -0.63 -40.03 5.43
O3 NAG F . -1.70 -42.65 4.71
O4 NAG F . -2.99 -44.04 6.97
O5 NAG F . -0.46 -41.90 8.59
O6 NAG F . 0.39 -44.07 9.65
O7 NAG F . 0.40 -38.46 4.17
C1 GAL F . -3.03 -45.50 7.11
C2 GAL F . -4.31 -45.98 6.44
C3 GAL F . -4.25 -47.46 6.03
C4 GAL F . -3.36 -48.25 6.98
C5 GAL F . -1.94 -47.61 7.12
C6 GAL F . -0.83 -48.43 6.47
O2 GAL F . -5.41 -45.75 7.29
O3 GAL F . -3.74 -47.58 4.71
O4 GAL F . -3.35 -49.61 6.56
O5 GAL F . -1.92 -46.26 6.64
O6 GAL F . 0.22 -48.66 7.39
C1 FUC F . -8.59 -40.89 3.03
C2 FUC F . -10.10 -41.19 3.11
C3 FUC F . -10.56 -41.97 4.35
C4 FUC F . -9.55 -41.85 5.47
C5 FUC F . -8.22 -42.40 4.95
C6 FUC F . -7.20 -42.56 6.08
O2 FUC F . -10.53 -41.88 1.96
O3 FUC F . -11.80 -41.45 4.79
O4 FUC F . -9.44 -40.49 5.86
O5 FUC F . -7.69 -41.58 3.92
C1 NAG G . -15.96 -6.49 -33.21
C2 NAG G . -16.32 -7.59 -34.23
C3 NAG G . -15.05 -8.29 -34.69
C4 NAG G . -14.04 -7.28 -35.25
C5 NAG G . -13.84 -6.17 -34.23
C6 NAG G . -13.02 -5.00 -34.79
C7 NAG G . -18.56 -8.50 -33.84
C8 NAG G . -19.37 -9.63 -33.28
N2 NAG G . -17.24 -8.60 -33.72
O3 NAG G . -15.44 -9.25 -35.65
O4 NAG G . -12.81 -7.92 -35.54
O5 NAG G . -15.06 -5.59 -33.80
O6 NAG G . -12.74 -4.12 -33.72
O7 NAG G . -19.15 -7.55 -34.36
C1 NAG G . -12.53 -8.04 -36.96
C2 NAG G . -11.02 -8.22 -37.15
C3 NAG G . -10.63 -8.69 -38.56
C4 NAG G . -11.44 -9.95 -38.90
C5 NAG G . -12.93 -9.65 -38.80
C6 NAG G . -13.68 -10.98 -38.98
C7 NAG G . -9.73 -6.70 -35.71
C8 NAG G . -9.04 -5.36 -35.62
N2 NAG G . -10.31 -6.98 -36.88
O3 NAG G . -9.25 -8.97 -38.62
O4 NAG G . -11.09 -10.45 -40.19
O5 NAG G . -13.31 -9.08 -37.54
O6 NAG G . -15.08 -10.77 -39.02
O7 NAG G . -9.78 -7.45 -34.74
C1 NAG H . 7.67 25.64 -10.21
C2 NAG H . 6.64 26.71 -10.52
C3 NAG H . 5.88 27.02 -9.24
C4 NAG H . 5.17 25.75 -8.75
C5 NAG H . 6.25 24.69 -8.51
C6 NAG H . 5.76 23.33 -7.97
C7 NAG H . 6.90 28.27 -12.42
C8 NAG H . 7.56 29.49 -12.97
N2 NAG H . 7.22 27.89 -11.16
O3 NAG H . 4.93 28.03 -9.49
O4 NAG H . 4.40 26.05 -7.60
O5 NAG H . 6.98 24.49 -9.71
O6 NAG H . 4.80 22.71 -8.80
O7 NAG H . 6.11 27.66 -13.16
O1 TLA I . 47.22 0.30 14.15
O11 TLA I . 48.53 1.19 15.75
C1 TLA I . 47.40 0.87 15.25
C2 TLA I . 46.21 1.18 16.09
O2 TLA I . 46.07 2.58 16.19
C3 TLA I . 46.45 0.54 17.46
O3 TLA I . 46.76 1.53 18.46
C4 TLA I . 45.26 -0.32 17.76
O4 TLA I . 44.93 -0.62 18.93
O41 TLA I . 44.61 -0.74 16.79
O1 TLA J . 37.85 14.64 10.69
O11 TLA J . 37.29 16.68 10.09
C1 TLA J . 37.70 15.53 9.82
C2 TLA J . 37.99 15.19 8.38
O2 TLA J . 37.86 16.29 7.48
C3 TLA J . 37.05 14.08 7.92
O3 TLA J . 35.70 14.56 7.87
C4 TLA J . 37.53 13.56 6.59
O4 TLA J . 36.67 13.30 5.72
O41 TLA J . 38.76 13.38 6.38
O1 TLA K . 13.05 30.61 -8.66
O11 TLA K . 14.62 30.82 -10.16
C1 TLA K . 13.45 30.58 -9.85
C2 TLA K . 12.50 30.28 -10.96
O2 TLA K . 11.13 30.26 -10.52
C3 TLA K . 12.90 28.98 -11.66
O3 TLA K . 13.11 27.88 -10.77
C4 TLA K . 11.77 28.66 -12.59
O4 TLA K . 10.94 27.75 -12.28
O41 TLA K . 11.71 29.36 -13.62
C1 GOL L . 34.97 -12.90 13.47
O1 GOL L . 36.11 -13.27 14.25
C2 GOL L . 34.05 -12.12 14.42
O2 GOL L . 34.59 -10.80 14.76
C3 GOL L . 32.71 -12.04 13.69
O3 GOL L . 31.72 -11.59 14.63
P PO4 M . 26.15 -6.84 -6.85
O1 PO4 M . 24.65 -6.64 -6.65
O2 PO4 M . 26.72 -5.73 -7.72
O3 PO4 M . 26.87 -6.80 -5.52
O4 PO4 M . 26.40 -8.16 -7.54
CL CL N . 22.53 -3.55 6.86
C1 NAG O . -25.78 -30.92 13.14
C2 NAG O . -26.44 -31.14 14.50
C3 NAG O . -25.94 -30.25 15.66
C4 NAG O . -24.53 -29.65 15.52
C5 NAG O . -24.25 -29.27 14.06
C6 NAG O . -22.86 -28.63 13.85
C7 NAG O . -28.74 -32.04 14.30
C8 NAG O . -30.20 -31.71 14.07
N2 NAG O . -27.88 -31.01 14.30
O3 NAG O . -25.95 -31.00 16.86
O4 NAG O . -24.34 -28.55 16.40
O5 NAG O . -24.44 -30.43 13.26
O6 NAG O . -21.79 -29.56 13.86
O7 NAG O . -28.36 -33.20 14.47
C1 NAG P . -4.70 15.35 -20.46
C2 NAG P . -5.79 16.38 -20.12
C3 NAG P . -5.28 17.79 -20.39
C4 NAG P . -3.96 18.05 -19.67
C5 NAG P . -2.96 16.95 -20.01
C6 NAG P . -1.68 17.11 -19.19
C7 NAG P . -8.22 15.93 -20.30
C8 NAG P . -9.38 15.83 -21.24
N2 NAG P . -7.03 16.21 -20.85
O3 NAG P . -6.25 18.74 -19.98
O4 NAG P . -3.43 19.33 -20.01
O5 NAG P . -3.54 15.68 -19.71
O6 NAG P . -2.03 17.37 -17.85
O7 NAG P . -8.38 15.73 -19.09
O1 TLA Q . -29.90 -45.98 -23.33
O11 TLA Q . -28.83 -44.12 -22.71
C1 TLA Q . -28.89 -45.22 -23.33
C2 TLA Q . -27.73 -45.66 -24.17
O2 TLA Q . -26.63 -44.75 -24.05
C3 TLA Q . -28.23 -45.77 -25.62
O3 TLA Q . -28.78 -44.51 -26.04
C4 TLA Q . -27.14 -46.26 -26.56
O4 TLA Q . -26.52 -47.32 -26.28
O41 TLA Q . -26.88 -45.57 -27.57
C1 GOL R . -14.92 -1.65 -28.14
O1 GOL R . -15.38 -3.01 -28.30
C2 GOL R . -13.41 -1.54 -28.38
O2 GOL R . -13.20 -1.58 -29.80
C3 GOL R . -12.62 -2.63 -27.67
O3 GOL R . -12.34 -2.16 -26.34
P PO3 S . -30.97 -0.47 -30.52
O1 PO3 S . -31.43 -2.09 -30.48
O2 PO3 S . -32.08 0.68 -30.98
O3 PO3 S . -29.41 0.00 -30.14
P PO4 T . -7.46 -7.17 4.07
O1 PO4 T . -8.36 -7.18 5.28
O2 PO4 T . -7.05 -5.75 3.72
O3 PO4 T . -6.25 -7.97 4.45
O4 PO4 T . -8.17 -7.81 2.90
P PO4 U . -37.58 -11.65 -9.68
O1 PO4 U . -38.26 -12.58 -8.70
O2 PO4 U . -38.54 -10.56 -10.12
O3 PO4 U . -36.37 -11.02 -9.01
O4 PO4 U . -37.14 -12.41 -10.90
P PO4 V . -11.29 -23.48 -20.37
O1 PO4 V . -10.32 -23.46 -19.20
O2 PO4 V . -10.66 -22.79 -21.57
O3 PO4 V . -11.64 -24.93 -20.70
O4 PO4 V . -12.55 -22.74 -20.02
CL CL W . -12.67 -10.58 -14.56
#